data_4IKG
# 
_entry.id   4IKG 
# 
_audit_conform.dict_name       mmcif_pdbx.dic 
_audit_conform.dict_version    5.387 
_audit_conform.dict_location   http://mmcif.pdb.org/dictionaries/ascii/mmcif_pdbx.dic 
# 
loop_
_database_2.database_id 
_database_2.database_code 
_database_2.pdbx_database_accession 
_database_2.pdbx_DOI 
PDB   4IKG         pdb_00004ikg 10.2210/pdb4ikg/pdb 
RCSB  RCSB076864   ?            ?                   
WWPDB D_1000076864 ?            ?                   
# 
loop_
_pdbx_audit_revision_history.ordinal 
_pdbx_audit_revision_history.data_content_type 
_pdbx_audit_revision_history.major_revision 
_pdbx_audit_revision_history.minor_revision 
_pdbx_audit_revision_history.revision_date 
1 'Structure model' 1 0 2014-06-04 
2 'Structure model' 1 1 2024-02-28 
# 
_pdbx_audit_revision_details.ordinal             1 
_pdbx_audit_revision_details.revision_ordinal    1 
_pdbx_audit_revision_details.data_content_type   'Structure model' 
_pdbx_audit_revision_details.provider            repository 
_pdbx_audit_revision_details.type                'Initial release' 
_pdbx_audit_revision_details.description         ? 
_pdbx_audit_revision_details.details             ? 
# 
loop_
_pdbx_audit_revision_group.ordinal 
_pdbx_audit_revision_group.revision_ordinal 
_pdbx_audit_revision_group.data_content_type 
_pdbx_audit_revision_group.group 
1 2 'Structure model' 'Data collection'      
2 2 'Structure model' 'Database references'  
3 2 'Structure model' 'Derived calculations' 
# 
loop_
_pdbx_audit_revision_category.ordinal 
_pdbx_audit_revision_category.revision_ordinal 
_pdbx_audit_revision_category.data_content_type 
_pdbx_audit_revision_category.category 
1 2 'Structure model' chem_comp_atom     
2 2 'Structure model' chem_comp_bond     
3 2 'Structure model' database_2         
4 2 'Structure model' struct_ref_seq_dif 
5 2 'Structure model' struct_site        
# 
loop_
_pdbx_audit_revision_item.ordinal 
_pdbx_audit_revision_item.revision_ordinal 
_pdbx_audit_revision_item.data_content_type 
_pdbx_audit_revision_item.item 
1 2 'Structure model' '_database_2.pdbx_DOI'                
2 2 'Structure model' '_database_2.pdbx_database_accession' 
3 2 'Structure model' '_struct_ref_seq_dif.details'         
4 2 'Structure model' '_struct_site.pdbx_auth_asym_id'      
5 2 'Structure model' '_struct_site.pdbx_auth_comp_id'      
6 2 'Structure model' '_struct_site.pdbx_auth_seq_id'       
# 
_pdbx_database_status.status_code                     REL 
_pdbx_database_status.entry_id                        4IKG 
_pdbx_database_status.recvd_initial_deposition_date   2012-12-26 
_pdbx_database_status.deposit_site                    RCSB 
_pdbx_database_status.process_site                    RCSB 
_pdbx_database_status.status_code_sf                  REL 
_pdbx_database_status.status_code_mr                  ? 
_pdbx_database_status.SG_entry                        ? 
_pdbx_database_status.status_code_cs                  ? 
_pdbx_database_status.methods_development_category    ? 
_pdbx_database_status.pdb_format_compatible           Y 
_pdbx_database_status.status_code_nmr_data            ? 
# 
loop_
_audit_author.name 
_audit_author.pdbx_ordinal 
'Yang, M.' 1 
'Gao, J.'  2 
# 
_citation.id                        primary 
_citation.title                     
'Perilipin1 promotes unilocular lipid droplet formation through the activation of Fsp27 in adipocytes.' 
_citation.journal_abbrev            'Nat Commun' 
_citation.journal_volume            4 
_citation.page_first                1594 
_citation.page_last                 1594 
_citation.year                      2013 
_citation.journal_id_ASTM           ? 
_citation.country                   UK 
_citation.journal_id_ISSN           2041-1723 
_citation.journal_id_CSD            ? 
_citation.book_publisher            ? 
_citation.pdbx_database_id_PubMed   23481402 
_citation.pdbx_database_id_DOI      10.1038/ncomms2581 
# 
loop_
_citation_author.citation_id 
_citation_author.name 
_citation_author.ordinal 
_citation_author.identifier_ORCID 
primary 'Sun, Z.'  1  ? 
primary 'Gong, J.' 2  ? 
primary 'Wu, H.'   3  ? 
primary 'Xu, W.'   4  ? 
primary 'Wu, L.'   5  ? 
primary 'Xu, D.'   6  ? 
primary 'Gao, J.'  7  ? 
primary 'Wu, J.W.' 8  ? 
primary 'Yang, H.' 9  ? 
primary 'Yang, M.' 10 ? 
primary 'Li, P.'   11 ? 
# 
loop_
_entity.id 
_entity.type 
_entity.src_method 
_entity.pdbx_description 
_entity.formula_weight 
_entity.pdbx_number_of_molecules 
_entity.pdbx_ec 
_entity.pdbx_mutation 
_entity.pdbx_fragment 
_entity.details 
1 polymer     man 'Cell death activator CIDE-3' 9174.752 1  ? ? ? ? 
2 non-polymer syn 'IODIDE ION'                  126.904  5  ? ? ? ? 
3 water       nat water                         18.015   28 ? ? ? ? 
# 
_entity_name_com.entity_id   1 
_entity_name_com.name        'Cell death-inducing DFFA-like effector protein C, Fat-specific protein FSP27' 
# 
_entity_poly.entity_id                      1 
_entity_poly.type                           'polypeptide(L)' 
_entity_poly.nstd_linkage                   no 
_entity_poly.nstd_monomer                   no 
_entity_poly.pdbx_seq_one_letter_code       
;GTPRARPCRVSTADRKVRKGIMAHSLEDLLNKVQDILKLKDKPFSLVLEEDGTIVETEEYFQALAKDTMFMVLLAGAKWK
P
;
_entity_poly.pdbx_seq_one_letter_code_can   
;GTPRARPCRVSTADRKVRKGIMAHSLEDLLNKVQDILKLKDKPFSLVLEEDGTIVETEEYFQALAKDTMFMVLLAGAKWK
P
;
_entity_poly.pdbx_strand_id                 A 
_entity_poly.pdbx_target_identifier         ? 
# 
loop_
_pdbx_entity_nonpoly.entity_id 
_pdbx_entity_nonpoly.name 
_pdbx_entity_nonpoly.comp_id 
2 'IODIDE ION' IOD 
3 water        HOH 
# 
loop_
_entity_poly_seq.entity_id 
_entity_poly_seq.num 
_entity_poly_seq.mon_id 
_entity_poly_seq.hetero 
1 1  GLY n 
1 2  THR n 
1 3  PRO n 
1 4  ARG n 
1 5  ALA n 
1 6  ARG n 
1 7  PRO n 
1 8  CYS n 
1 9  ARG n 
1 10 VAL n 
1 11 SER n 
1 12 THR n 
1 13 ALA n 
1 14 ASP n 
1 15 ARG n 
1 16 LYS n 
1 17 VAL n 
1 18 ARG n 
1 19 LYS n 
1 20 GLY n 
1 21 ILE n 
1 22 MET n 
1 23 ALA n 
1 24 HIS n 
1 25 SER n 
1 26 LEU n 
1 27 GLU n 
1 28 ASP n 
1 29 LEU n 
1 30 LEU n 
1 31 ASN n 
1 32 LYS n 
1 33 VAL n 
1 34 GLN n 
1 35 ASP n 
1 36 ILE n 
1 37 LEU n 
1 38 LYS n 
1 39 LEU n 
1 40 LYS n 
1 41 ASP n 
1 42 LYS n 
1 43 PRO n 
1 44 PHE n 
1 45 SER n 
1 46 LEU n 
1 47 VAL n 
1 48 LEU n 
1 49 GLU n 
1 50 GLU n 
1 51 ASP n 
1 52 GLY n 
1 53 THR n 
1 54 ILE n 
1 55 VAL n 
1 56 GLU n 
1 57 THR n 
1 58 GLU n 
1 59 GLU n 
1 60 TYR n 
1 61 PHE n 
1 62 GLN n 
1 63 ALA n 
1 64 LEU n 
1 65 ALA n 
1 66 LYS n 
1 67 ASP n 
1 68 THR n 
1 69 MET n 
1 70 PHE n 
1 71 MET n 
1 72 VAL n 
1 73 LEU n 
1 74 LEU n 
1 75 ALA n 
1 76 GLY n 
1 77 ALA n 
1 78 LYS n 
1 79 TRP n 
1 80 LYS n 
1 81 PRO n 
# 
_entity_src_gen.entity_id                          1 
_entity_src_gen.pdbx_src_id                        1 
_entity_src_gen.pdbx_alt_source_flag               sample 
_entity_src_gen.pdbx_seq_type                      ? 
_entity_src_gen.pdbx_beg_seq_num                   ? 
_entity_src_gen.pdbx_end_seq_num                   ? 
_entity_src_gen.gene_src_common_name               mouse 
_entity_src_gen.gene_src_genus                     ? 
_entity_src_gen.pdbx_gene_src_gene                 'Cidec, Fsp27' 
_entity_src_gen.gene_src_species                   ? 
_entity_src_gen.gene_src_strain                    ? 
_entity_src_gen.gene_src_tissue                    ? 
_entity_src_gen.gene_src_tissue_fraction           ? 
_entity_src_gen.gene_src_details                   ? 
_entity_src_gen.pdbx_gene_src_fragment             ? 
_entity_src_gen.pdbx_gene_src_scientific_name      'Mus musculus' 
_entity_src_gen.pdbx_gene_src_ncbi_taxonomy_id     10090 
_entity_src_gen.pdbx_gene_src_variant              ? 
_entity_src_gen.pdbx_gene_src_cell_line            ? 
_entity_src_gen.pdbx_gene_src_atcc                 ? 
_entity_src_gen.pdbx_gene_src_organ                ? 
_entity_src_gen.pdbx_gene_src_organelle            ? 
_entity_src_gen.pdbx_gene_src_cell                 ? 
_entity_src_gen.pdbx_gene_src_cellular_location    ? 
_entity_src_gen.host_org_common_name               ? 
_entity_src_gen.pdbx_host_org_scientific_name      'Escherichia coli' 
_entity_src_gen.pdbx_host_org_ncbi_taxonomy_id     562 
_entity_src_gen.host_org_genus                     ? 
_entity_src_gen.pdbx_host_org_gene                 ? 
_entity_src_gen.pdbx_host_org_organ                ? 
_entity_src_gen.host_org_species                   ? 
_entity_src_gen.pdbx_host_org_tissue               ? 
_entity_src_gen.pdbx_host_org_tissue_fraction      ? 
_entity_src_gen.pdbx_host_org_strain               ? 
_entity_src_gen.pdbx_host_org_variant              ? 
_entity_src_gen.pdbx_host_org_cell_line            ? 
_entity_src_gen.pdbx_host_org_atcc                 ? 
_entity_src_gen.pdbx_host_org_culture_collection   ? 
_entity_src_gen.pdbx_host_org_cell                 ? 
_entity_src_gen.pdbx_host_org_organelle            ? 
_entity_src_gen.pdbx_host_org_cellular_location    ? 
_entity_src_gen.pdbx_host_org_vector_type          ? 
_entity_src_gen.pdbx_host_org_vector               ? 
_entity_src_gen.host_org_details                   ? 
_entity_src_gen.expression_system_id               ? 
_entity_src_gen.plasmid_name                       ? 
_entity_src_gen.plasmid_details                    ? 
_entity_src_gen.pdbx_description                   ? 
# 
loop_
_chem_comp.id 
_chem_comp.type 
_chem_comp.mon_nstd_flag 
_chem_comp.name 
_chem_comp.pdbx_synonyms 
_chem_comp.formula 
_chem_comp.formula_weight 
ALA 'L-peptide linking' y ALANINE         ? 'C3 H7 N O2'     89.093  
ARG 'L-peptide linking' y ARGININE        ? 'C6 H15 N4 O2 1' 175.209 
ASN 'L-peptide linking' y ASPARAGINE      ? 'C4 H8 N2 O3'    132.118 
ASP 'L-peptide linking' y 'ASPARTIC ACID' ? 'C4 H7 N O4'     133.103 
CYS 'L-peptide linking' y CYSTEINE        ? 'C3 H7 N O2 S'   121.158 
GLN 'L-peptide linking' y GLUTAMINE       ? 'C5 H10 N2 O3'   146.144 
GLU 'L-peptide linking' y 'GLUTAMIC ACID' ? 'C5 H9 N O4'     147.129 
GLY 'peptide linking'   y GLYCINE         ? 'C2 H5 N O2'     75.067  
HIS 'L-peptide linking' y HISTIDINE       ? 'C6 H10 N3 O2 1' 156.162 
HOH non-polymer         . WATER           ? 'H2 O'           18.015  
ILE 'L-peptide linking' y ISOLEUCINE      ? 'C6 H13 N O2'    131.173 
IOD non-polymer         . 'IODIDE ION'    ? 'I -1'           126.904 
LEU 'L-peptide linking' y LEUCINE         ? 'C6 H13 N O2'    131.173 
LYS 'L-peptide linking' y LYSINE          ? 'C6 H15 N2 O2 1' 147.195 
MET 'L-peptide linking' y METHIONINE      ? 'C5 H11 N O2 S'  149.211 
PHE 'L-peptide linking' y PHENYLALANINE   ? 'C9 H11 N O2'    165.189 
PRO 'L-peptide linking' y PROLINE         ? 'C5 H9 N O2'     115.130 
SER 'L-peptide linking' y SERINE          ? 'C3 H7 N O3'     105.093 
THR 'L-peptide linking' y THREONINE       ? 'C4 H9 N O3'     119.119 
TRP 'L-peptide linking' y TRYPTOPHAN      ? 'C11 H12 N2 O2'  204.225 
TYR 'L-peptide linking' y TYROSINE        ? 'C9 H11 N O3'    181.189 
VAL 'L-peptide linking' y VALINE          ? 'C5 H11 N O2'    117.146 
# 
loop_
_pdbx_poly_seq_scheme.asym_id 
_pdbx_poly_seq_scheme.entity_id 
_pdbx_poly_seq_scheme.seq_id 
_pdbx_poly_seq_scheme.mon_id 
_pdbx_poly_seq_scheme.ndb_seq_num 
_pdbx_poly_seq_scheme.pdb_seq_num 
_pdbx_poly_seq_scheme.auth_seq_num 
_pdbx_poly_seq_scheme.pdb_mon_id 
_pdbx_poly_seq_scheme.auth_mon_id 
_pdbx_poly_seq_scheme.pdb_strand_id 
_pdbx_poly_seq_scheme.pdb_ins_code 
_pdbx_poly_seq_scheme.hetero 
A 1 1  GLY 1  38  ?   ?   ?   A . n 
A 1 2  THR 2  39  ?   ?   ?   A . n 
A 1 3  PRO 3  40  ?   ?   ?   A . n 
A 1 4  ARG 4  41  41  ARG ARG A . n 
A 1 5  ALA 5  42  42  ALA ALA A . n 
A 1 6  ARG 6  43  43  ARG ARG A . n 
A 1 7  PRO 7  44  44  PRO PRO A . n 
A 1 8  CYS 8  45  45  CYS CYS A . n 
A 1 9  ARG 9  46  46  ARG ARG A . n 
A 1 10 VAL 10 47  47  VAL VAL A . n 
A 1 11 SER 11 48  48  SER SER A . n 
A 1 12 THR 12 49  49  THR THR A . n 
A 1 13 ALA 13 50  50  ALA ALA A . n 
A 1 14 ASP 14 51  51  ASP ASP A . n 
A 1 15 ARG 15 52  52  ARG ARG A . n 
A 1 16 LYS 16 53  53  LYS LYS A . n 
A 1 17 VAL 17 54  54  VAL VAL A . n 
A 1 18 ARG 18 55  55  ARG ARG A . n 
A 1 19 LYS 19 56  56  LYS LYS A . n 
A 1 20 GLY 20 57  57  GLY GLY A . n 
A 1 21 ILE 21 58  58  ILE ILE A . n 
A 1 22 MET 22 59  59  MET MET A . n 
A 1 23 ALA 23 60  60  ALA ALA A . n 
A 1 24 HIS 24 61  61  HIS HIS A . n 
A 1 25 SER 25 62  62  SER SER A . n 
A 1 26 LEU 26 63  63  LEU LEU A . n 
A 1 27 GLU 27 64  64  GLU GLU A . n 
A 1 28 ASP 28 65  65  ASP ASP A . n 
A 1 29 LEU 29 66  66  LEU LEU A . n 
A 1 30 LEU 30 67  67  LEU LEU A . n 
A 1 31 ASN 31 68  68  ASN ASN A . n 
A 1 32 LYS 32 69  69  LYS LYS A . n 
A 1 33 VAL 33 70  70  VAL VAL A . n 
A 1 34 GLN 34 71  71  GLN GLN A . n 
A 1 35 ASP 35 72  72  ASP ASP A . n 
A 1 36 ILE 36 73  73  ILE ILE A . n 
A 1 37 LEU 37 74  74  LEU LEU A . n 
A 1 38 LYS 38 75  75  LYS LYS A . n 
A 1 39 LEU 39 76  76  LEU LEU A . n 
A 1 40 LYS 40 77  77  LYS LYS A . n 
A 1 41 ASP 41 78  78  ASP ASP A . n 
A 1 42 LYS 42 79  79  LYS LYS A . n 
A 1 43 PRO 43 80  80  PRO PRO A . n 
A 1 44 PHE 44 81  81  PHE PHE A . n 
A 1 45 SER 45 82  82  SER SER A . n 
A 1 46 LEU 46 83  83  LEU LEU A . n 
A 1 47 VAL 47 84  84  VAL VAL A . n 
A 1 48 LEU 48 85  85  LEU LEU A . n 
A 1 49 GLU 49 86  86  GLU GLU A . n 
A 1 50 GLU 50 87  87  GLU GLU A . n 
A 1 51 ASP 51 88  88  ASP ASP A . n 
A 1 52 GLY 52 89  89  GLY GLY A . n 
A 1 53 THR 53 90  90  THR THR A . n 
A 1 54 ILE 54 91  91  ILE ILE A . n 
A 1 55 VAL 55 92  92  VAL VAL A . n 
A 1 56 GLU 56 93  93  GLU GLU A . n 
A 1 57 THR 57 94  94  THR THR A . n 
A 1 58 GLU 58 95  95  GLU GLU A . n 
A 1 59 GLU 59 96  96  GLU GLU A . n 
A 1 60 TYR 60 97  97  TYR TYR A . n 
A 1 61 PHE 61 98  98  PHE PHE A . n 
A 1 62 GLN 62 99  99  GLN GLN A . n 
A 1 63 ALA 63 100 100 ALA ALA A . n 
A 1 64 LEU 64 101 101 LEU LEU A . n 
A 1 65 ALA 65 102 102 ALA ALA A . n 
A 1 66 LYS 66 103 103 LYS LYS A . n 
A 1 67 ASP 67 104 104 ASP ASP A . n 
A 1 68 THR 68 105 105 THR THR A . n 
A 1 69 MET 69 106 106 MET MET A . n 
A 1 70 PHE 70 107 107 PHE PHE A . n 
A 1 71 MET 71 108 108 MET MET A . n 
A 1 72 VAL 72 109 109 VAL VAL A . n 
A 1 73 LEU 73 110 110 LEU LEU A . n 
A 1 74 LEU 74 111 111 LEU LEU A . n 
A 1 75 ALA 75 112 112 ALA ALA A . n 
A 1 76 GLY 76 113 113 GLY GLY A . n 
A 1 77 ALA 77 114 114 ALA ALA A . n 
A 1 78 LYS 78 115 115 LYS LYS A . n 
A 1 79 TRP 79 116 116 TRP TRP A . n 
A 1 80 LYS 80 117 117 LYS LYS A . n 
A 1 81 PRO 81 118 118 PRO PRO A . n 
# 
loop_
_pdbx_nonpoly_scheme.asym_id 
_pdbx_nonpoly_scheme.entity_id 
_pdbx_nonpoly_scheme.mon_id 
_pdbx_nonpoly_scheme.ndb_seq_num 
_pdbx_nonpoly_scheme.pdb_seq_num 
_pdbx_nonpoly_scheme.auth_seq_num 
_pdbx_nonpoly_scheme.pdb_mon_id 
_pdbx_nonpoly_scheme.auth_mon_id 
_pdbx_nonpoly_scheme.pdb_strand_id 
_pdbx_nonpoly_scheme.pdb_ins_code 
B 2 IOD 1  201 1  IOD IOD A . 
C 2 IOD 1  202 2  IOD IOD A . 
D 2 IOD 1  203 3  IOD IOD A . 
E 2 IOD 1  204 5  IOD IOD A . 
F 2 IOD 1  205 6  IOD IOD A . 
G 3 HOH 1  301 1  HOH HOH A . 
G 3 HOH 2  302 2  HOH HOH A . 
G 3 HOH 3  303 3  HOH HOH A . 
G 3 HOH 4  304 4  HOH HOH A . 
G 3 HOH 5  305 5  HOH HOH A . 
G 3 HOH 6  306 6  HOH HOH A . 
G 3 HOH 7  307 7  HOH HOH A . 
G 3 HOH 8  308 8  HOH HOH A . 
G 3 HOH 9  309 9  HOH HOH A . 
G 3 HOH 10 310 10 HOH HOH A . 
G 3 HOH 11 311 11 HOH HOH A . 
G 3 HOH 12 312 12 HOH HOH A . 
G 3 HOH 13 313 13 HOH HOH A . 
G 3 HOH 14 314 14 HOH HOH A . 
G 3 HOH 15 315 15 HOH HOH A . 
G 3 HOH 16 316 16 HOH HOH A . 
G 3 HOH 17 317 17 HOH HOH A . 
G 3 HOH 18 318 18 HOH HOH A . 
G 3 HOH 19 319 19 HOH HOH A . 
G 3 HOH 20 320 20 HOH HOH A . 
G 3 HOH 21 321 21 HOH HOH A . 
G 3 HOH 22 322 22 HOH HOH A . 
G 3 HOH 23 323 23 HOH HOH A . 
G 3 HOH 24 324 24 HOH HOH A . 
G 3 HOH 25 325 25 HOH HOH A . 
G 3 HOH 26 326 26 HOH HOH A . 
G 3 HOH 27 327 27 HOH HOH A . 
G 3 HOH 28 328 28 HOH HOH A . 
# 
loop_
_software.name 
_software.classification 
_software.version 
_software.citation_id 
_software.pdbx_ordinal 
HKL-2000 'data collection' .                          ? 1 
DM       'model building'  .                          ? 2 
PHENIX   refinement        '(phenix.refine: 1.6_289)' ? 3 
HKL-2000 'data reduction'  .                          ? 4 
HKL-2000 'data scaling'    .                          ? 5 
DM       phasing           .                          ? 6 
# 
_cell.entry_id           4IKG 
_cell.length_a           61.615 
_cell.length_b           61.615 
_cell.length_c           44.989 
_cell.angle_alpha        90.00 
_cell.angle_beta         90.00 
_cell.angle_gamma        120.00 
_cell.Z_PDB              6 
_cell.pdbx_unique_axis   ? 
_cell.length_a_esd       ? 
_cell.length_b_esd       ? 
_cell.length_c_esd       ? 
_cell.angle_alpha_esd    ? 
_cell.angle_beta_esd     ? 
_cell.angle_gamma_esd    ? 
# 
_symmetry.entry_id                         4IKG 
_symmetry.space_group_name_H-M             'P 65' 
_symmetry.pdbx_full_space_group_name_H-M   ? 
_symmetry.cell_setting                     ? 
_symmetry.Int_Tables_number                170 
_symmetry.space_group_name_Hall            ? 
# 
_exptl.entry_id          4IKG 
_exptl.method            'X-RAY DIFFRACTION' 
_exptl.crystals_number   1 
# 
_exptl_crystal.id                    1 
_exptl_crystal.density_meas          ? 
_exptl_crystal.density_Matthews      2.70 
_exptl_crystal.density_percent_sol   54.51 
_exptl_crystal.description           ? 
_exptl_crystal.F_000                 ? 
_exptl_crystal.preparation           ? 
# 
_exptl_crystal_grow.crystal_id      1 
_exptl_crystal_grow.method          'VAPOR DIFFUSION, HANGING DROP' 
_exptl_crystal_grow.temp            291 
_exptl_crystal_grow.temp_details    ? 
_exptl_crystal_grow.pH              8.5 
_exptl_crystal_grow.pdbx_pH_range   ? 
_exptl_crystal_grow.pdbx_details    
;0.2 M sodium acetate trihydrate, 0.1M TRIS hydrochloride pH8.5, 28% polyethylene glycol 4000, VAPOR DIFFUSION, HANGING DROP, temperature 291K
;
# 
_diffrn.id                     1 
_diffrn.ambient_temp           100 
_diffrn.ambient_temp_details   ? 
_diffrn.crystal_id             1 
# 
_diffrn_detector.diffrn_id              1 
_diffrn_detector.detector               CCD 
_diffrn_detector.type                   'MARMOSAIC 225 mm CCD' 
_diffrn_detector.pdbx_collection_date   2009-11-24 
_diffrn_detector.details                ? 
# 
_diffrn_radiation.diffrn_id                        1 
_diffrn_radiation.wavelength_id                    1 
_diffrn_radiation.pdbx_monochromatic_or_laue_m_l   M 
_diffrn_radiation.monochromator                    ? 
_diffrn_radiation.pdbx_diffrn_protocol             'SINGLE WAVELENGTH' 
_diffrn_radiation.pdbx_scattering_type             x-ray 
# 
_diffrn_radiation_wavelength.id           1 
_diffrn_radiation_wavelength.wavelength   1.5418 
_diffrn_radiation_wavelength.wt           1.0 
# 
_diffrn_source.diffrn_id                   1 
_diffrn_source.source                      SYNCHROTRON 
_diffrn_source.type                        'SSRF BEAMLINE BL17U' 
_diffrn_source.pdbx_synchrotron_site       SSRF 
_diffrn_source.pdbx_synchrotron_beamline   BL17U 
_diffrn_source.pdbx_wavelength             ? 
_diffrn_source.pdbx_wavelength_list        1.5418 
# 
_reflns.pdbx_diffrn_id               1 
_reflns.pdbx_ordinal                 1 
_reflns.entry_id                     4IKG 
_reflns.observed_criterion_sigma_I   ? 
_reflns.observed_criterion_sigma_F   ? 
_reflns.d_resolution_low             53.51 
_reflns.d_resolution_high            1.9318 
_reflns.number_obs                   12963 
_reflns.number_all                   13577 
_reflns.percent_possible_obs         ? 
_reflns.pdbx_Rmerge_I_obs            ? 
_reflns.pdbx_Rsym_value              ? 
_reflns.pdbx_netI_over_sigmaI        ? 
_reflns.B_iso_Wilson_estimate        ? 
_reflns.pdbx_redundancy              ? 
_reflns.R_free_details               ? 
_reflns.limit_h_max                  ? 
_reflns.limit_h_min                  ? 
_reflns.limit_k_max                  ? 
_reflns.limit_k_min                  ? 
_reflns.limit_l_max                  ? 
_reflns.limit_l_min                  ? 
_reflns.observed_criterion_F_max     ? 
_reflns.observed_criterion_F_min     ? 
_reflns.pdbx_chi_squared             ? 
_reflns.pdbx_scaling_rejects         ? 
# 
_refine.pdbx_refine_id                           'X-RAY DIFFRACTION' 
_refine.entry_id                                 4IKG 
_refine.pdbx_diffrn_id                           1 
_refine.pdbx_TLS_residual_ADP_flag               ? 
_refine.ls_number_reflns_obs                     12552 
_refine.ls_number_reflns_all                     13147 
_refine.pdbx_ls_sigma_I                          ? 
_refine.pdbx_ls_sigma_F                          1.32 
_refine.pdbx_data_cutoff_high_absF               ? 
_refine.pdbx_data_cutoff_low_absF                ? 
_refine.pdbx_data_cutoff_high_rms_absF           ? 
_refine.ls_d_res_low                             26.680 
_refine.ls_d_res_high                            1.9318 
_refine.ls_percent_reflns_obs                    87.63 
_refine.ls_R_factor_obs                          0.2931 
_refine.ls_R_factor_all                          ? 
_refine.ls_R_factor_R_work                       0.2924 
_refine.ls_R_factor_R_free                       0.3056 
_refine.ls_R_factor_R_free_error                 ? 
_refine.ls_R_factor_R_free_error_details         ? 
_refine.ls_percent_reflns_R_free                 4.74 
_refine.ls_number_reflns_R_free                  595 
_refine.ls_number_parameters                     ? 
_refine.ls_number_restraints                     ? 
_refine.occupancy_min                            ? 
_refine.occupancy_max                            ? 
_refine.correlation_coeff_Fo_to_Fc               ? 
_refine.correlation_coeff_Fo_to_Fc_free          ? 
_refine.B_iso_mean                               ? 
_refine.aniso_B[1][1]                            -7.9380 
_refine.aniso_B[2][2]                            -7.9380 
_refine.aniso_B[3][3]                            15.8760 
_refine.aniso_B[1][2]                            -0.0000 
_refine.aniso_B[1][3]                            0.0000 
_refine.aniso_B[2][3]                            -0.0000 
_refine.solvent_model_details                    'FLAT BULK SOLVENT MODEL' 
_refine.solvent_model_param_ksol                 ? 
_refine.solvent_model_param_bsol                 ? 
_refine.pdbx_solvent_vdw_probe_radii             1.11 
_refine.pdbx_solvent_ion_probe_radii             ? 
_refine.pdbx_solvent_shrinkage_radii             0.90 
_refine.pdbx_ls_cross_valid_method               ? 
_refine.details                                  ? 
_refine.pdbx_starting_model                      ? 
_refine.pdbx_method_to_determine_struct          SAD 
_refine.pdbx_isotropic_thermal_model             ? 
_refine.pdbx_stereochemistry_target_values       ML 
_refine.pdbx_stereochem_target_val_spec_case     ? 
_refine.pdbx_R_Free_selection_details            ? 
_refine.pdbx_overall_ESU_R                       ? 
_refine.pdbx_overall_ESU_R_Free                  ? 
_refine.overall_SU_ML                            0.24 
_refine.pdbx_overall_phase_error                 46.60 
_refine.overall_SU_B                             ? 
_refine.overall_SU_R_Cruickshank_DPI             ? 
_refine.pdbx_overall_SU_R_free_Cruickshank_DPI   ? 
_refine.pdbx_overall_SU_R_Blow_DPI               ? 
_refine.pdbx_overall_SU_R_free_Blow_DPI          ? 
_refine.ls_redundancy_reflns_obs                 ? 
_refine.B_iso_min                                ? 
_refine.B_iso_max                                ? 
_refine.overall_SU_R_free                        ? 
_refine.ls_wR_factor_R_free                      ? 
_refine.ls_wR_factor_R_work                      ? 
_refine.overall_FOM_free_R_set                   ? 
_refine.overall_FOM_work_R_set                   ? 
# 
_refine_hist.pdbx_refine_id                   'X-RAY DIFFRACTION' 
_refine_hist.cycle_id                         LAST 
_refine_hist.pdbx_number_atoms_protein        623 
_refine_hist.pdbx_number_atoms_nucleic_acid   0 
_refine_hist.pdbx_number_atoms_ligand         5 
_refine_hist.number_atoms_solvent             28 
_refine_hist.number_atoms_total               656 
_refine_hist.d_res_high                       1.9318 
_refine_hist.d_res_low                        26.680 
# 
loop_
_refine_ls_restr.type 
_refine_ls_restr.dev_ideal 
_refine_ls_restr.dev_ideal_target 
_refine_ls_restr.weight 
_refine_ls_restr.number 
_refine_ls_restr.pdbx_refine_id 
_refine_ls_restr.pdbx_restraint_function 
f_bond_d           0.007  ? ? 666 'X-RAY DIFFRACTION' ? 
f_angle_d          1.128  ? ? 897 'X-RAY DIFFRACTION' ? 
f_dihedral_angle_d 18.182 ? ? 264 'X-RAY DIFFRACTION' ? 
f_chiral_restr     0.083  ? ? 101 'X-RAY DIFFRACTION' ? 
f_plane_restr      0.003  ? ? 114 'X-RAY DIFFRACTION' ? 
# 
loop_
_refine_ls_shell.pdbx_refine_id 
_refine_ls_shell.pdbx_total_number_of_bins_used 
_refine_ls_shell.d_res_high 
_refine_ls_shell.d_res_low 
_refine_ls_shell.number_reflns_R_work 
_refine_ls_shell.R_factor_R_work 
_refine_ls_shell.percent_reflns_obs 
_refine_ls_shell.R_factor_R_free 
_refine_ls_shell.R_factor_R_free_error 
_refine_ls_shell.percent_reflns_R_free 
_refine_ls_shell.number_reflns_R_free 
_refine_ls_shell.number_reflns_all 
_refine_ls_shell.R_factor_all 
_refine_ls_shell.redundancy_reflns_obs 
_refine_ls_shell.number_reflns_obs 
'X-RAY DIFFRACTION' . 1.9318 2.1261  1793 0.3691 53.00  0.3881 . . 96  . . . . 
'X-RAY DIFFRACTION' . 2.1261 2.4336  3355 0.3827 98.00  0.3814 . . 146 . . . . 
'X-RAY DIFFRACTION' . 2.4336 3.0653  3434 0.3405 100.00 0.3156 . . 155 . . . . 
'X-RAY DIFFRACTION' . 3.0653 26.6826 3375 0.2550 100.00 0.2883 . . 198 . . . . 
# 
_struct.entry_id                  4IKG 
_struct.title                     'Crystal structure of cell death-inducing DFFA-like effector c' 
_struct.pdbx_model_details        ? 
_struct.pdbx_CASP_flag            ? 
_struct.pdbx_model_type_details   ? 
# 
_struct_keywords.entry_id        4IKG 
_struct_keywords.pdbx_keywords   APOPTOSIS 
_struct_keywords.text            'Fsp27, cell death, APOPTOSIS' 
# 
loop_
_struct_asym.id 
_struct_asym.pdbx_blank_PDB_chainid_flag 
_struct_asym.pdbx_modified 
_struct_asym.entity_id 
_struct_asym.details 
A N N 1 ? 
B N N 2 ? 
C N N 2 ? 
D N N 2 ? 
E N N 2 ? 
F N N 2 ? 
G N N 3 ? 
# 
_struct_ref.id                         1 
_struct_ref.db_name                    UNP 
_struct_ref.db_code                    CIDEC_MOUSE 
_struct_ref.pdbx_db_accession          P56198 
_struct_ref.entity_id                  1 
_struct_ref.pdbx_seq_one_letter_code   
;TPRARPCRVSTADRKVRKGIMAHSLEDLLNKVQDILKLKDKPFSLVLEEDGTIVETEEYFQALAKDTMFMVLLKGQKWKP

;
_struct_ref.pdbx_align_begin           39 
_struct_ref.pdbx_db_isoform            ? 
# 
_struct_ref_seq.align_id                      1 
_struct_ref_seq.ref_id                        1 
_struct_ref_seq.pdbx_PDB_id_code              4IKG 
_struct_ref_seq.pdbx_strand_id                A 
_struct_ref_seq.seq_align_beg                 2 
_struct_ref_seq.pdbx_seq_align_beg_ins_code   ? 
_struct_ref_seq.seq_align_end                 81 
_struct_ref_seq.pdbx_seq_align_end_ins_code   ? 
_struct_ref_seq.pdbx_db_accession             P56198 
_struct_ref_seq.db_align_beg                  39 
_struct_ref_seq.pdbx_db_align_beg_ins_code    ? 
_struct_ref_seq.db_align_end                  118 
_struct_ref_seq.pdbx_db_align_end_ins_code    ? 
_struct_ref_seq.pdbx_auth_seq_align_beg       39 
_struct_ref_seq.pdbx_auth_seq_align_end       118 
# 
loop_
_struct_ref_seq_dif.align_id 
_struct_ref_seq_dif.pdbx_pdb_id_code 
_struct_ref_seq_dif.mon_id 
_struct_ref_seq_dif.pdbx_pdb_strand_id 
_struct_ref_seq_dif.seq_num 
_struct_ref_seq_dif.pdbx_pdb_ins_code 
_struct_ref_seq_dif.pdbx_seq_db_name 
_struct_ref_seq_dif.pdbx_seq_db_accession_code 
_struct_ref_seq_dif.db_mon_id 
_struct_ref_seq_dif.pdbx_seq_db_seq_num 
_struct_ref_seq_dif.details 
_struct_ref_seq_dif.pdbx_auth_seq_num 
_struct_ref_seq_dif.pdbx_ordinal 
1 4IKG GLY A 1  ? UNP P56198 ?   ?   'expression tag' 38  1 
1 4IKG ALA A 75 ? UNP P56198 LYS 112 conflict         112 2 
1 4IKG ALA A 77 ? UNP P56198 GLN 114 conflict         114 3 
# 
_pdbx_struct_assembly.id                   1 
_pdbx_struct_assembly.details              author_and_software_defined_assembly 
_pdbx_struct_assembly.method_details       PISA 
_pdbx_struct_assembly.oligomeric_details   monomeric 
_pdbx_struct_assembly.oligomeric_count     1 
# 
_pdbx_struct_assembly_gen.assembly_id       1 
_pdbx_struct_assembly_gen.oper_expression   1 
_pdbx_struct_assembly_gen.asym_id_list      A,B,C,D,E,F,G 
# 
_pdbx_struct_oper_list.id                   1 
_pdbx_struct_oper_list.type                 'identity operation' 
_pdbx_struct_oper_list.name                 1_555 
_pdbx_struct_oper_list.symmetry_operation   x,y,z 
_pdbx_struct_oper_list.matrix[1][1]         1.0000000000 
_pdbx_struct_oper_list.matrix[1][2]         0.0000000000 
_pdbx_struct_oper_list.matrix[1][3]         0.0000000000 
_pdbx_struct_oper_list.vector[1]            0.0000000000 
_pdbx_struct_oper_list.matrix[2][1]         0.0000000000 
_pdbx_struct_oper_list.matrix[2][2]         1.0000000000 
_pdbx_struct_oper_list.matrix[2][3]         0.0000000000 
_pdbx_struct_oper_list.vector[2]            0.0000000000 
_pdbx_struct_oper_list.matrix[3][1]         0.0000000000 
_pdbx_struct_oper_list.matrix[3][2]         0.0000000000 
_pdbx_struct_oper_list.matrix[3][3]         1.0000000000 
_pdbx_struct_oper_list.vector[3]            0.0000000000 
# 
_struct_biol.id        1 
_struct_biol.details   ? 
# 
loop_
_struct_conf.conf_type_id 
_struct_conf.id 
_struct_conf.pdbx_PDB_helix_id 
_struct_conf.beg_label_comp_id 
_struct_conf.beg_label_asym_id 
_struct_conf.beg_label_seq_id 
_struct_conf.pdbx_beg_PDB_ins_code 
_struct_conf.end_label_comp_id 
_struct_conf.end_label_asym_id 
_struct_conf.end_label_seq_id 
_struct_conf.pdbx_end_PDB_ins_code 
_struct_conf.beg_auth_comp_id 
_struct_conf.beg_auth_asym_id 
_struct_conf.beg_auth_seq_id 
_struct_conf.end_auth_comp_id 
_struct_conf.end_auth_asym_id 
_struct_conf.end_auth_seq_id 
_struct_conf.pdbx_PDB_helix_class 
_struct_conf.details 
_struct_conf.pdbx_PDB_helix_length 
HELX_P HELX_P1 1 SER A 25 ? LEU A 37 ? SER A 62 LEU A 74  1 ? 13 
HELX_P HELX_P2 2 THR A 57 ? LEU A 64 ? THR A 94 LEU A 101 1 ? 8  
# 
_struct_conf_type.id          HELX_P 
_struct_conf_type.criteria    ? 
_struct_conf_type.reference   ? 
# 
_struct_sheet.id               A 
_struct_sheet.type             ? 
_struct_sheet.number_strands   5 
_struct_sheet.details          ? 
# 
loop_
_struct_sheet_order.sheet_id 
_struct_sheet_order.range_id_1 
_struct_sheet_order.range_id_2 
_struct_sheet_order.offset 
_struct_sheet_order.sense 
A 1 2 ? anti-parallel 
A 2 3 ? parallel      
A 3 4 ? anti-parallel 
A 4 5 ? anti-parallel 
# 
loop_
_struct_sheet_range.sheet_id 
_struct_sheet_range.id 
_struct_sheet_range.beg_label_comp_id 
_struct_sheet_range.beg_label_asym_id 
_struct_sheet_range.beg_label_seq_id 
_struct_sheet_range.pdbx_beg_PDB_ins_code 
_struct_sheet_range.end_label_comp_id 
_struct_sheet_range.end_label_asym_id 
_struct_sheet_range.end_label_seq_id 
_struct_sheet_range.pdbx_end_PDB_ins_code 
_struct_sheet_range.beg_auth_comp_id 
_struct_sheet_range.beg_auth_asym_id 
_struct_sheet_range.beg_auth_seq_id 
_struct_sheet_range.end_auth_comp_id 
_struct_sheet_range.end_auth_asym_id 
_struct_sheet_range.end_auth_seq_id 
A 1 ARG A 18 ? MET A 22 ? ARG A 55  MET A 59  
A 2 PRO A 7  ? SER A 11 ? PRO A 44  SER A 48  
A 3 MET A 69 ? LEU A 73 ? MET A 106 LEU A 110 
A 4 SER A 45 ? LEU A 48 ? SER A 82  LEU A 85  
A 5 ILE A 54 ? VAL A 55 ? ILE A 91  VAL A 92  
# 
loop_
_pdbx_struct_sheet_hbond.sheet_id 
_pdbx_struct_sheet_hbond.range_id_1 
_pdbx_struct_sheet_hbond.range_id_2 
_pdbx_struct_sheet_hbond.range_1_label_atom_id 
_pdbx_struct_sheet_hbond.range_1_label_comp_id 
_pdbx_struct_sheet_hbond.range_1_label_asym_id 
_pdbx_struct_sheet_hbond.range_1_label_seq_id 
_pdbx_struct_sheet_hbond.range_1_PDB_ins_code 
_pdbx_struct_sheet_hbond.range_1_auth_atom_id 
_pdbx_struct_sheet_hbond.range_1_auth_comp_id 
_pdbx_struct_sheet_hbond.range_1_auth_asym_id 
_pdbx_struct_sheet_hbond.range_1_auth_seq_id 
_pdbx_struct_sheet_hbond.range_2_label_atom_id 
_pdbx_struct_sheet_hbond.range_2_label_comp_id 
_pdbx_struct_sheet_hbond.range_2_label_asym_id 
_pdbx_struct_sheet_hbond.range_2_label_seq_id 
_pdbx_struct_sheet_hbond.range_2_PDB_ins_code 
_pdbx_struct_sheet_hbond.range_2_auth_atom_id 
_pdbx_struct_sheet_hbond.range_2_auth_comp_id 
_pdbx_struct_sheet_hbond.range_2_auth_asym_id 
_pdbx_struct_sheet_hbond.range_2_auth_seq_id 
A 1 2 O LYS A 19 ? O LYS A 56  N VAL A 10 ? N VAL A 47  
A 2 3 N ARG A 9  ? N ARG A 46  O PHE A 70 ? O PHE A 107 
A 3 4 O LEU A 73 ? O LEU A 110 N SER A 45 ? N SER A 82  
A 4 5 N LEU A 46 ? N LEU A 83  O VAL A 55 ? O VAL A 92  
# 
loop_
_struct_site.id 
_struct_site.pdbx_evidence_code 
_struct_site.pdbx_auth_asym_id 
_struct_site.pdbx_auth_comp_id 
_struct_site.pdbx_auth_seq_id 
_struct_site.pdbx_auth_ins_code 
_struct_site.pdbx_num_residues 
_struct_site.details 
AC1 Software A IOD 202 ? 3 'BINDING SITE FOR RESIDUE IOD A 202' 
AC2 Software A IOD 203 ? 1 'BINDING SITE FOR RESIDUE IOD A 203' 
AC3 Software A IOD 204 ? 1 'BINDING SITE FOR RESIDUE IOD A 204' 
# 
loop_
_struct_site_gen.id 
_struct_site_gen.site_id 
_struct_site_gen.pdbx_num_res 
_struct_site_gen.label_comp_id 
_struct_site_gen.label_asym_id 
_struct_site_gen.label_seq_id 
_struct_site_gen.pdbx_auth_ins_code 
_struct_site_gen.auth_comp_id 
_struct_site_gen.auth_asym_id 
_struct_site_gen.auth_seq_id 
_struct_site_gen.label_atom_id 
_struct_site_gen.label_alt_id 
_struct_site_gen.symmetry 
_struct_site_gen.details 
1 AC1 3 MET A 22 ? MET A 59 . ? 1_555 ? 
2 AC1 3 HIS A 24 ? HIS A 61 . ? 1_555 ? 
3 AC1 3 LYS A 32 ? LYS A 69 . ? 1_555 ? 
4 AC2 1 MET A 22 ? MET A 59 . ? 1_555 ? 
5 AC3 1 LYS A 19 ? LYS A 56 . ? 1_555 ? 
# 
_pdbx_validate_symm_contact.id                1 
_pdbx_validate_symm_contact.PDB_model_num     1 
_pdbx_validate_symm_contact.auth_atom_id_1    OD2 
_pdbx_validate_symm_contact.auth_asym_id_1    A 
_pdbx_validate_symm_contact.auth_comp_id_1    ASP 
_pdbx_validate_symm_contact.auth_seq_id_1     72 
_pdbx_validate_symm_contact.PDB_ins_code_1    ? 
_pdbx_validate_symm_contact.label_alt_id_1    ? 
_pdbx_validate_symm_contact.site_symmetry_1   1_555 
_pdbx_validate_symm_contact.auth_atom_id_2    CE 
_pdbx_validate_symm_contact.auth_asym_id_2    A 
_pdbx_validate_symm_contact.auth_comp_id_2    LYS 
_pdbx_validate_symm_contact.auth_seq_id_2     115 
_pdbx_validate_symm_contact.PDB_ins_code_2    ? 
_pdbx_validate_symm_contact.label_alt_id_2    ? 
_pdbx_validate_symm_contact.site_symmetry_2   4_565 
_pdbx_validate_symm_contact.dist              2.12 
# 
_pdbx_validate_peptide_omega.id               1 
_pdbx_validate_peptide_omega.PDB_model_num    1 
_pdbx_validate_peptide_omega.auth_comp_id_1   LEU 
_pdbx_validate_peptide_omega.auth_asym_id_1   A 
_pdbx_validate_peptide_omega.auth_seq_id_1    111 
_pdbx_validate_peptide_omega.PDB_ins_code_1   ? 
_pdbx_validate_peptide_omega.label_alt_id_1   ? 
_pdbx_validate_peptide_omega.auth_comp_id_2   ALA 
_pdbx_validate_peptide_omega.auth_asym_id_2   A 
_pdbx_validate_peptide_omega.auth_seq_id_2    112 
_pdbx_validate_peptide_omega.PDB_ins_code_2   ? 
_pdbx_validate_peptide_omega.label_alt_id_2   ? 
_pdbx_validate_peptide_omega.omega            137.09 
# 
loop_
_pdbx_refine_tls.pdbx_refine_id 
_pdbx_refine_tls.id 
_pdbx_refine_tls.details 
_pdbx_refine_tls.method 
_pdbx_refine_tls.origin_x 
_pdbx_refine_tls.origin_y 
_pdbx_refine_tls.origin_z 
_pdbx_refine_tls.T[1][1] 
_pdbx_refine_tls.T[2][2] 
_pdbx_refine_tls.T[3][3] 
_pdbx_refine_tls.T[1][2] 
_pdbx_refine_tls.T[1][3] 
_pdbx_refine_tls.T[2][3] 
_pdbx_refine_tls.L[1][1] 
_pdbx_refine_tls.L[2][2] 
_pdbx_refine_tls.L[3][3] 
_pdbx_refine_tls.L[1][2] 
_pdbx_refine_tls.L[1][3] 
_pdbx_refine_tls.L[2][3] 
_pdbx_refine_tls.S[1][1] 
_pdbx_refine_tls.S[1][2] 
_pdbx_refine_tls.S[1][3] 
_pdbx_refine_tls.S[2][1] 
_pdbx_refine_tls.S[2][2] 
_pdbx_refine_tls.S[2][3] 
_pdbx_refine_tls.S[3][1] 
_pdbx_refine_tls.S[3][2] 
_pdbx_refine_tls.S[3][3] 
'X-RAY DIFFRACTION' 1 ? refined -4.6677 8.1360  -7.8092 0.4102 0.4316 0.5722 0.1006 -0.0657 -0.1161 3.4627 2.3371 4.0953 -0.2842 -0.7207 2.8907  0.9567  0.5166  -0.1823 -0.2309 0.1622  -0.3249 -0.5119 0.4105  -0.6198 
'X-RAY DIFFRACTION' 2 ? refined -5.4258 -4.7082 4.1912  0.7195 0.6461 0.2817 0.3828 -0.1728 0.0118  1.6311 4.2155 5.8890 -2.0302 2.8129  -4.6399 -0.4857 -1.1955 -0.2886 1.1628  0.9170  -0.1418 0.4736  0.2701  -0.6750 
'X-RAY DIFFRACTION' 3 ? refined -1.8012 4.6499  2.4705  0.3956 0.6843 0.5489 0.3971 -0.2833 -0.4115 9.1167 8.1046 6.0183 -3.7602 -3.7737 -1.0568 -1.2222 -2.6339 1.9634  1.3067  1.6908  -1.8129 -0.9973 1.1297  -0.6450 
'X-RAY DIFFRACTION' 4 ? refined 0.6882  2.8953  11.6205 1.0587 1.4977 0.6354 0.8438 -0.4756 -0.7139 0.9994 0.2332 6.6674 0.2166  1.0760  0.3590  0.2378  -1.1770 -0.6964 0.6013  -0.6669 0.4227  0.9917  -1.8464 0.4967  
'X-RAY DIFFRACTION' 5 ? refined 3.0882  -5.2043 -1.2943 0.4518 0.7417 0.4756 0.2695 -0.2511 -0.2503 8.0850 3.8222 1.8526 0.2501  -2.5368 -1.7100 -0.0976 -2.9055 1.4958  1.2462  0.1533  -0.7083 0.4799  0.7361  0.1947  
'X-RAY DIFFRACTION' 6 ? refined 0.1451  0.4043  -9.3276 0.2915 0.3688 0.4842 0.0209 -0.0374 -0.0815 2.4860 1.3683 1.2712 -1.4944 -0.5061 0.2998  -0.4683 -0.8006 0.7427  0.3760  0.4234  -0.4749 0.2010  0.4144  -0.1058 
'X-RAY DIFFRACTION' 7 ? refined 2.1325  -8.0586 3.2091  0.8842 0.8460 0.1648 0.4459 -0.3546 -0.0630 4.6937 2.6691 2.3670 -6.3041 5.4554  -1.2934 -0.6779 -1.7474 1.6849  1.5356  0.2882  -0.9594 0.4746  0.1804  -0.0094  
# 
loop_
_pdbx_refine_tls_group.pdbx_refine_id 
_pdbx_refine_tls_group.id 
_pdbx_refine_tls_group.refine_tls_id 
_pdbx_refine_tls_group.beg_auth_asym_id 
_pdbx_refine_tls_group.beg_auth_seq_id 
_pdbx_refine_tls_group.beg_label_asym_id 
_pdbx_refine_tls_group.beg_label_seq_id 
_pdbx_refine_tls_group.end_auth_asym_id 
_pdbx_refine_tls_group.end_auth_seq_id 
_pdbx_refine_tls_group.end_label_asym_id 
_pdbx_refine_tls_group.end_label_seq_id 
_pdbx_refine_tls_group.selection 
_pdbx_refine_tls_group.selection_details 
'X-RAY DIFFRACTION' 1 1 ? ? ? ? ? ? ? ? ? '(chain A and resid 41:45)'   
'X-RAY DIFFRACTION' 2 2 ? ? ? ? ? ? ? ? ? '(chain A and resid 46:52)'   
'X-RAY DIFFRACTION' 3 3 ? ? ? ? ? ? ? ? ? '(chain A and resid 53:72)'   
'X-RAY DIFFRACTION' 4 4 ? ? ? ? ? ? ? ? ? '(chain A and resid 73:78)'   
'X-RAY DIFFRACTION' 5 5 ? ? ? ? ? ? ? ? ? '(chain A and resid 79:91)'   
'X-RAY DIFFRACTION' 6 6 ? ? ? ? ? ? ? ? ? '(chain A and resid 92:106)'  
'X-RAY DIFFRACTION' 7 7 ? ? ? ? ? ? ? ? ? '(chain A and resid 107:118)' 
# 
loop_
_pdbx_unobs_or_zero_occ_residues.id 
_pdbx_unobs_or_zero_occ_residues.PDB_model_num 
_pdbx_unobs_or_zero_occ_residues.polymer_flag 
_pdbx_unobs_or_zero_occ_residues.occupancy_flag 
_pdbx_unobs_or_zero_occ_residues.auth_asym_id 
_pdbx_unobs_or_zero_occ_residues.auth_comp_id 
_pdbx_unobs_or_zero_occ_residues.auth_seq_id 
_pdbx_unobs_or_zero_occ_residues.PDB_ins_code 
_pdbx_unobs_or_zero_occ_residues.label_asym_id 
_pdbx_unobs_or_zero_occ_residues.label_comp_id 
_pdbx_unobs_or_zero_occ_residues.label_seq_id 
1 1 Y 1 A GLY 38 ? A GLY 1 
2 1 Y 1 A THR 39 ? A THR 2 
3 1 Y 1 A PRO 40 ? A PRO 3 
# 
loop_
_chem_comp_atom.comp_id 
_chem_comp_atom.atom_id 
_chem_comp_atom.type_symbol 
_chem_comp_atom.pdbx_aromatic_flag 
_chem_comp_atom.pdbx_stereo_config 
_chem_comp_atom.pdbx_ordinal 
ALA N    N N N 1   
ALA CA   C N S 2   
ALA C    C N N 3   
ALA O    O N N 4   
ALA CB   C N N 5   
ALA OXT  O N N 6   
ALA H    H N N 7   
ALA H2   H N N 8   
ALA HA   H N N 9   
ALA HB1  H N N 10  
ALA HB2  H N N 11  
ALA HB3  H N N 12  
ALA HXT  H N N 13  
ARG N    N N N 14  
ARG CA   C N S 15  
ARG C    C N N 16  
ARG O    O N N 17  
ARG CB   C N N 18  
ARG CG   C N N 19  
ARG CD   C N N 20  
ARG NE   N N N 21  
ARG CZ   C N N 22  
ARG NH1  N N N 23  
ARG NH2  N N N 24  
ARG OXT  O N N 25  
ARG H    H N N 26  
ARG H2   H N N 27  
ARG HA   H N N 28  
ARG HB2  H N N 29  
ARG HB3  H N N 30  
ARG HG2  H N N 31  
ARG HG3  H N N 32  
ARG HD2  H N N 33  
ARG HD3  H N N 34  
ARG HE   H N N 35  
ARG HH11 H N N 36  
ARG HH12 H N N 37  
ARG HH21 H N N 38  
ARG HH22 H N N 39  
ARG HXT  H N N 40  
ASN N    N N N 41  
ASN CA   C N S 42  
ASN C    C N N 43  
ASN O    O N N 44  
ASN CB   C N N 45  
ASN CG   C N N 46  
ASN OD1  O N N 47  
ASN ND2  N N N 48  
ASN OXT  O N N 49  
ASN H    H N N 50  
ASN H2   H N N 51  
ASN HA   H N N 52  
ASN HB2  H N N 53  
ASN HB3  H N N 54  
ASN HD21 H N N 55  
ASN HD22 H N N 56  
ASN HXT  H N N 57  
ASP N    N N N 58  
ASP CA   C N S 59  
ASP C    C N N 60  
ASP O    O N N 61  
ASP CB   C N N 62  
ASP CG   C N N 63  
ASP OD1  O N N 64  
ASP OD2  O N N 65  
ASP OXT  O N N 66  
ASP H    H N N 67  
ASP H2   H N N 68  
ASP HA   H N N 69  
ASP HB2  H N N 70  
ASP HB3  H N N 71  
ASP HD2  H N N 72  
ASP HXT  H N N 73  
CYS N    N N N 74  
CYS CA   C N R 75  
CYS C    C N N 76  
CYS O    O N N 77  
CYS CB   C N N 78  
CYS SG   S N N 79  
CYS OXT  O N N 80  
CYS H    H N N 81  
CYS H2   H N N 82  
CYS HA   H N N 83  
CYS HB2  H N N 84  
CYS HB3  H N N 85  
CYS HG   H N N 86  
CYS HXT  H N N 87  
GLN N    N N N 88  
GLN CA   C N S 89  
GLN C    C N N 90  
GLN O    O N N 91  
GLN CB   C N N 92  
GLN CG   C N N 93  
GLN CD   C N N 94  
GLN OE1  O N N 95  
GLN NE2  N N N 96  
GLN OXT  O N N 97  
GLN H    H N N 98  
GLN H2   H N N 99  
GLN HA   H N N 100 
GLN HB2  H N N 101 
GLN HB3  H N N 102 
GLN HG2  H N N 103 
GLN HG3  H N N 104 
GLN HE21 H N N 105 
GLN HE22 H N N 106 
GLN HXT  H N N 107 
GLU N    N N N 108 
GLU CA   C N S 109 
GLU C    C N N 110 
GLU O    O N N 111 
GLU CB   C N N 112 
GLU CG   C N N 113 
GLU CD   C N N 114 
GLU OE1  O N N 115 
GLU OE2  O N N 116 
GLU OXT  O N N 117 
GLU H    H N N 118 
GLU H2   H N N 119 
GLU HA   H N N 120 
GLU HB2  H N N 121 
GLU HB3  H N N 122 
GLU HG2  H N N 123 
GLU HG3  H N N 124 
GLU HE2  H N N 125 
GLU HXT  H N N 126 
GLY N    N N N 127 
GLY CA   C N N 128 
GLY C    C N N 129 
GLY O    O N N 130 
GLY OXT  O N N 131 
GLY H    H N N 132 
GLY H2   H N N 133 
GLY HA2  H N N 134 
GLY HA3  H N N 135 
GLY HXT  H N N 136 
HIS N    N N N 137 
HIS CA   C N S 138 
HIS C    C N N 139 
HIS O    O N N 140 
HIS CB   C N N 141 
HIS CG   C Y N 142 
HIS ND1  N Y N 143 
HIS CD2  C Y N 144 
HIS CE1  C Y N 145 
HIS NE2  N Y N 146 
HIS OXT  O N N 147 
HIS H    H N N 148 
HIS H2   H N N 149 
HIS HA   H N N 150 
HIS HB2  H N N 151 
HIS HB3  H N N 152 
HIS HD1  H N N 153 
HIS HD2  H N N 154 
HIS HE1  H N N 155 
HIS HE2  H N N 156 
HIS HXT  H N N 157 
HOH O    O N N 158 
HOH H1   H N N 159 
HOH H2   H N N 160 
ILE N    N N N 161 
ILE CA   C N S 162 
ILE C    C N N 163 
ILE O    O N N 164 
ILE CB   C N S 165 
ILE CG1  C N N 166 
ILE CG2  C N N 167 
ILE CD1  C N N 168 
ILE OXT  O N N 169 
ILE H    H N N 170 
ILE H2   H N N 171 
ILE HA   H N N 172 
ILE HB   H N N 173 
ILE HG12 H N N 174 
ILE HG13 H N N 175 
ILE HG21 H N N 176 
ILE HG22 H N N 177 
ILE HG23 H N N 178 
ILE HD11 H N N 179 
ILE HD12 H N N 180 
ILE HD13 H N N 181 
ILE HXT  H N N 182 
IOD I    I N N 183 
LEU N    N N N 184 
LEU CA   C N S 185 
LEU C    C N N 186 
LEU O    O N N 187 
LEU CB   C N N 188 
LEU CG   C N N 189 
LEU CD1  C N N 190 
LEU CD2  C N N 191 
LEU OXT  O N N 192 
LEU H    H N N 193 
LEU H2   H N N 194 
LEU HA   H N N 195 
LEU HB2  H N N 196 
LEU HB3  H N N 197 
LEU HG   H N N 198 
LEU HD11 H N N 199 
LEU HD12 H N N 200 
LEU HD13 H N N 201 
LEU HD21 H N N 202 
LEU HD22 H N N 203 
LEU HD23 H N N 204 
LEU HXT  H N N 205 
LYS N    N N N 206 
LYS CA   C N S 207 
LYS C    C N N 208 
LYS O    O N N 209 
LYS CB   C N N 210 
LYS CG   C N N 211 
LYS CD   C N N 212 
LYS CE   C N N 213 
LYS NZ   N N N 214 
LYS OXT  O N N 215 
LYS H    H N N 216 
LYS H2   H N N 217 
LYS HA   H N N 218 
LYS HB2  H N N 219 
LYS HB3  H N N 220 
LYS HG2  H N N 221 
LYS HG3  H N N 222 
LYS HD2  H N N 223 
LYS HD3  H N N 224 
LYS HE2  H N N 225 
LYS HE3  H N N 226 
LYS HZ1  H N N 227 
LYS HZ2  H N N 228 
LYS HZ3  H N N 229 
LYS HXT  H N N 230 
MET N    N N N 231 
MET CA   C N S 232 
MET C    C N N 233 
MET O    O N N 234 
MET CB   C N N 235 
MET CG   C N N 236 
MET SD   S N N 237 
MET CE   C N N 238 
MET OXT  O N N 239 
MET H    H N N 240 
MET H2   H N N 241 
MET HA   H N N 242 
MET HB2  H N N 243 
MET HB3  H N N 244 
MET HG2  H N N 245 
MET HG3  H N N 246 
MET HE1  H N N 247 
MET HE2  H N N 248 
MET HE3  H N N 249 
MET HXT  H N N 250 
PHE N    N N N 251 
PHE CA   C N S 252 
PHE C    C N N 253 
PHE O    O N N 254 
PHE CB   C N N 255 
PHE CG   C Y N 256 
PHE CD1  C Y N 257 
PHE CD2  C Y N 258 
PHE CE1  C Y N 259 
PHE CE2  C Y N 260 
PHE CZ   C Y N 261 
PHE OXT  O N N 262 
PHE H    H N N 263 
PHE H2   H N N 264 
PHE HA   H N N 265 
PHE HB2  H N N 266 
PHE HB3  H N N 267 
PHE HD1  H N N 268 
PHE HD2  H N N 269 
PHE HE1  H N N 270 
PHE HE2  H N N 271 
PHE HZ   H N N 272 
PHE HXT  H N N 273 
PRO N    N N N 274 
PRO CA   C N S 275 
PRO C    C N N 276 
PRO O    O N N 277 
PRO CB   C N N 278 
PRO CG   C N N 279 
PRO CD   C N N 280 
PRO OXT  O N N 281 
PRO H    H N N 282 
PRO HA   H N N 283 
PRO HB2  H N N 284 
PRO HB3  H N N 285 
PRO HG2  H N N 286 
PRO HG3  H N N 287 
PRO HD2  H N N 288 
PRO HD3  H N N 289 
PRO HXT  H N N 290 
SER N    N N N 291 
SER CA   C N S 292 
SER C    C N N 293 
SER O    O N N 294 
SER CB   C N N 295 
SER OG   O N N 296 
SER OXT  O N N 297 
SER H    H N N 298 
SER H2   H N N 299 
SER HA   H N N 300 
SER HB2  H N N 301 
SER HB3  H N N 302 
SER HG   H N N 303 
SER HXT  H N N 304 
THR N    N N N 305 
THR CA   C N S 306 
THR C    C N N 307 
THR O    O N N 308 
THR CB   C N R 309 
THR OG1  O N N 310 
THR CG2  C N N 311 
THR OXT  O N N 312 
THR H    H N N 313 
THR H2   H N N 314 
THR HA   H N N 315 
THR HB   H N N 316 
THR HG1  H N N 317 
THR HG21 H N N 318 
THR HG22 H N N 319 
THR HG23 H N N 320 
THR HXT  H N N 321 
TRP N    N N N 322 
TRP CA   C N S 323 
TRP C    C N N 324 
TRP O    O N N 325 
TRP CB   C N N 326 
TRP CG   C Y N 327 
TRP CD1  C Y N 328 
TRP CD2  C Y N 329 
TRP NE1  N Y N 330 
TRP CE2  C Y N 331 
TRP CE3  C Y N 332 
TRP CZ2  C Y N 333 
TRP CZ3  C Y N 334 
TRP CH2  C Y N 335 
TRP OXT  O N N 336 
TRP H    H N N 337 
TRP H2   H N N 338 
TRP HA   H N N 339 
TRP HB2  H N N 340 
TRP HB3  H N N 341 
TRP HD1  H N N 342 
TRP HE1  H N N 343 
TRP HE3  H N N 344 
TRP HZ2  H N N 345 
TRP HZ3  H N N 346 
TRP HH2  H N N 347 
TRP HXT  H N N 348 
TYR N    N N N 349 
TYR CA   C N S 350 
TYR C    C N N 351 
TYR O    O N N 352 
TYR CB   C N N 353 
TYR CG   C Y N 354 
TYR CD1  C Y N 355 
TYR CD2  C Y N 356 
TYR CE1  C Y N 357 
TYR CE2  C Y N 358 
TYR CZ   C Y N 359 
TYR OH   O N N 360 
TYR OXT  O N N 361 
TYR H    H N N 362 
TYR H2   H N N 363 
TYR HA   H N N 364 
TYR HB2  H N N 365 
TYR HB3  H N N 366 
TYR HD1  H N N 367 
TYR HD2  H N N 368 
TYR HE1  H N N 369 
TYR HE2  H N N 370 
TYR HH   H N N 371 
TYR HXT  H N N 372 
VAL N    N N N 373 
VAL CA   C N S 374 
VAL C    C N N 375 
VAL O    O N N 376 
VAL CB   C N N 377 
VAL CG1  C N N 378 
VAL CG2  C N N 379 
VAL OXT  O N N 380 
VAL H    H N N 381 
VAL H2   H N N 382 
VAL HA   H N N 383 
VAL HB   H N N 384 
VAL HG11 H N N 385 
VAL HG12 H N N 386 
VAL HG13 H N N 387 
VAL HG21 H N N 388 
VAL HG22 H N N 389 
VAL HG23 H N N 390 
VAL HXT  H N N 391 
# 
loop_
_chem_comp_bond.comp_id 
_chem_comp_bond.atom_id_1 
_chem_comp_bond.atom_id_2 
_chem_comp_bond.value_order 
_chem_comp_bond.pdbx_aromatic_flag 
_chem_comp_bond.pdbx_stereo_config 
_chem_comp_bond.pdbx_ordinal 
ALA N   CA   sing N N 1   
ALA N   H    sing N N 2   
ALA N   H2   sing N N 3   
ALA CA  C    sing N N 4   
ALA CA  CB   sing N N 5   
ALA CA  HA   sing N N 6   
ALA C   O    doub N N 7   
ALA C   OXT  sing N N 8   
ALA CB  HB1  sing N N 9   
ALA CB  HB2  sing N N 10  
ALA CB  HB3  sing N N 11  
ALA OXT HXT  sing N N 12  
ARG N   CA   sing N N 13  
ARG N   H    sing N N 14  
ARG N   H2   sing N N 15  
ARG CA  C    sing N N 16  
ARG CA  CB   sing N N 17  
ARG CA  HA   sing N N 18  
ARG C   O    doub N N 19  
ARG C   OXT  sing N N 20  
ARG CB  CG   sing N N 21  
ARG CB  HB2  sing N N 22  
ARG CB  HB3  sing N N 23  
ARG CG  CD   sing N N 24  
ARG CG  HG2  sing N N 25  
ARG CG  HG3  sing N N 26  
ARG CD  NE   sing N N 27  
ARG CD  HD2  sing N N 28  
ARG CD  HD3  sing N N 29  
ARG NE  CZ   sing N N 30  
ARG NE  HE   sing N N 31  
ARG CZ  NH1  sing N N 32  
ARG CZ  NH2  doub N N 33  
ARG NH1 HH11 sing N N 34  
ARG NH1 HH12 sing N N 35  
ARG NH2 HH21 sing N N 36  
ARG NH2 HH22 sing N N 37  
ARG OXT HXT  sing N N 38  
ASN N   CA   sing N N 39  
ASN N   H    sing N N 40  
ASN N   H2   sing N N 41  
ASN CA  C    sing N N 42  
ASN CA  CB   sing N N 43  
ASN CA  HA   sing N N 44  
ASN C   O    doub N N 45  
ASN C   OXT  sing N N 46  
ASN CB  CG   sing N N 47  
ASN CB  HB2  sing N N 48  
ASN CB  HB3  sing N N 49  
ASN CG  OD1  doub N N 50  
ASN CG  ND2  sing N N 51  
ASN ND2 HD21 sing N N 52  
ASN ND2 HD22 sing N N 53  
ASN OXT HXT  sing N N 54  
ASP N   CA   sing N N 55  
ASP N   H    sing N N 56  
ASP N   H2   sing N N 57  
ASP CA  C    sing N N 58  
ASP CA  CB   sing N N 59  
ASP CA  HA   sing N N 60  
ASP C   O    doub N N 61  
ASP C   OXT  sing N N 62  
ASP CB  CG   sing N N 63  
ASP CB  HB2  sing N N 64  
ASP CB  HB3  sing N N 65  
ASP CG  OD1  doub N N 66  
ASP CG  OD2  sing N N 67  
ASP OD2 HD2  sing N N 68  
ASP OXT HXT  sing N N 69  
CYS N   CA   sing N N 70  
CYS N   H    sing N N 71  
CYS N   H2   sing N N 72  
CYS CA  C    sing N N 73  
CYS CA  CB   sing N N 74  
CYS CA  HA   sing N N 75  
CYS C   O    doub N N 76  
CYS C   OXT  sing N N 77  
CYS CB  SG   sing N N 78  
CYS CB  HB2  sing N N 79  
CYS CB  HB3  sing N N 80  
CYS SG  HG   sing N N 81  
CYS OXT HXT  sing N N 82  
GLN N   CA   sing N N 83  
GLN N   H    sing N N 84  
GLN N   H2   sing N N 85  
GLN CA  C    sing N N 86  
GLN CA  CB   sing N N 87  
GLN CA  HA   sing N N 88  
GLN C   O    doub N N 89  
GLN C   OXT  sing N N 90  
GLN CB  CG   sing N N 91  
GLN CB  HB2  sing N N 92  
GLN CB  HB3  sing N N 93  
GLN CG  CD   sing N N 94  
GLN CG  HG2  sing N N 95  
GLN CG  HG3  sing N N 96  
GLN CD  OE1  doub N N 97  
GLN CD  NE2  sing N N 98  
GLN NE2 HE21 sing N N 99  
GLN NE2 HE22 sing N N 100 
GLN OXT HXT  sing N N 101 
GLU N   CA   sing N N 102 
GLU N   H    sing N N 103 
GLU N   H2   sing N N 104 
GLU CA  C    sing N N 105 
GLU CA  CB   sing N N 106 
GLU CA  HA   sing N N 107 
GLU C   O    doub N N 108 
GLU C   OXT  sing N N 109 
GLU CB  CG   sing N N 110 
GLU CB  HB2  sing N N 111 
GLU CB  HB3  sing N N 112 
GLU CG  CD   sing N N 113 
GLU CG  HG2  sing N N 114 
GLU CG  HG3  sing N N 115 
GLU CD  OE1  doub N N 116 
GLU CD  OE2  sing N N 117 
GLU OE2 HE2  sing N N 118 
GLU OXT HXT  sing N N 119 
GLY N   CA   sing N N 120 
GLY N   H    sing N N 121 
GLY N   H2   sing N N 122 
GLY CA  C    sing N N 123 
GLY CA  HA2  sing N N 124 
GLY CA  HA3  sing N N 125 
GLY C   O    doub N N 126 
GLY C   OXT  sing N N 127 
GLY OXT HXT  sing N N 128 
HIS N   CA   sing N N 129 
HIS N   H    sing N N 130 
HIS N   H2   sing N N 131 
HIS CA  C    sing N N 132 
HIS CA  CB   sing N N 133 
HIS CA  HA   sing N N 134 
HIS C   O    doub N N 135 
HIS C   OXT  sing N N 136 
HIS CB  CG   sing N N 137 
HIS CB  HB2  sing N N 138 
HIS CB  HB3  sing N N 139 
HIS CG  ND1  sing Y N 140 
HIS CG  CD2  doub Y N 141 
HIS ND1 CE1  doub Y N 142 
HIS ND1 HD1  sing N N 143 
HIS CD2 NE2  sing Y N 144 
HIS CD2 HD2  sing N N 145 
HIS CE1 NE2  sing Y N 146 
HIS CE1 HE1  sing N N 147 
HIS NE2 HE2  sing N N 148 
HIS OXT HXT  sing N N 149 
HOH O   H1   sing N N 150 
HOH O   H2   sing N N 151 
ILE N   CA   sing N N 152 
ILE N   H    sing N N 153 
ILE N   H2   sing N N 154 
ILE CA  C    sing N N 155 
ILE CA  CB   sing N N 156 
ILE CA  HA   sing N N 157 
ILE C   O    doub N N 158 
ILE C   OXT  sing N N 159 
ILE CB  CG1  sing N N 160 
ILE CB  CG2  sing N N 161 
ILE CB  HB   sing N N 162 
ILE CG1 CD1  sing N N 163 
ILE CG1 HG12 sing N N 164 
ILE CG1 HG13 sing N N 165 
ILE CG2 HG21 sing N N 166 
ILE CG2 HG22 sing N N 167 
ILE CG2 HG23 sing N N 168 
ILE CD1 HD11 sing N N 169 
ILE CD1 HD12 sing N N 170 
ILE CD1 HD13 sing N N 171 
ILE OXT HXT  sing N N 172 
LEU N   CA   sing N N 173 
LEU N   H    sing N N 174 
LEU N   H2   sing N N 175 
LEU CA  C    sing N N 176 
LEU CA  CB   sing N N 177 
LEU CA  HA   sing N N 178 
LEU C   O    doub N N 179 
LEU C   OXT  sing N N 180 
LEU CB  CG   sing N N 181 
LEU CB  HB2  sing N N 182 
LEU CB  HB3  sing N N 183 
LEU CG  CD1  sing N N 184 
LEU CG  CD2  sing N N 185 
LEU CG  HG   sing N N 186 
LEU CD1 HD11 sing N N 187 
LEU CD1 HD12 sing N N 188 
LEU CD1 HD13 sing N N 189 
LEU CD2 HD21 sing N N 190 
LEU CD2 HD22 sing N N 191 
LEU CD2 HD23 sing N N 192 
LEU OXT HXT  sing N N 193 
LYS N   CA   sing N N 194 
LYS N   H    sing N N 195 
LYS N   H2   sing N N 196 
LYS CA  C    sing N N 197 
LYS CA  CB   sing N N 198 
LYS CA  HA   sing N N 199 
LYS C   O    doub N N 200 
LYS C   OXT  sing N N 201 
LYS CB  CG   sing N N 202 
LYS CB  HB2  sing N N 203 
LYS CB  HB3  sing N N 204 
LYS CG  CD   sing N N 205 
LYS CG  HG2  sing N N 206 
LYS CG  HG3  sing N N 207 
LYS CD  CE   sing N N 208 
LYS CD  HD2  sing N N 209 
LYS CD  HD3  sing N N 210 
LYS CE  NZ   sing N N 211 
LYS CE  HE2  sing N N 212 
LYS CE  HE3  sing N N 213 
LYS NZ  HZ1  sing N N 214 
LYS NZ  HZ2  sing N N 215 
LYS NZ  HZ3  sing N N 216 
LYS OXT HXT  sing N N 217 
MET N   CA   sing N N 218 
MET N   H    sing N N 219 
MET N   H2   sing N N 220 
MET CA  C    sing N N 221 
MET CA  CB   sing N N 222 
MET CA  HA   sing N N 223 
MET C   O    doub N N 224 
MET C   OXT  sing N N 225 
MET CB  CG   sing N N 226 
MET CB  HB2  sing N N 227 
MET CB  HB3  sing N N 228 
MET CG  SD   sing N N 229 
MET CG  HG2  sing N N 230 
MET CG  HG3  sing N N 231 
MET SD  CE   sing N N 232 
MET CE  HE1  sing N N 233 
MET CE  HE2  sing N N 234 
MET CE  HE3  sing N N 235 
MET OXT HXT  sing N N 236 
PHE N   CA   sing N N 237 
PHE N   H    sing N N 238 
PHE N   H2   sing N N 239 
PHE CA  C    sing N N 240 
PHE CA  CB   sing N N 241 
PHE CA  HA   sing N N 242 
PHE C   O    doub N N 243 
PHE C   OXT  sing N N 244 
PHE CB  CG   sing N N 245 
PHE CB  HB2  sing N N 246 
PHE CB  HB3  sing N N 247 
PHE CG  CD1  doub Y N 248 
PHE CG  CD2  sing Y N 249 
PHE CD1 CE1  sing Y N 250 
PHE CD1 HD1  sing N N 251 
PHE CD2 CE2  doub Y N 252 
PHE CD2 HD2  sing N N 253 
PHE CE1 CZ   doub Y N 254 
PHE CE1 HE1  sing N N 255 
PHE CE2 CZ   sing Y N 256 
PHE CE2 HE2  sing N N 257 
PHE CZ  HZ   sing N N 258 
PHE OXT HXT  sing N N 259 
PRO N   CA   sing N N 260 
PRO N   CD   sing N N 261 
PRO N   H    sing N N 262 
PRO CA  C    sing N N 263 
PRO CA  CB   sing N N 264 
PRO CA  HA   sing N N 265 
PRO C   O    doub N N 266 
PRO C   OXT  sing N N 267 
PRO CB  CG   sing N N 268 
PRO CB  HB2  sing N N 269 
PRO CB  HB3  sing N N 270 
PRO CG  CD   sing N N 271 
PRO CG  HG2  sing N N 272 
PRO CG  HG3  sing N N 273 
PRO CD  HD2  sing N N 274 
PRO CD  HD3  sing N N 275 
PRO OXT HXT  sing N N 276 
SER N   CA   sing N N 277 
SER N   H    sing N N 278 
SER N   H2   sing N N 279 
SER CA  C    sing N N 280 
SER CA  CB   sing N N 281 
SER CA  HA   sing N N 282 
SER C   O    doub N N 283 
SER C   OXT  sing N N 284 
SER CB  OG   sing N N 285 
SER CB  HB2  sing N N 286 
SER CB  HB3  sing N N 287 
SER OG  HG   sing N N 288 
SER OXT HXT  sing N N 289 
THR N   CA   sing N N 290 
THR N   H    sing N N 291 
THR N   H2   sing N N 292 
THR CA  C    sing N N 293 
THR CA  CB   sing N N 294 
THR CA  HA   sing N N 295 
THR C   O    doub N N 296 
THR C   OXT  sing N N 297 
THR CB  OG1  sing N N 298 
THR CB  CG2  sing N N 299 
THR CB  HB   sing N N 300 
THR OG1 HG1  sing N N 301 
THR CG2 HG21 sing N N 302 
THR CG2 HG22 sing N N 303 
THR CG2 HG23 sing N N 304 
THR OXT HXT  sing N N 305 
TRP N   CA   sing N N 306 
TRP N   H    sing N N 307 
TRP N   H2   sing N N 308 
TRP CA  C    sing N N 309 
TRP CA  CB   sing N N 310 
TRP CA  HA   sing N N 311 
TRP C   O    doub N N 312 
TRP C   OXT  sing N N 313 
TRP CB  CG   sing N N 314 
TRP CB  HB2  sing N N 315 
TRP CB  HB3  sing N N 316 
TRP CG  CD1  doub Y N 317 
TRP CG  CD2  sing Y N 318 
TRP CD1 NE1  sing Y N 319 
TRP CD1 HD1  sing N N 320 
TRP CD2 CE2  doub Y N 321 
TRP CD2 CE3  sing Y N 322 
TRP NE1 CE2  sing Y N 323 
TRP NE1 HE1  sing N N 324 
TRP CE2 CZ2  sing Y N 325 
TRP CE3 CZ3  doub Y N 326 
TRP CE3 HE3  sing N N 327 
TRP CZ2 CH2  doub Y N 328 
TRP CZ2 HZ2  sing N N 329 
TRP CZ3 CH2  sing Y N 330 
TRP CZ3 HZ3  sing N N 331 
TRP CH2 HH2  sing N N 332 
TRP OXT HXT  sing N N 333 
TYR N   CA   sing N N 334 
TYR N   H    sing N N 335 
TYR N   H2   sing N N 336 
TYR CA  C    sing N N 337 
TYR CA  CB   sing N N 338 
TYR CA  HA   sing N N 339 
TYR C   O    doub N N 340 
TYR C   OXT  sing N N 341 
TYR CB  CG   sing N N 342 
TYR CB  HB2  sing N N 343 
TYR CB  HB3  sing N N 344 
TYR CG  CD1  doub Y N 345 
TYR CG  CD2  sing Y N 346 
TYR CD1 CE1  sing Y N 347 
TYR CD1 HD1  sing N N 348 
TYR CD2 CE2  doub Y N 349 
TYR CD2 HD2  sing N N 350 
TYR CE1 CZ   doub Y N 351 
TYR CE1 HE1  sing N N 352 
TYR CE2 CZ   sing Y N 353 
TYR CE2 HE2  sing N N 354 
TYR CZ  OH   sing N N 355 
TYR OH  HH   sing N N 356 
TYR OXT HXT  sing N N 357 
VAL N   CA   sing N N 358 
VAL N   H    sing N N 359 
VAL N   H2   sing N N 360 
VAL CA  C    sing N N 361 
VAL CA  CB   sing N N 362 
VAL CA  HA   sing N N 363 
VAL C   O    doub N N 364 
VAL C   OXT  sing N N 365 
VAL CB  CG1  sing N N 366 
VAL CB  CG2  sing N N 367 
VAL CB  HB   sing N N 368 
VAL CG1 HG11 sing N N 369 
VAL CG1 HG12 sing N N 370 
VAL CG1 HG13 sing N N 371 
VAL CG2 HG21 sing N N 372 
VAL CG2 HG22 sing N N 373 
VAL CG2 HG23 sing N N 374 
VAL OXT HXT  sing N N 375 
# 
_atom_sites.entry_id                    4IKG 
_atom_sites.fract_transf_matrix[1][1]   -0.01464978 
_atom_sites.fract_transf_matrix[1][2]   0.00269486 
_atom_sites.fract_transf_matrix[1][3]   0.01137240 
_atom_sites.fract_transf_matrix[2][1]   0.00260280 
_atom_sites.fract_transf_matrix[2][2]   0.00729582 
_atom_sites.fract_transf_matrix[2][3]   0.01706522 
_atom_sites.fract_transf_matrix[3][1]   -0.00270263 
_atom_sites.fract_transf_matrix[3][2]   0.02043285 
_atom_sites.fract_transf_matrix[3][3]   -0.00832336 
_atom_sites.fract_transf_vector[1]      -0.023424 
_atom_sites.fract_transf_vector[2]      0.344942 
_atom_sites.fract_transf_vector[3]      -0.257715 
# 
loop_
_atom_type.symbol 
C 
I 
N 
O 
S 
# 
loop_
_atom_site.group_PDB 
_atom_site.id 
_atom_site.type_symbol 
_atom_site.label_atom_id 
_atom_site.label_alt_id 
_atom_site.label_comp_id 
_atom_site.label_asym_id 
_atom_site.label_entity_id 
_atom_site.label_seq_id 
_atom_site.pdbx_PDB_ins_code 
_atom_site.Cartn_x 
_atom_site.Cartn_y 
_atom_site.Cartn_z 
_atom_site.occupancy 
_atom_site.B_iso_or_equiv 
_atom_site.pdbx_formal_charge 
_atom_site.auth_seq_id 
_atom_site.auth_comp_id 
_atom_site.auth_asym_id 
_atom_site.auth_atom_id 
_atom_site.pdbx_PDB_model_num 
ATOM   1   N N   . ARG A 1 4  ? -0.930  14.726  -10.489 1.00 112.73 ? 41  ARG A N   1 
ATOM   2   C CA  . ARG A 1 4  ? -2.229  14.075  -10.617 1.00 109.47 ? 41  ARG A CA  1 
ATOM   3   C C   . ARG A 1 4  ? -2.328  12.897  -9.656  1.00 109.84 ? 41  ARG A C   1 
ATOM   4   O O   . ARG A 1 4  ? -1.583  11.926  -9.774  1.00 109.45 ? 41  ARG A O   1 
ATOM   5   C CB  . ARG A 1 4  ? -2.452  13.601  -12.054 1.00 107.32 ? 41  ARG A CB  1 
ATOM   6   C CG  . ARG A 1 4  ? -3.900  13.260  -12.368 1.00 105.48 ? 41  ARG A CG  1 
ATOM   7   C CD  . ARG A 1 4  ? -4.777  14.501  -12.300 1.00 106.15 ? 41  ARG A CD  1 
ATOM   8   N NE  . ARG A 1 4  ? -6.178  14.179  -12.041 1.00 104.67 ? 41  ARG A NE  1 
ATOM   9   C CZ  . ARG A 1 4  ? -7.168  14.358  -12.911 1.00 104.12 ? 41  ARG A CZ  1 
ATOM   10  N NH1 . ARG A 1 4  ? -6.921  14.865  -14.111 1.00 104.88 ? 41  ARG A NH1 1 
ATOM   11  N NH2 . ARG A 1 4  ? -8.410  14.034  -12.577 1.00 102.86 ? 41  ARG A NH2 1 
ATOM   12  N N   . ALA A 1 5  ? -3.260  12.982  -8.713  1.00 65.19  ? 42  ALA A N   1 
ATOM   13  C CA  . ALA A 1 5  ? -3.382  11.973  -7.661  1.00 64.58  ? 42  ALA A CA  1 
ATOM   14  C C   . ALA A 1 5  ? -3.947  10.643  -8.164  1.00 58.86  ? 42  ALA A C   1 
ATOM   15  O O   . ALA A 1 5  ? -4.360  10.527  -9.320  1.00 55.14  ? 42  ALA A O   1 
ATOM   16  C CB  . ALA A 1 5  ? -4.218  12.508  -6.509  1.00 68.08  ? 42  ALA A CB  1 
ATOM   17  N N   . ARG A 1 6  ? -3.954  9.643   -7.287  1.00 53.32  ? 43  ARG A N   1 
ATOM   18  C CA  . ARG A 1 6  ? -4.414  8.303   -7.640  1.00 48.88  ? 43  ARG A CA  1 
ATOM   19  C C   . ARG A 1 6  ? -5.035  7.610   -6.431  1.00 48.07  ? 43  ARG A C   1 
ATOM   20  O O   . ARG A 1 6  ? -4.436  7.578   -5.354  1.00 51.92  ? 43  ARG A O   1 
ATOM   21  C CB  . ARG A 1 6  ? -3.245  7.471   -8.173  1.00 47.78  ? 43  ARG A CB  1 
ATOM   22  C CG  . ARG A 1 6  ? -3.607  6.053   -8.586  1.00 45.21  ? 43  ARG A CG  1 
ATOM   23  C CD  . ARG A 1 6  ? -2.681  5.044   -7.928  1.00 46.52  ? 43  ARG A CD  1 
ATOM   24  N NE  . ARG A 1 6  ? -2.534  3.831   -8.726  1.00 43.87  ? 43  ARG A NE  1 
ATOM   25  C CZ  . ARG A 1 6  ? -3.382  2.808   -8.699  1.00 41.07  ? 43  ARG A CZ  1 
ATOM   26  N NH1 . ARG A 1 6  ? -3.164  1.746   -9.462  1.00 39.67  ? 43  ARG A NH1 1 
ATOM   27  N NH2 . ARG A 1 6  ? -4.449  2.847   -7.914  1.00 40.30  ? 43  ARG A NH2 1 
ATOM   28  N N   . PRO A 1 7  ? -6.243  7.051   -6.605  1.00 36.70  ? 44  PRO A N   1 
ATOM   29  C CA  . PRO A 1 7  ? -6.936  6.344   -5.522  1.00 35.82  ? 44  PRO A CA  1 
ATOM   30  C C   . PRO A 1 7  ? -6.271  5.009   -5.200  1.00 35.73  ? 44  PRO A C   1 
ATOM   31  O O   . PRO A 1 7  ? -5.905  4.264   -6.111  1.00 34.22  ? 44  PRO A O   1 
ATOM   32  C CB  . PRO A 1 7  ? -8.335  6.113   -6.098  1.00 32.41  ? 44  PRO A CB  1 
ATOM   33  C CG  . PRO A 1 7  ? -8.129  6.081   -7.573  1.00 30.62  ? 44  PRO A CG  1 
ATOM   34  C CD  . PRO A 1 7  ? -7.037  7.075   -7.847  1.00 33.29  ? 44  PRO A CD  1 
ATOM   35  N N   . CYS A 1 8  ? -6.116  4.717   -3.913  1.00 31.03  ? 45  CYS A N   1 
ATOM   36  C CA  . CYS A 1 8  ? -5.464  3.487   -3.481  1.00 32.78  ? 45  CYS A CA  1 
ATOM   37  C C   . CYS A 1 8  ? -6.225  2.835   -2.331  1.00 33.61  ? 45  CYS A C   1 
ATOM   38  O O   . CYS A 1 8  ? -6.564  3.495   -1.350  1.00 34.43  ? 45  CYS A O   1 
ATOM   39  C CB  . CYS A 1 8  ? -4.022  3.769   -3.051  1.00 37.17  ? 45  CYS A CB  1 
ATOM   40  S SG  . CYS A 1 8  ? -2.980  4.533   -4.319  1.00 37.24  ? 45  CYS A SG  1 
ATOM   41  N N   . ARG A 1 9  ? -6.497  1.541   -2.454  1.00 36.08  ? 46  ARG A N   1 
ATOM   42  C CA  . ARG A 1 9  ? -7.143  0.803   -1.373  1.00 35.46  ? 46  ARG A CA  1 
ATOM   43  C C   . ARG A 1 9  ? -6.091  0.011   -0.605  1.00 40.13  ? 46  ARG A C   1 
ATOM   44  O O   . ARG A 1 9  ? -5.607  -1.019  -1.080  1.00 40.95  ? 46  ARG A O   1 
ATOM   45  C CB  . ARG A 1 9  ? -8.228  -0.124  -1.920  1.00 30.90  ? 46  ARG A CB  1 
ATOM   46  C CG  . ARG A 1 9  ? -9.245  0.585   -2.805  1.00 27.22  ? 46  ARG A CG  1 
ATOM   47  C CD  . ARG A 1 9  ? -10.351 -0.357  -3.262  1.00 25.66  ? 46  ARG A CD  1 
ATOM   48  N NE  . ARG A 1 9  ? -11.235 0.278   -4.237  1.00 24.06  ? 46  ARG A NE  1 
ATOM   49  C CZ  . ARG A 1 9  ? -12.324 -0.291  -4.744  1.00 25.08  ? 46  ARG A CZ  1 
ATOM   50  N NH1 . ARG A 1 9  ? -12.674 -1.513  -4.367  1.00 26.08  ? 46  ARG A NH1 1 
ATOM   51  N NH2 . ARG A 1 9  ? -13.066 0.363   -5.629  1.00 22.73  ? 46  ARG A NH2 1 
ATOM   52  N N   . VAL A 1 10 ? -5.732  0.499   0.579   1.00 36.80  ? 47  VAL A N   1 
ATOM   53  C CA  . VAL A 1 10 ? -4.643  -0.096  1.350   1.00 42.84  ? 47  VAL A CA  1 
ATOM   54  C C   . VAL A 1 10 ? -5.152  -0.893  2.552   1.00 45.74  ? 47  VAL A C   1 
ATOM   55  O O   . VAL A 1 10 ? -5.911  -0.379  3.374   1.00 45.97  ? 47  VAL A O   1 
ATOM   56  C CB  . VAL A 1 10 ? -3.645  0.980   1.823   1.00 47.03  ? 47  VAL A CB  1 
ATOM   57  C CG1 . VAL A 1 10 ? -2.475  0.342   2.552   1.00 53.83  ? 47  VAL A CG1 1 
ATOM   58  C CG2 . VAL A 1 10 ? -3.156  1.797   0.638   1.00 44.80  ? 47  VAL A CG2 1 
ATOM   59  N N   . SER A 1 11 ? -4.728  -2.151  2.642   1.00 44.34  ? 48  SER A N   1 
ATOM   60  C CA  . SER A 1 11 ? -5.130  -3.022  3.741   1.00 48.20  ? 48  SER A CA  1 
ATOM   61  C C   . SER A 1 11 ? -3.952  -3.326  4.658   1.00 54.48  ? 48  SER A C   1 
ATOM   62  O O   . SER A 1 11 ? -2.797  -3.105  4.294   1.00 55.40  ? 48  SER A O   1 
ATOM   63  C CB  . SER A 1 11 ? -5.721  -4.326  3.200   1.00 45.58  ? 48  SER A CB  1 
ATOM   64  O OG  . SER A 1 11 ? -6.018  -5.231  4.251   1.00 50.17  ? 48  SER A OG  1 
ATOM   65  N N   . THR A 1 12 ? -4.251  -3.834  5.848   1.00 73.69  ? 49  THR A N   1 
ATOM   66  C CA  . THR A 1 12 ? -3.215  -4.245  6.787   1.00 79.40  ? 49  THR A CA  1 
ATOM   67  C C   . THR A 1 12 ? -2.954  -5.742  6.659   1.00 80.12  ? 49  THR A C   1 
ATOM   68  O O   . THR A 1 12 ? -3.772  -6.473  6.102   1.00 76.88  ? 49  THR A O   1 
ATOM   69  C CB  . THR A 1 12 ? -3.596  -3.904  8.239   1.00 84.16  ? 49  THR A CB  1 
ATOM   70  O OG1 . THR A 1 12 ? -4.884  -4.455  8.539   1.00 83.12  ? 49  THR A OG1 1 
ATOM   71  C CG2 . THR A 1 12 ? -3.638  -2.396  8.435   1.00 84.39  ? 49  THR A CG2 1 
ATOM   72  N N   . ALA A 1 13 ? -1.816  -6.191  7.180   1.00 84.27  ? 50  ALA A N   1 
ATOM   73  C CA  . ALA A 1 13 ? -1.398  -7.585  7.043   1.00 85.34  ? 50  ALA A CA  1 
ATOM   74  C C   . ALA A 1 13 ? -2.398  -8.586  7.621   1.00 86.28  ? 50  ALA A C   1 
ATOM   75  O O   . ALA A 1 13 ? -2.498  -9.717  7.145   1.00 85.08  ? 50  ALA A O   1 
ATOM   76  C CB  . ALA A 1 13 ? -0.021  -7.789  7.659   1.00 90.71  ? 50  ALA A CB  1 
ATOM   77  N N   . ASP A 1 14 ? -3.139  -8.162  8.638   1.00 107.18 ? 51  ASP A N   1 
ATOM   78  C CA  . ASP A 1 14 ? -4.111  -9.030  9.294   1.00 108.71 ? 51  ASP A CA  1 
ATOM   79  C C   . ASP A 1 14 ? -5.509  -8.895  8.690   1.00 103.83 ? 51  ASP A C   1 
ATOM   80  O O   . ASP A 1 14 ? -6.483  -9.401  9.249   1.00 104.95 ? 51  ASP A O   1 
ATOM   81  C CB  . ASP A 1 14 ? -4.149  -8.734  10.795  1.00 114.57 ? 51  ASP A CB  1 
ATOM   82  C CG  . ASP A 1 14 ? -4.005  -7.254  11.102  1.00 115.07 ? 51  ASP A CG  1 
ATOM   83  O OD1 . ASP A 1 14 ? -3.412  -6.527  10.277  1.00 112.30 ? 51  ASP A OD1 1 
ATOM   84  O OD2 . ASP A 1 14 ? -4.479  -6.818  12.172  1.00 118.49 ? 51  ASP A OD2 1 
ATOM   85  N N   . ARG A 1 15 ? -5.589  -8.216  7.546   1.00 97.70  ? 52  ARG A N   1 
ATOM   86  C CA  . ARG A 1 15 ? -6.860  -7.909  6.879   1.00 92.95  ? 52  ARG A CA  1 
ATOM   87  C C   . ARG A 1 15 ? -7.854  -7.248  7.821   1.00 94.50  ? 52  ARG A C   1 
ATOM   88  O O   . ARG A 1 15 ? -9.062  -7.475  7.726   1.00 92.65  ? 52  ARG A O   1 
ATOM   89  C CB  . ARG A 1 15 ? -7.489  -9.160  6.265   1.00 90.86  ? 52  ARG A CB  1 
ATOM   90  C CG  . ARG A 1 15 ? -7.087  -9.413  4.831   1.00 86.52  ? 52  ARG A CG  1 
ATOM   91  C CD  . ARG A 1 15 ? -5.655  -9.890  4.727   1.00 88.65  ? 52  ARG A CD  1 
ATOM   92  N NE  . ARG A 1 15 ? -5.444  -10.594 3.468   1.00 85.24  ? 52  ARG A NE  1 
ATOM   93  C CZ  . ARG A 1 15 ? -4.320  -11.214 3.127   1.00 86.36  ? 52  ARG A CZ  1 
ATOM   94  N NH1 . ARG A 1 15 ? -3.282  -11.221 3.953   1.00 90.85  ? 52  ARG A NH1 1 
ATOM   95  N NH2 . ARG A 1 15 ? -4.239  -11.827 1.956   1.00 83.14  ? 52  ARG A NH2 1 
ATOM   96  N N   A LYS A 1 16 ? -7.331  -6.436  8.734   0.55 84.69  ? 53  LYS A N   1 
ATOM   97  N N   B LYS A 1 16 ? -7.348  -6.423  8.729   0.45 84.63  ? 53  LYS A N   1 
ATOM   98  C CA  A LYS A 1 16 ? -8.144  -5.797  9.759   0.55 87.06  ? 53  LYS A CA  1 
ATOM   99  C CA  B LYS A 1 16 ? -8.196  -5.808  9.736   0.45 86.89  ? 53  LYS A CA  1 
ATOM   100 C C   A LYS A 1 16 ? -8.845  -4.558  9.213   0.55 82.99  ? 53  LYS A C   1 
ATOM   101 C C   B LYS A 1 16 ? -8.864  -4.541  9.213   0.45 82.95  ? 53  LYS A C   1 
ATOM   102 O O   A LYS A 1 16 ? -10.072 -4.516  9.122   0.55 80.84  ? 53  LYS A O   1 
ATOM   103 O O   B LYS A 1 16 ? -10.092 -4.461  9.139   0.45 80.84  ? 53  LYS A O   1 
ATOM   104 C CB  A LYS A 1 16 ? -7.280  -5.424  10.968  0.55 93.12  ? 53  LYS A CB  1 
ATOM   105 C CB  B LYS A 1 16 ? -7.390  -5.503  10.999  0.45 93.11  ? 53  LYS A CB  1 
ATOM   106 C CG  A LYS A 1 16 ? -8.074  -5.166  12.243  0.55 97.04  ? 53  LYS A CG  1 
ATOM   107 C CG  B LYS A 1 16 ? -8.106  -5.883  12.285  0.45 97.64  ? 53  LYS A CG  1 
ATOM   108 C CD  A LYS A 1 16 ? -7.265  -4.380  13.271  0.55 102.38 ? 53  LYS A CD  1 
ATOM   109 C CD  B LYS A 1 16 ? -8.138  -7.394  12.483  0.45 99.57  ? 53  LYS A CD  1 
ATOM   110 C CE  A LYS A 1 16 ? -6.697  -5.267  14.374  0.55 108.76 ? 53  LYS A CE  1 
ATOM   111 C CE  B LYS A 1 16 ? -9.315  -7.819  13.353  0.45 101.92 ? 53  LYS A CE  1 
ATOM   112 N NZ  A LYS A 1 16 ? -6.074  -4.462  15.468  0.55 114.43 ? 53  LYS A NZ  1 
ATOM   113 N NZ  B LYS A 1 16 ? -9.190  -9.237  13.795  0.45 105.32 ? 53  LYS A NZ  1 
ATOM   114 N N   . VAL A 1 17 ? -8.056  -3.551  8.850   1.00 73.31  ? 54  VAL A N   1 
ATOM   115 C CA  . VAL A 1 17 ? -8.598  -2.296  8.345   1.00 69.85  ? 54  VAL A CA  1 
ATOM   116 C C   . VAL A 1 17 ? -8.172  -2.009  6.903   1.00 63.29  ? 54  VAL A C   1 
ATOM   117 O O   . VAL A 1 17 ? -7.000  -2.158  6.541   1.00 64.72  ? 54  VAL A O   1 
ATOM   118 C CB  . VAL A 1 17 ? -8.271  -1.105  9.296   1.00 73.70  ? 54  VAL A CB  1 
ATOM   119 C CG1 . VAL A 1 17 ? -7.340  -1.551  10.422  1.00 80.03  ? 54  VAL A CG1 1 
ATOM   120 C CG2 . VAL A 1 17 ? -7.682  0.080   8.535   1.00 71.37  ? 54  VAL A CG2 1 
ATOM   121 N N   A ARG A 1 18 ? -9.139  -1.605  6.085   0.42 64.93  ? 55  ARG A N   1 
ATOM   122 N N   B ARG A 1 18 ? -9.143  -1.629  6.077   0.58 64.89  ? 55  ARG A N   1 
ATOM   123 C CA  A ARG A 1 18 ? -8.880  -1.227  4.702   0.42 58.34  ? 55  ARG A CA  1 
ATOM   124 C CA  B ARG A 1 18 ? -8.882  -1.218  4.703   0.58 58.34  ? 55  ARG A CA  1 
ATOM   125 C C   A ARG A 1 18 ? -9.277  0.230   4.502   0.42 55.24  ? 55  ARG A C   1 
ATOM   126 C C   B ARG A 1 18 ? -9.261  0.247   4.549   0.58 55.52  ? 55  ARG A C   1 
ATOM   127 O O   A ARG A 1 18 ? -10.406 0.618   4.808   0.42 54.00  ? 55  ARG A O   1 
ATOM   128 O O   B ARG A 1 18 ? -10.359 0.654   4.931   0.58 54.74  ? 55  ARG A O   1 
ATOM   129 C CB  A ARG A 1 18 ? -9.665  -2.128  3.748   0.42 52.68  ? 55  ARG A CB  1 
ATOM   130 C CB  B ARG A 1 18 ? -9.690  -2.071  3.726   0.58 52.45  ? 55  ARG A CB  1 
ATOM   131 C CG  A ARG A 1 18 ? -9.505  -3.611  4.045   0.42 56.17  ? 55  ARG A CG  1 
ATOM   132 C CG  B ARG A 1 18 ? -9.241  -3.520  3.650   0.58 54.99  ? 55  ARG A CG  1 
ATOM   133 C CD  A ARG A 1 18 ? -9.977  -4.471  2.886   0.42 50.91  ? 55  ARG A CD  1 
ATOM   134 C CD  B ARG A 1 18 ? -10.398 -4.431  3.287   0.58 51.51  ? 55  ARG A CD  1 
ATOM   135 N NE  A ARG A 1 18 ? -9.359  -5.794  2.918   0.42 54.50  ? 55  ARG A NE  1 
ATOM   136 N NE  B ARG A 1 18 ? -11.537 -4.218  4.174   0.58 52.61  ? 55  ARG A NE  1 
ATOM   137 C CZ  A ARG A 1 18 ? -9.476  -6.699  1.952   0.42 51.47  ? 55  ARG A CZ  1 
ATOM   138 C CZ  B ARG A 1 18 ? -11.646 -4.736  5.393   0.58 59.02  ? 55  ARG A CZ  1 
ATOM   139 N NH1 A ARG A 1 18 ? -10.194 -6.428  0.870   0.42 44.81  ? 55  ARG A NH1 1 
ATOM   140 N NH1 B ARG A 1 18 ? -10.678 -5.500  5.881   0.58 64.61  ? 55  ARG A NH1 1 
ATOM   141 N NH2 A ARG A 1 18 ? -8.876  -7.876  2.067   0.42 55.36  ? 55  ARG A NH2 1 
ATOM   142 N NH2 B ARG A 1 18 ? -12.720 -4.486  6.127   0.58 60.31  ? 55  ARG A NH2 1 
ATOM   143 N N   . LYS A 1 19 ? -8.352  1.038   3.992   1.00 48.01  ? 56  LYS A N   1 
ATOM   144 C CA  . LYS A 1 19 ? -8.574  2.473   3.893   1.00 46.58  ? 56  LYS A CA  1 
ATOM   145 C C   . LYS A 1 19 ? -8.244  3.049   2.520   1.00 41.13  ? 56  LYS A C   1 
ATOM   146 O O   . LYS A 1 19 ? -7.314  2.593   1.847   1.00 42.19  ? 56  LYS A O   1 
ATOM   147 C CB  . LYS A 1 19 ? -7.777  3.192   4.985   1.00 54.52  ? 56  LYS A CB  1 
ATOM   148 C CG  . LYS A 1 19 ? -8.380  4.508   5.432   1.00 57.21  ? 56  LYS A CG  1 
ATOM   149 C CD  . LYS A 1 19 ? -7.738  5.003   6.717   1.00 66.20  ? 56  LYS A CD  1 
ATOM   150 C CE  . LYS A 1 19 ? -8.225  4.222   7.930   1.00 70.16  ? 56  LYS A CE  1 
ATOM   151 N NZ  . LYS A 1 19 ? -7.714  4.804   9.203   1.00 76.49  ? 56  LYS A NZ  1 
ATOM   152 N N   . GLY A 1 20 ? -9.018  4.051   2.114   1.00 31.56  ? 57  GLY A N   1 
ATOM   153 C CA  . GLY A 1 20 ? -8.810  4.718   0.842   1.00 30.16  ? 57  GLY A CA  1 
ATOM   154 C C   . GLY A 1 20 ? -7.873  5.902   0.983   1.00 35.95  ? 57  GLY A C   1 
ATOM   155 O O   . GLY A 1 20 ? -8.095  6.790   1.810   1.00 40.34  ? 57  GLY A O   1 
ATOM   156 N N   . ILE A 1 21 ? -6.816  5.909   0.178   1.00 34.74  ? 58  ILE A N   1 
ATOM   157 C CA  . ILE A 1 21 ? -5.805  6.952   0.246   1.00 39.17  ? 58  ILE A CA  1 
ATOM   158 C C   . ILE A 1 21 ? -5.476  7.485   -1.140  1.00 37.34  ? 58  ILE A C   1 
ATOM   159 O O   . ILE A 1 21 ? -5.149  6.722   -2.049  1.00 34.48  ? 58  ILE A O   1 
ATOM   160 C CB  . ILE A 1 21 ? -4.505  6.426   0.882   1.00 40.43  ? 58  ILE A CB  1 
ATOM   161 C CG1 . ILE A 1 21 ? -4.778  5.854   2.277   1.00 42.24  ? 58  ILE A CG1 1 
ATOM   162 C CG2 . ILE A 1 21 ? -3.462  7.531   0.950   1.00 44.19  ? 58  ILE A CG2 1 
ATOM   163 C CD1 . ILE A 1 21 ? -3.593  5.151   2.896   1.00 46.36  ? 58  ILE A CD1 1 
ATOM   164 N N   . MET A 1 22 ? -5.568  8.799   -1.302  1.00 54.13  ? 59  MET A N   1 
ATOM   165 C CA  . MET A 1 22 ? -5.123  9.426   -2.537  1.00 52.75  ? 59  MET A CA  1 
ATOM   166 C C   . MET A 1 22 ? -3.600  9.521   -2.527  1.00 56.49  ? 59  MET A C   1 
ATOM   167 O O   . MET A 1 22 ? -3.011  10.052  -1.584  1.00 60.28  ? 59  MET A O   1 
ATOM   168 C CB  . MET A 1 22 ? -5.751  10.809  -2.698  1.00 53.00  ? 59  MET A CB  1 
ATOM   169 C CG  . MET A 1 22 ? -7.264  10.777  -2.835  1.00 48.86  ? 59  MET A CG  1 
ATOM   170 S SD  . MET A 1 22 ? -7.808  9.682   -4.165  1.00 43.00  ? 59  MET A SD  1 
ATOM   171 C CE  . MET A 1 22 ? -7.063  10.480  -5.589  1.00 43.25  ? 59  MET A CE  1 
ATOM   172 N N   . ALA A 1 23 ? -2.966  8.994   -3.572  1.00 51.65  ? 60  ALA A N   1 
ATOM   173 C CA  . ALA A 1 23 ? -1.508  9.002   -3.663  1.00 53.40  ? 60  ALA A CA  1 
ATOM   174 C C   . ALA A 1 23 ? -1.000  9.583   -4.981  1.00 51.32  ? 60  ALA A C   1 
ATOM   175 O O   . ALA A 1 23 ? -1.424  9.164   -6.057  1.00 47.37  ? 60  ALA A O   1 
ATOM   176 C CB  . ALA A 1 23 ? -0.964  7.597   -3.467  1.00 53.84  ? 60  ALA A CB  1 
ATOM   177 N N   A HIS A 1 24 ? -0.098  10.556  -4.908  0.53 56.56  ? 61  HIS A N   1 
ATOM   178 N N   B HIS A 1 24 ? -0.072  10.531  -4.865  0.47 56.68  ? 61  HIS A N   1 
ATOM   179 C CA  A HIS A 1 24 ? 0.479   11.134  -6.121  0.53 55.17  ? 61  HIS A CA  1 
ATOM   180 C CA  B HIS A 1 24 ? 0.512   11.192  -6.025  0.47 55.51  ? 61  HIS A CA  1 
ATOM   181 C C   A HIS A 1 24 ? 1.470   10.179  -6.772  0.53 55.74  ? 61  HIS A C   1 
ATOM   182 C C   B HIS A 1 24 ? 1.535   10.290  -6.729  0.47 56.09  ? 61  HIS A C   1 
ATOM   183 O O   A HIS A 1 24 ? 1.589   10.133  -7.996  0.53 53.39  ? 61  HIS A O   1 
ATOM   184 O O   B HIS A 1 24 ? 1.695   10.363  -7.948  0.47 53.96  ? 61  HIS A O   1 
ATOM   185 C CB  A HIS A 1 24 ? 1.172   12.460  -5.821  0.53 58.68  ? 61  HIS A CB  1 
ATOM   186 C CB  B HIS A 1 24 ? 1.098   12.592  -5.702  0.47 58.99  ? 61  HIS A CB  1 
ATOM   187 C CG  A HIS A 1 24 ? 0.317   13.661  -6.070  0.53 58.58  ? 61  HIS A CG  1 
ATOM   188 C CG  B HIS A 1 24 ? 1.303   12.886  -4.238  0.47 63.33  ? 61  HIS A CG  1 
ATOM   189 N ND1 A HIS A 1 24 ? -0.390  14.291  -5.069  0.53 62.43  ? 61  HIS A ND1 1 
ATOM   190 N ND1 B HIS A 1 24 ? 2.420   13.553  -3.777  0.47 71.33  ? 61  HIS A ND1 1 
ATOM   191 C CD2 A HIS A 1 24 ? 0.061   14.355  -7.205  0.53 57.67  ? 61  HIS A CD2 1 
ATOM   192 C CD2 B HIS A 1 24 ? 0.525   12.670  -3.152  0.47 65.41  ? 61  HIS A CD2 1 
ATOM   193 C CE1 A HIS A 1 24 ? -1.046  15.319  -5.576  0.53 63.44  ? 61  HIS A CE1 1 
ATOM   194 C CE1 B HIS A 1 24 ? 2.333   13.704  -2.467  0.47 77.30  ? 61  HIS A CE1 1 
ATOM   195 N NE2 A HIS A 1 24 ? -0.788  15.379  -6.872  0.53 59.49  ? 61  HIS A NE2 1 
ATOM   196 N NE2 B HIS A 1 24 ? 1.196   13.172  -2.060  0.47 73.61  ? 61  HIS A NE2 1 
ATOM   197 N N   . SER A 1 25 ? 2.202   9.440   -5.948  1.00 44.59  ? 62  SER A N   1 
ATOM   198 C CA  . SER A 1 25 ? 3.066   8.370   -6.458  1.00 44.30  ? 62  SER A CA  1 
ATOM   199 C C   . SER A 1 25 ? 3.365   7.351   -5.355  1.00 46.91  ? 62  SER A C   1 
ATOM   200 O O   . SER A 1 25 ? 2.908   7.507   -4.220  1.00 48.45  ? 62  SER A O   1 
ATOM   201 C CB  . SER A 1 25 ? 4.358   8.897   -7.102  1.00 48.15  ? 62  SER A CB  1 
ATOM   202 O OG  . SER A 1 25 ? 5.046   9.809   -6.275  1.00 53.76  ? 62  SER A OG  1 
ATOM   203 N N   . LEU A 1 26 ? 4.117   6.309   -5.705  1.00 52.48  ? 63  LEU A N   1 
ATOM   204 C CA  . LEU A 1 26 ? 4.496   5.245   -4.774  1.00 54.32  ? 63  LEU A CA  1 
ATOM   205 C C   . LEU A 1 26 ? 5.152   5.789   -3.510  1.00 60.18  ? 63  LEU A C   1 
ATOM   206 O O   . LEU A 1 26 ? 4.749   5.456   -2.390  1.00 61.48  ? 63  LEU A O   1 
ATOM   207 C CB  . LEU A 1 26 ? 5.454   4.273   -5.468  1.00 54.54  ? 63  LEU A CB  1 
ATOM   208 C CG  . LEU A 1 26 ? 5.999   3.091   -4.666  1.00 56.82  ? 63  LEU A CG  1 
ATOM   209 C CD1 . LEU A 1 26 ? 4.860   2.282   -4.091  1.00 53.93  ? 63  LEU A CD1 1 
ATOM   210 C CD2 . LEU A 1 26 ? 6.874   2.218   -5.548  1.00 56.59  ? 63  LEU A CD2 1 
ATOM   211 N N   . GLU A 1 27 ? 6.166   6.624   -3.711  1.00 81.09  ? 64  GLU A N   1 
ATOM   212 C CA  . GLU A 1 27 ? 6.935   7.219   -2.626  1.00 87.39  ? 64  GLU A CA  1 
ATOM   213 C C   . GLU A 1 27 ? 6.013   7.917   -1.642  1.00 88.53  ? 64  GLU A C   1 
ATOM   214 O O   . GLU A 1 27 ? 6.089   7.702   -0.426  1.00 92.05  ? 64  GLU A O   1 
ATOM   215 C CB  . GLU A 1 27 ? 7.909   8.248   -3.199  1.00 90.93  ? 64  GLU A CB  1 
ATOM   216 C CG  . GLU A 1 27 ? 9.282   8.221   -2.567  1.00 97.31  ? 64  GLU A CG  1 
ATOM   217 C CD  . GLU A 1 27 ? 9.805   9.607   -2.245  1.00 102.58 ? 64  GLU A CD  1 
ATOM   218 O OE1 . GLU A 1 27 ? 8.992   10.552  -2.201  1.00 101.73 ? 64  GLU A OE1 1 
ATOM   219 O OE2 . GLU A 1 27 ? 11.027  9.758   -2.035  1.00 107.91 ? 64  GLU A OE2 1 
ATOM   220 N N   . ASP A 1 28 ? 5.141   8.745   -2.203  1.00 90.11  ? 65  ASP A N   1 
ATOM   221 C CA  . ASP A 1 28 ? 4.226   9.584   -1.456  1.00 89.39  ? 65  ASP A CA  1 
ATOM   222 C C   . ASP A 1 28 ? 3.233   8.746   -0.667  1.00 86.91  ? 65  ASP A C   1 
ATOM   223 O O   . ASP A 1 28 ? 2.936   9.039   0.493   1.00 90.49  ? 65  ASP A O   1 
ATOM   224 C CB  . ASP A 1 28 ? 3.477   10.471  -2.440  1.00 83.30  ? 65  ASP A CB  1 
ATOM   225 C CG  . ASP A 1 28 ? 4.338   10.864  -3.635  1.00 83.59  ? 65  ASP A CG  1 
ATOM   226 O OD1 . ASP A 1 28 ? 5.156   10.026  -4.069  1.00 85.18  ? 65  ASP A OD1 1 
ATOM   227 O OD2 . ASP A 1 28 ? 4.227   12.004  -4.138  1.00 82.79  ? 65  ASP A OD2 1 
ATOM   228 N N   . LEU A 1 29 ? 2.710   7.709   -1.314  1.00 58.49  ? 66  LEU A N   1 
ATOM   229 C CA  . LEU A 1 29 ? 1.811   6.776   -0.655  1.00 56.54  ? 66  LEU A CA  1 
ATOM   230 C C   . LEU A 1 29 ? 2.515   6.178   0.548   1.00 62.98  ? 66  LEU A C   1 
ATOM   231 O O   . LEU A 1 29 ? 1.985   6.187   1.657   1.00 64.98  ? 66  LEU A O   1 
ATOM   232 C CB  . LEU A 1 29 ? 1.395   5.659   -1.609  1.00 52.10  ? 66  LEU A CB  1 
ATOM   233 C CG  . LEU A 1 29 ? 0.475   4.607   -0.992  1.00 50.22  ? 66  LEU A CG  1 
ATOM   234 C CD1 . LEU A 1 29 ? -0.792  5.263   -0.469  1.00 47.38  ? 66  LEU A CD1 1 
ATOM   235 C CD2 . LEU A 1 29 ? 0.142   3.516   -1.998  1.00 44.88  ? 66  LEU A CD2 1 
ATOM   236 N N   . LEU A 1 30 ? 3.718   5.664   0.321   1.00 67.35  ? 67  LEU A N   1 
ATOM   237 C CA  . LEU A 1 30 ? 4.498   5.077   1.402   1.00 72.27  ? 67  LEU A CA  1 
ATOM   238 C C   . LEU A 1 30 ? 4.785   6.079   2.526   1.00 78.35  ? 67  LEU A C   1 
ATOM   239 O O   . LEU A 1 30 ? 4.924   5.694   3.687   1.00 82.13  ? 67  LEU A O   1 
ATOM   240 C CB  . LEU A 1 30 ? 5.785   4.434   0.869   1.00 73.54  ? 67  LEU A CB  1 
ATOM   241 C CG  . LEU A 1 30 ? 5.708   2.914   0.682   1.00 71.03  ? 67  LEU A CG  1 
ATOM   242 C CD1 . LEU A 1 30 ? 5.214   2.266   1.962   1.00 73.05  ? 67  LEU A CD1 1 
ATOM   243 C CD2 . LEU A 1 30 ? 4.819   2.527   -0.492  1.00 64.36  ? 67  LEU A CD2 1 
ATOM   244 N N   . ASN A 1 31 ? 4.856   7.360   2.175   1.00 90.11  ? 68  ASN A N   1 
ATOM   245 C CA  . ASN A 1 31 ? 4.964   8.419   3.174   1.00 95.54  ? 68  ASN A CA  1 
ATOM   246 C C   . ASN A 1 31 ? 3.676   8.558   3.994   1.00 94.54  ? 68  ASN A C   1 
ATOM   247 O O   . ASN A 1 31 ? 3.720   8.677   5.220   1.00 99.13  ? 68  ASN A O   1 
ATOM   248 C CB  . ASN A 1 31 ? 5.334   9.761   2.521   1.00 96.91  ? 68  ASN A CB  1 
ATOM   249 C CG  . ASN A 1 31 ? 6.777   9.802   2.031   1.00 100.08 ? 68  ASN A CG  1 
ATOM   250 O OD1 . ASN A 1 31 ? 7.640   9.080   2.531   1.00 103.25 ? 68  ASN A OD1 1 
ATOM   251 N ND2 . ASN A 1 31 ? 7.042   10.658  1.050   1.00 99.45  ? 68  ASN A ND2 1 
ATOM   252 N N   . LYS A 1 32 ? 2.537   8.501   3.308   1.00 86.99  ? 69  LYS A N   1 
ATOM   253 C CA  . LYS A 1 32 ? 1.230   8.770   3.912   1.00 85.57  ? 69  LYS A CA  1 
ATOM   254 C C   . LYS A 1 32 ? 0.690   7.642   4.793   1.00 85.27  ? 69  LYS A C   1 
ATOM   255 O O   . LYS A 1 32 ? 0.186   7.885   5.894   1.00 88.06  ? 69  LYS A O   1 
ATOM   256 C CB  . LYS A 1 32 ? 0.203   9.095   2.821   1.00 78.14  ? 69  LYS A CB  1 
ATOM   257 C CG  . LYS A 1 32 ? -0.415  10.472  2.953   1.00 80.28  ? 69  LYS A CG  1 
ATOM   258 C CD  . LYS A 1 32 ? -0.157  11.314  1.720   1.00 77.50  ? 69  LYS A CD  1 
ATOM   259 C CE  . LYS A 1 32 ? -1.433  11.528  0.931   1.00 71.55  ? 69  LYS A CE  1 
ATOM   260 N NZ  . LYS A 1 32 ? -1.190  12.378  -0.262  1.00 69.72  ? 69  LYS A NZ  1 
ATOM   261 N N   . VAL A 1 33 ? 0.797   6.414   4.291   1.00 76.67  ? 70  VAL A N   1 
ATOM   262 C CA  . VAL A 1 33 ? 0.182   5.239   4.916   1.00 75.50  ? 70  VAL A CA  1 
ATOM   263 C C   . VAL A 1 33 ? 0.580   5.008   6.385   1.00 81.59  ? 70  VAL A C   1 
ATOM   264 O O   . VAL A 1 33 ? -0.213  4.489   7.168   1.00 81.61  ? 70  VAL A O   1 
ATOM   265 C CB  . VAL A 1 33 ? 0.392   3.955   4.053   1.00 71.42  ? 70  VAL A CB  1 
ATOM   266 C CG1 . VAL A 1 33 ? 1.874   3.735   3.748   1.00 74.25  ? 70  VAL A CG1 1 
ATOM   267 C CG2 . VAL A 1 33 ? -0.234  2.730   4.719   1.00 70.95  ? 70  VAL A CG2 1 
ATOM   268 N N   . GLN A 1 34 ? 1.789   5.415   6.767   1.00 82.52  ? 71  GLN A N   1 
ATOM   269 C CA  . GLN A 1 34 ? 2.230   5.252   8.156   1.00 88.82  ? 71  GLN A CA  1 
ATOM   270 C C   . GLN A 1 34 ? 1.338   6.016   9.130   1.00 90.98  ? 71  GLN A C   1 
ATOM   271 O O   . GLN A 1 34 ? 0.874   5.462   10.123  1.00 92.82  ? 71  GLN A O   1 
ATOM   272 C CB  . GLN A 1 34 ? 3.690   5.684   8.344   1.00 94.51  ? 71  GLN A CB  1 
ATOM   273 C CG  . GLN A 1 34 ? 4.194   5.530   9.781   1.00 101.48 ? 71  GLN A CG  1 
ATOM   274 C CD  . GLN A 1 34 ? 5.547   6.185   10.019  1.00 107.61 ? 71  GLN A CD  1 
ATOM   275 O OE1 . GLN A 1 34 ? 5.951   7.091   9.289   1.00 107.36 ? 71  GLN A OE1 1 
ATOM   276 N NE2 . GLN A 1 34 ? 6.252   5.727   11.048  1.00 113.40 ? 71  GLN A NE2 1 
ATOM   277 N N   . ASP A 1 35 ? 1.104   7.291   8.837   1.00 91.94  ? 72  ASP A N   1 
ATOM   278 C CA  . ASP A 1 35 ? 0.267   8.132   9.685   1.00 94.00  ? 72  ASP A CA  1 
ATOM   279 C C   . ASP A 1 35 ? -1.220  7.989   9.370   1.00 88.30  ? 72  ASP A C   1 
ATOM   280 O O   . ASP A 1 35 ? -2.067  8.350   10.189  1.00 89.64  ? 72  ASP A O   1 
ATOM   281 C CB  . ASP A 1 35 ? 0.695   9.602   9.597   1.00 97.15  ? 72  ASP A CB  1 
ATOM   282 C CG  . ASP A 1 35 ? 1.828   9.938   10.549  1.00 104.85 ? 72  ASP A CG  1 
ATOM   283 O OD1 . ASP A 1 35 ? 1.888   9.332   11.640  1.00 108.47 ? 72  ASP A OD1 1 
ATOM   284 O OD2 . ASP A 1 35 ? 2.651   10.813  10.210  1.00 107.53 ? 72  ASP A OD2 1 
ATOM   285 N N   . ILE A 1 36 ? -1.545  7.465   8.192   1.00 76.25  ? 73  ILE A N   1 
ATOM   286 C CA  . ILE A 1 36 ? -2.951  7.245   7.860   1.00 70.87  ? 73  ILE A CA  1 
ATOM   287 C C   . ILE A 1 36 ? -3.511  5.973   8.524   1.00 70.26  ? 73  ILE A C   1 
ATOM   288 O O   . ILE A 1 36 ? -4.631  5.976   9.039   1.00 69.34  ? 73  ILE A O   1 
ATOM   289 C CB  . ILE A 1 36 ? -3.201  7.245   6.332   1.00 64.61  ? 73  ILE A CB  1 
ATOM   290 C CG1 . ILE A 1 36 ? -2.986  8.651   5.766   1.00 65.17  ? 73  ILE A CG1 1 
ATOM   291 C CG2 . ILE A 1 36 ? -4.609  6.779   6.013   1.00 59.20  ? 73  ILE A CG2 1 
ATOM   292 C CD1 . ILE A 1 36 ? -3.464  8.837   4.343   1.00 59.25  ? 73  ILE A CD1 1 
ATOM   293 N N   . LEU A 1 37 ? -2.715  4.905   8.539   1.00 63.87  ? 74  LEU A N   1 
ATOM   294 C CA  . LEU A 1 37 ? -3.141  3.608   9.075   1.00 64.26  ? 74  LEU A CA  1 
ATOM   295 C C   . LEU A 1 37 ? -2.720  3.359   10.526  1.00 71.16  ? 74  LEU A C   1 
ATOM   296 O O   . LEU A 1 37 ? -2.837  2.236   11.018  1.00 72.55  ? 74  LEU A O   1 
ATOM   297 C CB  . LEU A 1 37 ? -2.592  2.469   8.210   1.00 61.62  ? 74  LEU A CB  1 
ATOM   298 C CG  . LEU A 1 37 ? -3.300  2.181   6.891   1.00 54.66  ? 74  LEU A CG  1 
ATOM   299 C CD1 . LEU A 1 37 ? -2.843  0.850   6.317   1.00 53.24  ? 74  LEU A CD1 1 
ATOM   300 C CD2 . LEU A 1 37 ? -4.800  2.185   7.109   1.00 52.16  ? 74  LEU A CD2 1 
ATOM   301 N N   . LYS A 1 38 ? -2.235  4.401   11.198  1.00 75.60  ? 75  LYS A N   1 
ATOM   302 C CA  . LYS A 1 38 ? -1.668  4.275   12.545  1.00 82.79  ? 75  LYS A CA  1 
ATOM   303 C C   . LYS A 1 38 ? -0.583  3.198   12.615  1.00 85.30  ? 75  LYS A C   1 
ATOM   304 O O   . LYS A 1 38 ? -0.763  2.175   13.277  1.00 87.33  ? 75  LYS A O   1 
ATOM   305 C CB  . LYS A 1 38 ? -2.755  3.986   13.592  1.00 84.55  ? 75  LYS A CB  1 
ATOM   306 C CG  . LYS A 1 38 ? -3.465  5.212   14.157  1.00 86.03  ? 75  LYS A CG  1 
ATOM   307 C CD  . LYS A 1 38 ? -4.310  4.828   15.369  1.00 89.33  ? 75  LYS A CD  1 
ATOM   308 C CE  . LYS A 1 38 ? -4.572  6.021   16.277  1.00 93.62  ? 75  LYS A CE  1 
ATOM   309 N NZ  . LYS A 1 38 ? -3.309  6.720   16.641  1.00 98.90  ? 75  LYS A NZ  1 
ATOM   310 N N   . LEU A 1 39 ? 0.539   3.429   11.939  1.00 85.45  ? 76  LEU A N   1 
ATOM   311 C CA  . LEU A 1 39 ? 1.627   2.453   11.923  1.00 87.82  ? 76  LEU A CA  1 
ATOM   312 C C   . LEU A 1 39 ? 2.802   2.860   12.810  1.00 95.24  ? 76  LEU A C   1 
ATOM   313 O O   . LEU A 1 39 ? 3.278   3.993   12.750  1.00 97.11  ? 76  LEU A O   1 
ATOM   314 C CB  . LEU A 1 39 ? 2.089   2.180   10.491  1.00 82.84  ? 76  LEU A CB  1 
ATOM   315 C CG  . LEU A 1 39 ? 1.032   1.436   9.675   1.00 76.22  ? 76  LEU A CG  1 
ATOM   316 C CD1 . LEU A 1 39 ? 1.526   1.122   8.277   1.00 71.73  ? 76  LEU A CD1 1 
ATOM   317 C CD2 . LEU A 1 39 ? 0.613   0.163   10.401  1.00 77.76  ? 76  LEU A CD2 1 
ATOM   318 N N   . LYS A 1 40 ? 3.261   1.919   13.630  1.00 103.34 ? 77  LYS A N   1 
ATOM   319 C CA  . LYS A 1 40 ? 4.320   2.175   14.601  1.00 110.98 ? 77  LYS A CA  1 
ATOM   320 C C   . LYS A 1 40 ? 5.641   2.564   13.946  1.00 112.22 ? 77  LYS A C   1 
ATOM   321 O O   . LYS A 1 40 ? 6.392   3.379   14.482  1.00 117.58 ? 77  LYS A O   1 
ATOM   322 C CB  . LYS A 1 40 ? 4.509   0.950   15.492  1.00 115.07 ? 77  LYS A CB  1 
ATOM   323 C CG  . LYS A 1 40 ? 3.303   0.672   16.365  1.00 115.61 ? 77  LYS A CG  1 
ATOM   324 C CD  . LYS A 1 40 ? 3.268   -0.767  16.818  1.00 117.28 ? 77  LYS A CD  1 
ATOM   325 C CE  . LYS A 1 40 ? 2.483   -0.919  18.105  1.00 121.38 ? 77  LYS A CE  1 
ATOM   326 N NZ  . LYS A 1 40 ? 2.521   -2.326  18.585  1.00 123.74 ? 77  LYS A NZ  1 
ATOM   327 N N   . ASP A 1 41 ? 5.921   1.976   12.790  1.00 142.61 ? 78  ASP A N   1 
ATOM   328 C CA  . ASP A 1 41 ? 7.092   2.359   12.011  1.00 143.13 ? 78  ASP A CA  1 
ATOM   329 C C   . ASP A 1 41 ? 6.763   2.369   10.523  1.00 135.73 ? 78  ASP A C   1 
ATOM   330 O O   . ASP A 1 41 ? 5.880   1.641   10.069  1.00 130.60 ? 78  ASP A O   1 
ATOM   331 C CB  . ASP A 1 41 ? 8.285   1.448   12.318  1.00 147.68 ? 78  ASP A CB  1 
ATOM   332 C CG  . ASP A 1 41 ? 7.896   -0.013  12.420  1.00 146.04 ? 78  ASP A CG  1 
ATOM   333 O OD1 . ASP A 1 41 ? 6.705   -0.299  12.667  1.00 143.30 ? 78  ASP A OD1 1 
ATOM   334 O OD2 . ASP A 1 41 ? 8.785   -0.876  12.265  1.00 147.76 ? 78  ASP A OD2 1 
ATOM   335 N N   . LYS A 1 42 ? 7.470   3.209   9.772   1.00 118.78 ? 79  LYS A N   1 
ATOM   336 C CA  . LYS A 1 42 ? 7.177   3.405   8.356   1.00 112.28 ? 79  LYS A CA  1 
ATOM   337 C C   . LYS A 1 42 ? 7.368   2.127   7.543   1.00 108.66 ? 79  LYS A C   1 
ATOM   338 O O   . LYS A 1 42 ? 8.397   1.459   7.660   1.00 111.94 ? 79  LYS A O   1 
ATOM   339 C CB  . LYS A 1 42 ? 8.029   4.541   7.782   1.00 114.14 ? 79  LYS A CB  1 
ATOM   340 C CG  . LYS A 1 42 ? 7.782   4.817   6.309   1.00 108.14 ? 79  LYS A CG  1 
ATOM   341 C CD  . LYS A 1 42 ? 7.963   6.289   5.972   1.00 109.74 ? 79  LYS A CD  1 
ATOM   342 C CE  . LYS A 1 42 ? 9.382   6.758   6.247   1.00 116.29 ? 79  LYS A CE  1 
ATOM   343 N NZ  . LYS A 1 42 ? 9.555   8.202   5.924   1.00 118.16 ? 79  LYS A NZ  1 
ATOM   344 N N   . PRO A 1 43 ? 6.363   1.779   6.726   1.00 80.71  ? 80  PRO A N   1 
ATOM   345 C CA  . PRO A 1 43 ? 6.425   0.590   5.869   1.00 76.92  ? 80  PRO A CA  1 
ATOM   346 C C   . PRO A 1 43 ? 7.556   0.711   4.854   1.00 76.79  ? 80  PRO A C   1 
ATOM   347 O O   . PRO A 1 43 ? 7.908   1.825   4.466   1.00 77.31  ? 80  PRO A O   1 
ATOM   348 C CB  . PRO A 1 43 ? 5.072   0.601   5.150   1.00 70.16  ? 80  PRO A CB  1 
ATOM   349 C CG  . PRO A 1 43 ? 4.189   1.466   5.980   1.00 71.10  ? 80  PRO A CG  1 
ATOM   350 C CD  . PRO A 1 43 ? 5.083   2.495   6.587   1.00 76.73  ? 80  PRO A CD  1 
ATOM   351 N N   . PHE A 1 44 ? 8.113   -0.419  4.429   1.00 77.25  ? 81  PHE A N   1 
ATOM   352 C CA  . PHE A 1 44 ? 9.263   -0.412  3.530   1.00 77.74  ? 81  PHE A CA  1 
ATOM   353 C C   . PHE A 1 44 ? 8.906   -0.870  2.119   1.00 71.48  ? 81  PHE A C   1 
ATOM   354 O O   . PHE A 1 44 ? 9.595   -0.528  1.154   1.00 70.75  ? 81  PHE A O   1 
ATOM   355 C CB  . PHE A 1 44 ? 10.387  -1.285  4.098   1.00 82.90  ? 81  PHE A CB  1 
ATOM   356 C CG  . PHE A 1 44 ? 11.662  -1.234  3.301   1.00 84.37  ? 81  PHE A CG  1 
ATOM   357 C CD1 . PHE A 1 44 ? 12.131  -2.360  2.642   1.00 82.99  ? 81  PHE A CD1 1 
ATOM   358 C CD2 . PHE A 1 44 ? 12.389  -0.059  3.207   1.00 87.39  ? 81  PHE A CD2 1 
ATOM   359 C CE1 . PHE A 1 44 ? 13.305  -2.314  1.909   1.00 84.52  ? 81  PHE A CE1 1 
ATOM   360 C CE2 . PHE A 1 44 ? 13.563  -0.009  2.474   1.00 89.06  ? 81  PHE A CE2 1 
ATOM   361 C CZ  . PHE A 1 44 ? 14.021  -1.138  1.825   1.00 87.57  ? 81  PHE A CZ  1 
ATOM   362 N N   . SER A 1 45 ? 7.829   -1.639  1.995   1.00 66.90  ? 82  SER A N   1 
ATOM   363 C CA  . SER A 1 45 ? 7.448   -2.188  0.698   1.00 61.26  ? 82  SER A CA  1 
ATOM   364 C C   . SER A 1 45 ? 5.939   -2.165  0.478   1.00 56.10  ? 82  SER A C   1 
ATOM   365 O O   . SER A 1 45 ? 5.163   -2.425  1.400   1.00 56.79  ? 82  SER A O   1 
ATOM   366 C CB  . SER A 1 45 ? 7.975   -3.618  0.553   1.00 61.90  ? 82  SER A CB  1 
ATOM   367 O OG  . SER A 1 45 ? 7.684   -4.146  -0.729  1.00 56.88  ? 82  SER A OG  1 
ATOM   368 N N   . LEU A 1 46 ? 5.530   -1.844  -0.746  1.00 55.36  ? 83  LEU A N   1 
ATOM   369 C CA  . LEU A 1 46 ? 4.124   -1.918  -1.115  1.00 50.25  ? 83  LEU A CA  1 
ATOM   370 C C   . LEU A 1 46 ? 3.890   -3.199  -1.898  1.00 47.07  ? 83  LEU A C   1 
ATOM   371 O O   . LEU A 1 46 ? 4.636   -3.512  -2.829  1.00 46.37  ? 83  LEU A O   1 
ATOM   372 C CB  . LEU A 1 46 ? 3.711   -0.712  -1.954  1.00 47.05  ? 83  LEU A CB  1 
ATOM   373 C CG  . LEU A 1 46 ? 2.224   -0.686  -2.313  1.00 41.99  ? 83  LEU A CG  1 
ATOM   374 C CD1 . LEU A 1 46 ? 1.377   -0.642  -1.050  1.00 43.41  ? 83  LEU A CD1 1 
ATOM   375 C CD2 . LEU A 1 46 ? 1.894   0.484   -3.223  1.00 39.05  ? 83  LEU A CD2 1 
ATOM   376 N N   . VAL A 1 47 ? 2.857   -3.944  -1.524  1.00 44.24  ? 84  VAL A N   1 
ATOM   377 C CA  . VAL A 1 47 ? 2.624   -5.243  -2.137  1.00 41.99  ? 84  VAL A CA  1 
ATOM   378 C C   . VAL A 1 47 ? 1.165   -5.401  -2.564  1.00 37.40  ? 84  VAL A C   1 
ATOM   379 O O   . VAL A 1 47 ? 0.300   -4.663  -2.103  1.00 36.61  ? 84  VAL A O   1 
ATOM   380 C CB  . VAL A 1 47 ? 3.058   -6.379  -1.178  1.00 46.09  ? 84  VAL A CB  1 
ATOM   381 C CG1 . VAL A 1 47 ? 1.851   -7.093  -0.570  1.00 45.37  ? 84  VAL A CG1 1 
ATOM   382 C CG2 . VAL A 1 47 ? 3.972   -7.357  -1.894  1.00 46.39  ? 84  VAL A CG2 1 
ATOM   383 N N   . LEU A 1 48 ? 0.896   -6.342  -3.465  1.00 39.19  ? 85  LEU A N   1 
ATOM   384 C CA  . LEU A 1 48 ? -0.483  -6.644  -3.836  1.00 35.45  ? 85  LEU A CA  1 
ATOM   385 C C   . LEU A 1 48 ? -1.120  -7.588  -2.812  1.00 37.48  ? 85  LEU A C   1 
ATOM   386 O O   . LEU A 1 48 ? -0.520  -8.594  -2.430  1.00 40.27  ? 85  LEU A O   1 
ATOM   387 C CB  . LEU A 1 48 ? -0.556  -7.240  -5.245  1.00 31.91  ? 85  LEU A CB  1 
ATOM   388 C CG  . LEU A 1 48 ? -0.230  -6.307  -6.414  1.00 29.31  ? 85  LEU A CG  1 
ATOM   389 C CD1 . LEU A 1 48 ? -0.582  -6.963  -7.742  1.00 25.81  ? 85  LEU A CD1 1 
ATOM   390 C CD2 . LEU A 1 48 ? -0.955  -4.978  -6.265  1.00 27.83  ? 85  LEU A CD2 1 
ATOM   391 N N   . GLU A 1 49 ? -2.329  -7.253  -2.363  1.00 54.35  ? 86  GLU A N   1 
ATOM   392 C CA  . GLU A 1 49 ? -3.050  -8.059  -1.374  1.00 56.47  ? 86  GLU A CA  1 
ATOM   393 C C   . GLU A 1 49 ? -3.473  -9.400  -1.958  1.00 55.08  ? 86  GLU A C   1 
ATOM   394 O O   . GLU A 1 49 ? -3.707  -10.365 -1.230  1.00 57.61  ? 86  GLU A O   1 
ATOM   395 C CB  . GLU A 1 49 ? -4.279  -7.298  -0.849  1.00 55.48  ? 86  GLU A CB  1 
ATOM   396 C CG  . GLU A 1 49 ? -5.633  -7.988  -1.082  1.00 52.32  ? 86  GLU A CG  1 
ATOM   397 C CD  . GLU A 1 49 ? -6.001  -8.974  0.020   1.00 56.19  ? 86  GLU A CD  1 
ATOM   398 O OE1 . GLU A 1 49 ? -5.706  -8.692  1.200   1.00 60.64  ? 86  GLU A OE1 1 
ATOM   399 O OE2 . GLU A 1 49 ? -6.578  -10.036 -0.297  1.00 54.81  ? 86  GLU A OE2 1 
ATOM   400 N N   . GLU A 1 50 ? -3.562  -9.457  -3.281  1.00 65.57  ? 87  GLU A N   1 
ATOM   401 C CA  . GLU A 1 50 ? -4.055  -10.650 -3.953  1.00 64.02  ? 87  GLU A CA  1 
ATOM   402 C C   . GLU A 1 50 ? -3.069  -11.812 -3.883  1.00 66.62  ? 87  GLU A C   1 
ATOM   403 O O   . GLU A 1 50 ? -3.465  -12.948 -3.608  1.00 67.83  ? 87  GLU A O   1 
ATOM   404 C CB  . GLU A 1 50 ? -4.407  -10.346 -5.409  1.00 59.57  ? 87  GLU A CB  1 
ATOM   405 C CG  . GLU A 1 50 ? -4.939  -11.547 -6.168  1.00 56.93  ? 87  GLU A CG  1 
ATOM   406 C CD  . GLU A 1 50 ? -5.287  -11.212 -7.602  1.00 50.90  ? 87  GLU A CD  1 
ATOM   407 O OE1 . GLU A 1 50 ? -5.440  -12.148 -8.414  1.00 48.74  ? 87  GLU A OE1 1 
ATOM   408 O OE2 . GLU A 1 50 ? -5.410  -10.010 -7.918  1.00 48.50  ? 87  GLU A OE2 1 
ATOM   409 N N   . ASP A 1 51 ? -1.791  -11.531 -4.125  1.00 50.95  ? 88  ASP A N   1 
ATOM   410 C CA  . ASP A 1 51 ? -0.785  -12.589 -4.177  1.00 53.32  ? 88  ASP A CA  1 
ATOM   411 C C   . ASP A 1 51 ? 0.600   -12.171 -3.681  1.00 56.76  ? 88  ASP A C   1 
ATOM   412 O O   . ASP A 1 51 ? 1.563   -12.928 -3.819  1.00 58.74  ? 88  ASP A O   1 
ATOM   413 C CB  . ASP A 1 51 ? -0.683  -13.145 -5.600  1.00 50.18  ? 88  ASP A CB  1 
ATOM   414 C CG  . ASP A 1 51 ? -0.676  -12.051 -6.651  1.00 46.68  ? 88  ASP A CG  1 
ATOM   415 O OD1 . ASP A 1 51 ? -0.111  -10.969 -6.383  1.00 47.52  ? 88  ASP A OD1 1 
ATOM   416 O OD2 . ASP A 1 51 ? -1.243  -12.271 -7.742  1.00 43.34  ? 88  ASP A OD2 1 
ATOM   417 N N   . GLY A 1 52 ? 0.700   -10.976 -3.108  1.00 55.31  ? 89  GLY A N   1 
ATOM   418 C CA  . GLY A 1 52 ? 1.972   -10.491 -2.600  1.00 58.98  ? 89  GLY A CA  1 
ATOM   419 C C   . GLY A 1 52 ? 2.936   -10.057 -3.689  1.00 57.65  ? 89  GLY A C   1 
ATOM   420 O O   . GLY A 1 52 ? 4.152   -10.131 -3.511  1.00 60.88  ? 89  GLY A O   1 
ATOM   421 N N   . THR A 1 53 ? 2.399   -9.602  -4.819  1.00 48.86  ? 90  THR A N   1 
ATOM   422 C CA  . THR A 1 53 ? 3.234   -9.097  -5.906  1.00 47.61  ? 90  THR A CA  1 
ATOM   423 C C   . THR A 1 53 ? 3.818   -7.737  -5.526  1.00 49.48  ? 90  THR A C   1 
ATOM   424 O O   . THR A 1 53 ? 3.086   -6.814  -5.167  1.00 48.49  ? 90  THR A O   1 
ATOM   425 C CB  . THR A 1 53 ? 2.445   -8.979  -7.228  1.00 42.59  ? 90  THR A CB  1 
ATOM   426 O OG1 . THR A 1 53 ? 1.926   -10.263 -7.597  1.00 41.23  ? 90  THR A OG1 1 
ATOM   427 C CG2 . THR A 1 53 ? 3.342   -8.461  -8.342  1.00 41.76  ? 90  THR A CG2 1 
ATOM   428 N N   . ILE A 1 54 ? 5.142   -7.622  -5.603  1.00 39.03  ? 91  ILE A N   1 
ATOM   429 C CA  . ILE A 1 54 ? 5.838   -6.410  -5.172  1.00 41.82  ? 91  ILE A CA  1 
ATOM   430 C C   . ILE A 1 54 ? 5.649   -5.227  -6.127  1.00 38.95  ? 91  ILE A C   1 
ATOM   431 O O   . ILE A 1 54 ? 5.919   -5.331  -7.327  1.00 36.76  ? 91  ILE A O   1 
ATOM   432 C CB  . ILE A 1 54 ? 7.350   -6.670  -4.960  1.00 46.41  ? 91  ILE A CB  1 
ATOM   433 C CG1 . ILE A 1 54 ? 7.563   -7.675  -3.825  1.00 50.10  ? 91  ILE A CG1 1 
ATOM   434 C CG2 . ILE A 1 54 ? 8.082   -5.370  -4.660  1.00 49.42  ? 91  ILE A CG2 1 
ATOM   435 C CD1 . ILE A 1 54 ? 8.995   -8.153  -3.682  1.00 54.47  ? 91  ILE A CD1 1 
ATOM   436 N N   . VAL A 1 55 ? 5.185   -4.105  -5.580  1.00 40.65  ? 92  VAL A N   1 
ATOM   437 C CA  . VAL A 1 55 ? 5.062   -2.862  -6.332  1.00 38.80  ? 92  VAL A CA  1 
ATOM   438 C C   . VAL A 1 55 ? 6.195   -1.924  -5.923  1.00 43.37  ? 92  VAL A C   1 
ATOM   439 O O   . VAL A 1 55 ? 6.110   -1.256  -4.887  1.00 46.01  ? 92  VAL A O   1 
ATOM   440 C CB  . VAL A 1 55 ? 3.714   -2.169  -6.052  1.00 36.06  ? 92  VAL A CB  1 
ATOM   441 C CG1 . VAL A 1 55 ? 3.515   -0.991  -6.993  1.00 33.83  ? 92  VAL A CG1 1 
ATOM   442 C CG2 . VAL A 1 55 ? 2.566   -3.157  -6.186  1.00 32.55  ? 92  VAL A CG2 1 
ATOM   443 N N   . GLU A 1 56 ? 7.252   -1.874  -6.730  1.00 54.71  ? 93  GLU A N   1 
ATOM   444 C CA  . GLU A 1 56 ? 8.434   -1.089  -6.379  1.00 60.10  ? 93  GLU A CA  1 
ATOM   445 C C   . GLU A 1 56 ? 8.829   -0.068  -7.445  1.00 60.02  ? 93  GLU A C   1 
ATOM   446 O O   . GLU A 1 56 ? 9.830   0.636   -7.297  1.00 64.23  ? 93  GLU A O   1 
ATOM   447 C CB  . GLU A 1 56 ? 9.618   -2.007  -6.059  1.00 64.03  ? 93  GLU A CB  1 
ATOM   448 C CG  . GLU A 1 56 ? 10.039  -2.903  -7.213  1.00 62.12  ? 93  GLU A CG  1 
ATOM   449 C CD  . GLU A 1 56 ? 11.294  -3.697  -6.903  1.00 66.42  ? 93  GLU A CD  1 
ATOM   450 O OE1 . GLU A 1 56 ? 11.536  -3.996  -5.715  1.00 69.96  ? 93  GLU A OE1 1 
ATOM   451 O OE2 . GLU A 1 56 ? 12.043  -4.018  -7.850  1.00 66.46  ? 93  GLU A OE2 1 
ATOM   452 N N   . THR A 1 57 ? 8.047   0.009   -8.518  1.00 57.57  ? 94  THR A N   1 
ATOM   453 C CA  . THR A 1 57 ? 8.250   1.036   -9.534  1.00 57.18  ? 94  THR A CA  1 
ATOM   454 C C   . THR A 1 57 ? 6.994   1.888   -9.696  1.00 53.79  ? 94  THR A C   1 
ATOM   455 O O   . THR A 1 57 ? 5.874   1.406   -9.502  1.00 50.21  ? 94  THR A O   1 
ATOM   456 C CB  . THR A 1 57 ? 8.668   0.438   -10.893 1.00 55.22  ? 94  THR A CB  1 
ATOM   457 O OG1 . THR A 1 57 ? 8.608   1.452   -11.902 1.00 54.67  ? 94  THR A OG1 1 
ATOM   458 C CG2 . THR A 1 57 ? 7.745   -0.701  -11.280 1.00 50.11  ? 94  THR A CG2 1 
ATOM   459 N N   . GLU A 1 58 ? 7.191   3.155   -10.048 1.00 67.27  ? 95  GLU A N   1 
ATOM   460 C CA  . GLU A 1 58 ? 6.095   4.110   -10.146 1.00 64.72  ? 95  GLU A CA  1 
ATOM   461 C C   . GLU A 1 58 ? 5.201   3.807   -11.349 1.00 59.57  ? 95  GLU A C   1 
ATOM   462 O O   . GLU A 1 58 ? 3.997   4.075   -11.329 1.00 56.30  ? 95  GLU A O   1 
ATOM   463 C CB  . GLU A 1 58 ? 6.654   5.533   -10.229 1.00 68.31  ? 95  GLU A CB  1 
ATOM   464 C CG  . GLU A 1 58 ? 5.843   6.577   -9.482  1.00 68.11  ? 95  GLU A CG  1 
ATOM   465 C CD  . GLU A 1 58 ? 4.606   7.010   -10.240 1.00 61.48  ? 95  GLU A CD  1 
ATOM   466 O OE1 . GLU A 1 58 ? 3.543   7.169   -9.604  1.00 58.96  ? 95  GLU A OE1 1 
ATOM   467 O OE2 . GLU A 1 58 ? 4.697   7.195   -11.472 1.00 59.13  ? 95  GLU A OE2 1 
ATOM   468 N N   . GLU A 1 59 ? 5.800   3.237   -12.390 1.00 57.29  ? 96  GLU A N   1 
ATOM   469 C CA  . GLU A 1 59 ? 5.067   2.901   -13.609 1.00 53.01  ? 96  GLU A CA  1 
ATOM   470 C C   . GLU A 1 59 ? 4.032   1.804   -13.365 1.00 48.88  ? 96  GLU A C   1 
ATOM   471 O O   . GLU A 1 59 ? 2.875   1.933   -13.765 1.00 44.39  ? 96  GLU A O   1 
ATOM   472 C CB  . GLU A 1 59 ? 6.028   2.484   -14.727 1.00 54.06  ? 96  GLU A CB  1 
ATOM   473 C CG  . GLU A 1 59 ? 6.845   3.630   -15.320 1.00 56.93  ? 96  GLU A CG  1 
ATOM   474 C CD  . GLU A 1 59 ? 7.874   4.189   -14.358 1.00 62.85  ? 96  GLU A CD  1 
ATOM   475 O OE1 . GLU A 1 59 ? 8.372   3.422   -13.506 1.00 64.27  ? 96  GLU A OE1 1 
ATOM   476 O OE2 . GLU A 1 59 ? 8.178   5.398   -14.450 1.00 65.56  ? 96  GLU A OE2 1 
ATOM   477 N N   . TYR A 1 60 ? 4.456   0.726   -12.708 1.00 36.46  ? 97  TYR A N   1 
ATOM   478 C CA  . TYR A 1 60 ? 3.557   -0.377  -12.367 1.00 33.89  ? 97  TYR A CA  1 
ATOM   479 C C   . TYR A 1 60 ? 2.506   0.079   -11.364 1.00 32.99  ? 97  TYR A C   1 
ATOM   480 O O   . TYR A 1 60 ? 1.356   -0.352  -11.417 1.00 29.69  ? 97  TYR A O   1 
ATOM   481 C CB  . TYR A 1 60 ? 4.342   -1.559  -11.794 1.00 36.59  ? 97  TYR A CB  1 
ATOM   482 C CG  . TYR A 1 60 ? 3.521   -2.809  -11.561 1.00 34.59  ? 97  TYR A CG  1 
ATOM   483 C CD1 . TYR A 1 60 ? 3.168   -3.636  -12.618 1.00 31.66  ? 97  TYR A CD1 1 
ATOM   484 C CD2 . TYR A 1 60 ? 3.115   -3.171  -10.282 1.00 35.83  ? 97  TYR A CD2 1 
ATOM   485 C CE1 . TYR A 1 60 ? 2.424   -4.787  -12.413 1.00 30.04  ? 97  TYR A CE1 1 
ATOM   486 C CE2 . TYR A 1 60 ? 2.371   -4.320  -10.065 1.00 34.24  ? 97  TYR A CE2 1 
ATOM   487 C CZ  . TYR A 1 60 ? 2.029   -5.124  -11.136 1.00 31.44  ? 97  TYR A CZ  1 
ATOM   488 O OH  . TYR A 1 60 ? 1.290   -6.267  -10.933 1.00 29.69  ? 97  TYR A OH  1 
ATOM   489 N N   . PHE A 1 61 ? 2.915   0.956   -10.450 1.00 37.54  ? 98  PHE A N   1 
ATOM   490 C CA  . PHE A 1 61 ? 2.015   1.497   -9.437  1.00 37.31  ? 98  PHE A CA  1 
ATOM   491 C C   . PHE A 1 61 ? 0.917   2.330   -10.085 1.00 34.06  ? 98  PHE A C   1 
ATOM   492 O O   . PHE A 1 61 ? -0.233  2.316   -9.642  1.00 31.83  ? 98  PHE A O   1 
ATOM   493 C CB  . PHE A 1 61 ? 2.794   2.340   -8.422  1.00 41.91  ? 98  PHE A CB  1 
ATOM   494 C CG  . PHE A 1 61 ? 1.922   3.136   -7.490  1.00 41.87  ? 98  PHE A CG  1 
ATOM   495 C CD1 . PHE A 1 61 ? 1.291   2.529   -6.415  1.00 41.78  ? 98  PHE A CD1 1 
ATOM   496 C CD2 . PHE A 1 61 ? 1.744   4.498   -7.681  1.00 42.36  ? 98  PHE A CD2 1 
ATOM   497 C CE1 . PHE A 1 61 ? 0.491   3.266   -5.555  1.00 42.03  ? 98  PHE A CE1 1 
ATOM   498 C CE2 . PHE A 1 61 ? 0.948   5.236   -6.823  1.00 42.58  ? 98  PHE A CE2 1 
ATOM   499 C CZ  . PHE A 1 61 ? 0.322   4.620   -5.760  1.00 42.31  ? 98  PHE A CZ  1 
ATOM   500 N N   . GLN A 1 62 ? 1.281   3.052   -11.139 1.00 41.46  ? 99  GLN A N   1 
ATOM   501 C CA  . GLN A 1 62 ? 0.321   3.869   -11.871 1.00 37.15  ? 99  GLN A CA  1 
ATOM   502 C C   . GLN A 1 62 ? -0.547  3.030   -12.806 1.00 36.09  ? 99  GLN A C   1 
ATOM   503 O O   . GLN A 1 62 ? -1.703  3.367   -13.061 1.00 32.81  ? 99  GLN A O   1 
ATOM   504 C CB  . GLN A 1 62 ? 1.038   4.965   -12.665 1.00 37.43  ? 99  GLN A CB  1 
ATOM   505 C CG  . GLN A 1 62 ? 1.579   6.099   -11.813 1.00 40.89  ? 99  GLN A CG  1 
ATOM   506 C CD  . GLN A 1 62 ? 0.484   6.870   -11.102 1.00 39.30  ? 99  GLN A CD  1 
ATOM   507 O OE1 . GLN A 1 62 ? -0.601  7.074   -11.647 1.00 35.91  ? 99  GLN A OE1 1 
ATOM   508 N NE2 . GLN A 1 62 ? 0.762   7.299   -9.877  1.00 42.96  ? 99  GLN A NE2 1 
ATOM   509 N N   . ALA A 1 63 ? 0.012   1.936   -13.308 1.00 43.79  ? 100 ALA A N   1 
ATOM   510 C CA  . ALA A 1 63 ? -0.680  1.120   -14.299 1.00 40.28  ? 100 ALA A CA  1 
ATOM   511 C C   . ALA A 1 63 ? -1.732  0.196   -13.688 1.00 39.25  ? 100 ALA A C   1 
ATOM   512 O O   . ALA A 1 63 ? -2.640  -0.256  -14.386 1.00 39.52  ? 100 ALA A O   1 
ATOM   513 C CB  . ALA A 1 63 ? 0.315   0.321   -15.114 1.00 40.95  ? 100 ALA A CB  1 
ATOM   514 N N   . LEU A 1 64 ? -1.607  -0.086  -12.396 1.00 28.24  ? 101 LEU A N   1 
ATOM   515 C CA  . LEU A 1 64 ? -2.553  -0.963  -11.711 1.00 26.78  ? 101 LEU A CA  1 
ATOM   516 C C   . LEU A 1 64 ? -3.961  -0.369  -11.719 1.00 25.05  ? 101 LEU A C   1 
ATOM   517 O O   . LEU A 1 64 ? -4.130  0.848   -11.775 1.00 24.69  ? 101 LEU A O   1 
ATOM   518 C CB  . LEU A 1 64 ? -2.095  -1.242  -10.277 1.00 29.36  ? 101 LEU A CB  1 
ATOM   519 C CG  . LEU A 1 64 ? -0.903  -2.189  -10.104 1.00 31.80  ? 101 LEU A CG  1 
ATOM   520 C CD1 . LEU A 1 64 ? -0.409  -2.181  -8.665  1.00 35.52  ? 101 LEU A CD1 1 
ATOM   521 C CD2 . LEU A 1 64 ? -1.267  -3.602  -10.536 1.00 29.95  ? 101 LEU A CD2 1 
ATOM   522 N N   . ALA A 1 65 ? -4.967  -1.238  -11.673 1.00 28.44  ? 102 ALA A N   1 
ATOM   523 C CA  . ALA A 1 65 ? -6.362  -0.804  -11.681 1.00 27.99  ? 102 ALA A CA  1 
ATOM   524 C C   . ALA A 1 65 ? -6.675  0.074   -10.473 1.00 28.16  ? 102 ALA A C   1 
ATOM   525 O O   . ALA A 1 65 ? -5.990  0.007   -9.452  1.00 30.25  ? 102 ALA A O   1 
ATOM   526 C CB  . ALA A 1 65 ? -7.288  -2.006  -11.716 1.00 27.55  ? 102 ALA A CB  1 
ATOM   527 N N   . LYS A 1 66 ? -7.712  0.895   -10.591 1.00 46.58  ? 103 LYS A N   1 
ATOM   528 C CA  . LYS A 1 66 ? -8.060  1.819   -9.520  1.00 46.87  ? 103 LYS A CA  1 
ATOM   529 C C   . LYS A 1 66 ? -8.695  1.142   -8.308  1.00 46.54  ? 103 LYS A C   1 
ATOM   530 O O   . LYS A 1 66 ? -8.677  1.688   -7.202  1.00 48.93  ? 103 LYS A O   1 
ATOM   531 C CB  . LYS A 1 66 ? -8.971  2.924   -10.044 1.00 46.96  ? 103 LYS A CB  1 
ATOM   532 C CG  . LYS A 1 66 ? -8.255  3.956   -10.893 1.00 47.77  ? 103 LYS A CG  1 
ATOM   533 C CD  . LYS A 1 66 ? -9.063  5.241   -10.955 1.00 47.98  ? 103 LYS A CD  1 
ATOM   534 C CE  . LYS A 1 66 ? -8.248  6.402   -11.505 1.00 52.64  ? 103 LYS A CE  1 
ATOM   535 N NZ  . LYS A 1 66 ? -8.963  7.712   -11.404 1.00 49.78  ? 103 LYS A NZ  1 
ATOM   536 N N   . ASP A 1 67 ? -9.255  -0.043  -8.520  1.00 30.71  ? 104 ASP A N   1 
ATOM   537 C CA  . ASP A 1 67 ? -9.863  -0.795  -7.433  1.00 30.69  ? 104 ASP A CA  1 
ATOM   538 C C   . ASP A 1 67 ? -8.888  -1.815  -6.849  1.00 30.47  ? 104 ASP A C   1 
ATOM   539 O O   . ASP A 1 67 ? -9.288  -2.715  -6.112  1.00 35.49  ? 104 ASP A O   1 
ATOM   540 C CB  . ASP A 1 67 ? -11.149 -1.479  -7.904  1.00 33.40  ? 104 ASP A CB  1 
ATOM   541 C CG  . ASP A 1 67 ? -10.904 -2.514  -8.988  1.00 31.49  ? 104 ASP A CG  1 
ATOM   542 O OD1 . ASP A 1 67 ? -9.850  -2.455  -9.657  1.00 32.64  ? 104 ASP A OD1 1 
ATOM   543 O OD2 . ASP A 1 67 ? -11.777 -3.389  -9.174  1.00 31.72  ? 104 ASP A OD2 1 
ATOM   544 N N   . THR A 1 68 ? -7.609  -1.663  -7.181  1.00 22.32  ? 105 THR A N   1 
ATOM   545 C CA  . THR A 1 68 ? -6.573  -2.569  -6.688  1.00 22.99  ? 105 THR A CA  1 
ATOM   546 C C   . THR A 1 68 ? -6.400  -2.458  -5.176  1.00 25.97  ? 105 THR A C   1 
ATOM   547 O O   . THR A 1 68 ? -6.176  -1.366  -4.647  1.00 27.59  ? 105 THR A O   1 
ATOM   548 C CB  . THR A 1 68 ? -5.211  -2.297  -7.362  1.00 25.57  ? 105 THR A CB  1 
ATOM   549 O OG1 . THR A 1 68 ? -5.317  -2.526  -8.772  1.00 22.70  ? 105 THR A OG1 1 
ATOM   550 C CG2 . THR A 1 68 ? -4.138  -3.206  -6.783  1.00 28.91  ? 105 THR A CG2 1 
ATOM   551 N N   . MET A 1 69 ? -6.505  -3.590  -4.484  1.00 40.29  ? 106 MET A N   1 
ATOM   552 C CA  . MET A 1 69 ? -6.296  -3.615  -3.041  1.00 43.78  ? 106 MET A CA  1 
ATOM   553 C C   . MET A 1 69 ? -4.823  -3.838  -2.722  1.00 49.58  ? 106 MET A C   1 
ATOM   554 O O   . MET A 1 69 ? -4.250  -4.871  -3.076  1.00 50.29  ? 106 MET A O   1 
ATOM   555 C CB  . MET A 1 69 ? -7.147  -4.706  -2.389  1.00 43.04  ? 106 MET A CB  1 
ATOM   556 C CG  . MET A 1 69 ? -7.040  -4.757  -0.872  1.00 47.80  ? 106 MET A CG  1 
ATOM   557 S SD  . MET A 1 69 ? -7.665  -3.271  -0.064  1.00 47.01  ? 106 MET A SD  1 
ATOM   558 C CE  . MET A 1 69 ? -9.390  -3.332  -0.552  1.00 41.60  ? 106 MET A CE  1 
ATOM   559 N N   . PHE A 1 70 ? -4.210  -2.865  -2.058  1.00 36.26  ? 107 PHE A N   1 
ATOM   560 C CA  . PHE A 1 70 ? -2.803  -2.973  -1.696  1.00 39.98  ? 107 PHE A CA  1 
ATOM   561 C C   . PHE A 1 70 ? -2.609  -3.567  -0.309  1.00 44.63  ? 107 PHE A C   1 
ATOM   562 O O   . PHE A 1 70 ? -3.572  -3.855  0.404   1.00 45.07  ? 107 PHE A O   1 
ATOM   563 C CB  . PHE A 1 70 ? -2.115  -1.610  -1.771  1.00 40.90  ? 107 PHE A CB  1 
ATOM   564 C CG  . PHE A 1 70 ? -2.050  -1.042  -3.157  1.00 37.20  ? 107 PHE A CG  1 
ATOM   565 C CD1 . PHE A 1 70 ? -1.036  -1.411  -4.025  1.00 37.22  ? 107 PHE A CD1 1 
ATOM   566 C CD2 . PHE A 1 70 ? -3.003  -0.139  -3.593  1.00 34.02  ? 107 PHE A CD2 1 
ATOM   567 C CE1 . PHE A 1 70 ? -0.975  -0.887  -5.302  1.00 34.27  ? 107 PHE A CE1 1 
ATOM   568 C CE2 . PHE A 1 70 ? -2.945  0.387   -4.871  1.00 31.08  ? 107 PHE A CE2 1 
ATOM   569 C CZ  . PHE A 1 70 ? -1.931  0.012   -5.725  1.00 31.29  ? 107 PHE A CZ  1 
ATOM   570 N N   . MET A 1 71 ? -1.346  -3.746  0.059   1.00 49.22  ? 108 MET A N   1 
ATOM   571 C CA  . MET A 1 71 ? -0.975  -4.281  1.357   1.00 54.29  ? 108 MET A CA  1 
ATOM   572 C C   . MET A 1 71 ? 0.434   -3.816  1.693   1.00 58.43  ? 108 MET A C   1 
ATOM   573 O O   . MET A 1 71 ? 1.393   -4.142  0.986   1.00 58.42  ? 108 MET A O   1 
ATOM   574 C CB  . MET A 1 71 ? -1.054  -5.807  1.352   1.00 54.68  ? 108 MET A CB  1 
ATOM   575 C CG  . MET A 1 71 ? -0.755  -6.442  2.697   1.00 60.07  ? 108 MET A CG  1 
ATOM   576 S SD  . MET A 1 71 ? -1.714  -7.945  2.961   1.00 59.90  ? 108 MET A SD  1 
ATOM   577 C CE  . MET A 1 71 ? -0.537  -8.926  3.890   1.00 66.06  ? 108 MET A CE  1 
ATOM   578 N N   . VAL A 1 72 ? 0.591   -3.024  2.740   1.00 57.24  ? 109 VAL A N   1 
ATOM   579 C CA  . VAL A 1 72 ? 1.907   -2.503  3.042   1.00 61.51  ? 109 VAL A CA  1 
ATOM   580 C C   . VAL A 1 72 ? 2.666   -3.498  3.834   1.00 66.23  ? 109 VAL A C   1 
ATOM   581 O O   . VAL A 1 72 ? 2.129   -4.134  4.726   1.00 68.14  ? 109 VAL A O   1 
ATOM   582 C CB  . VAL A 1 72 ? 1.901   -1.251  3.900   1.00 64.61  ? 109 VAL A CB  1 
ATOM   583 C CG1 . VAL A 1 72 ? 1.572   -0.038  3.091   1.00 61.17  ? 109 VAL A CG1 1 
ATOM   584 C CG2 . VAL A 1 72 ? 0.978   -1.418  5.084   1.00 66.51  ? 109 VAL A CG2 1 
ATOM   585 N N   . LEU A 1 73 ? 3.934   -3.608  3.518   1.00 69.92  ? 110 LEU A N   1 
ATOM   586 C CA  . LEU A 1 73 ? 4.805   -4.399  4.346   1.00 75.22  ? 110 LEU A CA  1 
ATOM   587 C C   . LEU A 1 73 ? 5.761   -3.502  5.088   1.00 80.62  ? 110 LEU A C   1 
ATOM   588 O O   . LEU A 1 73 ? 6.484   -2.691  4.532   1.00 80.80  ? 110 LEU A O   1 
ATOM   589 C CB  . LEU A 1 73 ? 5.580   -5.399  3.520   1.00 74.38  ? 110 LEU A CB  1 
ATOM   590 C CG  . LEU A 1 73 ? 5.014   -6.790  3.451   1.00 72.83  ? 110 LEU A CG  1 
ATOM   591 C CD1 . LEU A 1 73 ? 3.608   -6.963  3.981   1.00 71.21  ? 110 LEU A CD1 1 
ATOM   592 C CD2 . LEU A 1 73 ? 5.092   -7.178  2.008   1.00 68.10  ? 110 LEU A CD2 1 
ATOM   593 N N   . LEU A 1 74 ? 5.748   -3.684  6.375   1.00 88.89  ? 111 LEU A N   1 
ATOM   594 C CA  . LEU A 1 74 ? 6.505   -2.839  7.251   1.00 94.59  ? 111 LEU A CA  1 
ATOM   595 C C   . LEU A 1 74 ? 7.827   -3.482  7.546   1.00 99.54  ? 111 LEU A C   1 
ATOM   596 O O   . LEU A 1 74 ? 7.898   -4.393  8.350   1.00 102.83 ? 111 LEU A O   1 
ATOM   597 C CB  . LEU A 1 74 ? 5.728   -2.636  8.563   1.00 97.61  ? 111 LEU A CB  1 
ATOM   598 C CG  . LEU A 1 74 ? 4.937   -3.776  9.240   1.00 98.03  ? 111 LEU A CG  1 
ATOM   599 C CD1 . LEU A 1 74 ? 3.611   -3.341  9.838   1.00 96.93  ? 111 LEU A CD1 1 
ATOM   600 C CD2 . LEU A 1 74 ? 4.774   -5.088  8.489   1.00 94.56  ? 111 LEU A CD2 1 
ATOM   601 N N   . ALA A 1 75 ? 8.871   -3.005  6.878   1.00 104.26 ? 112 ALA A N   1 
ATOM   602 C CA  . ALA A 1 75 ? 10.157  -2.747  7.474   1.00 110.74 ? 112 ALA A CA  1 
ATOM   603 C C   . ALA A 1 75 ? 10.652  -3.906  8.351   1.00 115.45 ? 112 ALA A C   1 
ATOM   604 O O   . ALA A 1 75 ? 10.733  -3.796  9.566   1.00 120.74 ? 112 ALA A O   1 
ATOM   605 C CB  . ALA A 1 75 ? 10.141  -1.423  8.214   1.00 114.20 ? 112 ALA A CB  1 
ATOM   606 N N   . GLY A 1 76 ? 10.891  -5.041  7.707   1.00 126.16 ? 113 GLY A N   1 
ATOM   607 C CA  . GLY A 1 76 ? 10.975  -6.334  8.337   1.00 128.80 ? 113 GLY A CA  1 
ATOM   608 C C   . GLY A 1 76 ? 10.703  -7.335  7.222   1.00 123.46 ? 113 GLY A C   1 
ATOM   609 O O   . GLY A 1 76 ? 11.333  -7.283  6.153   1.00 121.20 ? 113 GLY A O   1 
ATOM   610 N N   . ALA A 1 77 ? 9.780   -8.252  7.507   1.00 108.47 ? 114 ALA A N   1 
ATOM   611 C CA  . ALA A 1 77 ? 9.374   -9.336  6.621   1.00 103.99 ? 114 ALA A CA  1 
ATOM   612 C C   . ALA A 1 77 ? 8.044   -9.224  5.851   1.00 97.26  ? 114 ALA A C   1 
ATOM   613 O O   . ALA A 1 77 ? 7.269   -8.319  6.022   1.00 95.54  ? 114 ALA A O   1 
ATOM   614 C CB  . ALA A 1 77 ? 9.427   -10.662 7.349   1.00 107.44 ? 114 ALA A CB  1 
ATOM   615 N N   . LYS A 1 78 ? 7.818   -10.276 5.086   1.00 96.15  ? 115 LYS A N   1 
ATOM   616 C CA  . LYS A 1 78 ? 7.007   -10.416 3.907   1.00 89.70  ? 115 LYS A CA  1 
ATOM   617 C C   . LYS A 1 78 ? 5.491   -10.655 4.045   1.00 86.49  ? 115 LYS A C   1 
ATOM   618 O O   . LYS A 1 78 ? 4.947   -10.675 5.137   1.00 89.21  ? 115 LYS A O   1 
ATOM   619 C CB  . LYS A 1 78 ? 7.593   -11.578 3.129   1.00 88.93  ? 115 LYS A CB  1 
ATOM   620 C CG  . LYS A 1 78 ? 7.932   -12.779 4.002   1.00 93.60  ? 115 LYS A CG  1 
ATOM   621 C CD  . LYS A 1 78 ? 6.901   -13.010 5.094   1.00 95.20  ? 115 LYS A CD  1 
ATOM   622 C CE  . LYS A 1 78 ? 7.055   -14.372 5.745   1.00 98.99  ? 115 LYS A CE  1 
ATOM   623 N NZ  . LYS A 1 78 ? 8.450   -14.887 5.653   1.00 102.48 ? 115 LYS A NZ  1 
ATOM   624 N N   . TRP A 1 79 ? 4.847   -10.796 2.882   1.00 96.54  ? 116 TRP A N   1 
ATOM   625 C CA  . TRP A 1 79 ? 3.396   -11.006 2.707   1.00 92.70  ? 116 TRP A CA  1 
ATOM   626 C C   . TRP A 1 79 ? 2.905   -12.352 3.226   1.00 94.35  ? 116 TRP A C   1 
ATOM   627 O O   . TRP A 1 79 ? 3.593   -13.338 3.127   1.00 96.22  ? 116 TRP A O   1 
ATOM   628 C CB  . TRP A 1 79 ? 2.990   -10.799 1.202   1.00 86.54  ? 116 TRP A CB  1 
ATOM   629 C CG  . TRP A 1 79 ? 1.992   -11.790 0.599   1.00 83.10  ? 116 TRP A CG  1 
ATOM   630 C CD1 . TRP A 1 79 ? 2.275   -13.021 0.110   1.00 83.02  ? 116 TRP A CD1 1 
ATOM   631 C CD2 . TRP A 1 79 ? 0.588   -11.645 0.504   1.00 79.90  ? 116 TRP A CD2 1 
ATOM   632 N NE1 . TRP A 1 79 ? 1.143   -13.642 -0.308  1.00 80.00  ? 116 TRP A NE1 1 
ATOM   633 C CE2 . TRP A 1 79 ? 0.087   -12.807 -0.077  1.00 78.06  ? 116 TRP A CE2 1 
ATOM   634 C CE3 . TRP A 1 79 ? -0.291  -10.644 0.834   1.00 78.53  ? 116 TRP A CE3 1 
ATOM   635 C CZ2 . TRP A 1 79 ? -1.246  -12.992 -0.312  1.00 75.15  ? 116 TRP A CZ2 1 
ATOM   636 C CZ3 . TRP A 1 79 ? -1.599  -10.828 0.593   1.00 75.52  ? 116 TRP A CZ3 1 
ATOM   637 C CH2 . TRP A 1 79 ? -2.072  -11.986 0.028   1.00 73.92  ? 116 TRP A CH2 1 
ATOM   638 N N   . LYS A 1 80 ? 1.677   -12.381 3.702   1.00 83.64  ? 117 LYS A N   1 
ATOM   639 C CA  . LYS A 1 80 ? 1.007   -13.610 4.062   1.00 84.63  ? 117 LYS A CA  1 
ATOM   640 C C   . LYS A 1 80 ? -0.438  -13.635 3.547   1.00 80.11  ? 117 LYS A C   1 
ATOM   641 O O   . LYS A 1 80 ? -1.116  -12.654 3.631   1.00 78.27  ? 117 LYS A O   1 
ATOM   642 C CB  . LYS A 1 80 ? 1.044   -13.795 5.593   1.00 90.51  ? 117 LYS A CB  1 
ATOM   643 C CG  . LYS A 1 80 ? 1.398   -12.559 6.428   1.00 93.30  ? 117 LYS A CG  1 
ATOM   644 C CD  . LYS A 1 80 ? 0.613   -12.481 7.769   1.00 96.87  ? 117 LYS A CD  1 
ATOM   645 C CE  . LYS A 1 80 ? 1.450   -11.967 8.958   1.00 102.96 ? 117 LYS A CE  1 
ATOM   646 N NZ  . LYS A 1 80 ? 0.732   -11.223 10.037  1.00 105.34 ? 117 LYS A NZ  1 
ATOM   647 N N   . PRO A 1 81 ? -0.896  -14.772 3.055   1.00 88.45  ? 118 PRO A N   1 
ATOM   648 C CA  . PRO A 1 81 ? -2.231  -14.977 2.480   1.00 84.48  ? 118 PRO A CA  1 
ATOM   649 C C   . PRO A 1 81 ? -3.338  -14.745 3.505   1.00 86.03  ? 118 PRO A C   1 
ATOM   650 O O   . PRO A 1 81 ? -4.460  -15.217 3.312   1.00 84.26  ? 118 PRO A O   1 
ATOM   651 C CB  . PRO A 1 81 ? -2.210  -16.454 2.068   1.00 84.78  ? 118 PRO A CB  1 
ATOM   652 C CG  . PRO A 1 81 ? -0.767  -16.782 1.900   1.00 86.88  ? 118 PRO A CG  1 
ATOM   653 C CD  . PRO A 1 81 ? -0.072  -15.990 2.962   1.00 90.83  ? 118 PRO A CD  1 
HETATM 654 I I   . IOD B 2 .  ? -12.399 3.621   -7.780  0.10 7.68   ? 201 IOD A I   1 
HETATM 655 I I   . IOD C 2 .  ? -2.769  13.000  -3.078  0.17 58.06  ? 202 IOD A I   1 
HETATM 656 I I   . IOD D 2 .  ? -5.952  11.540  0.917   0.25 56.71  ? 203 IOD A I   1 
HETATM 657 I I   . IOD E 2 .  ? -6.783  2.847   12.019  0.36 86.61  ? 204 IOD A I   1 
HETATM 658 I I   . IOD F 2 .  ? -6.162  14.614  -4.044  0.28 76.86  ? 205 IOD A I   1 
HETATM 659 O O   . HOH G 3 .  ? -4.585  -7.100  -4.864  1.00 44.75  ? 301 HOH A O   1 
HETATM 660 O O   . HOH G 3 .  ? -6.193  0.873   -5.508  1.00 26.25  ? 302 HOH A O   1 
HETATM 661 O O   . HOH G 3 .  ? 7.640   -0.964  -2.955  1.00 71.42  ? 303 HOH A O   1 
HETATM 662 O O   . HOH G 3 .  ? -10.230 3.191   -5.153  1.00 28.09  ? 304 HOH A O   1 
HETATM 663 O O   . HOH G 3 .  ? -10.219 -5.136  -5.319  1.00 40.00  ? 305 HOH A O   1 
HETATM 664 O O   . HOH G 3 .  ? -5.236  -7.369  -7.515  1.00 34.99  ? 306 HOH A O   1 
HETATM 665 O O   . HOH G 3 .  ? -10.379 7.564   2.746   1.00 42.69  ? 307 HOH A O   1 
HETATM 666 O O   . HOH G 3 .  ? -11.088 -0.285  -11.379 1.00 29.34  ? 308 HOH A O   1 
HETATM 667 O O   . HOH G 3 .  ? -5.436  -4.945  -9.708  1.00 33.10  ? 309 HOH A O   1 
HETATM 668 O O   . HOH G 3 .  ? 0.791   12.489  5.650   1.00 74.53  ? 310 HOH A O   1 
HETATM 669 O O   . HOH G 3 .  ? -8.720  1.358   -13.416 1.00 31.48  ? 311 HOH A O   1 
HETATM 670 O O   . HOH G 3 .  ? -12.902 1.316   -10.204 1.00 49.87  ? 312 HOH A O   1 
HETATM 671 O O   . HOH G 3 .  ? 3.136   12.011  5.631   1.00 84.38  ? 313 HOH A O   1 
HETATM 672 O O   . HOH G 3 .  ? 9.569   -2.750  -2.344  1.00 57.16  ? 314 HOH A O   1 
HETATM 673 O O   . HOH G 3 .  ? 2.273   -7.576  10.374  1.00 87.32  ? 315 HOH A O   1 
HETATM 674 O O   . HOH G 3 .  ? 0.058   -9.312  11.421  1.00 83.09  ? 316 HOH A O   1 
HETATM 675 O O   . HOH G 3 .  ? 2.255   3.208   -15.918 1.00 42.93  ? 317 HOH A O   1 
HETATM 676 O O   . HOH G 3 .  ? 5.007   13.411  5.841   1.00 98.57  ? 318 HOH A O   1 
HETATM 677 O O   . HOH G 3 .  ? -13.067 -8.441  0.428   1.00 50.38  ? 319 HOH A O   1 
HETATM 678 O O   . HOH G 3 .  ? -7.355  -6.300  -5.863  1.00 38.01  ? 320 HOH A O   1 
HETATM 679 O O   . HOH G 3 .  ? 10.277  4.557   -10.120 1.00 48.82  ? 321 HOH A O   1 
HETATM 680 O O   . HOH G 3 .  ? 9.951   7.500   -10.867 1.00 71.01  ? 322 HOH A O   1 
HETATM 681 O O   . HOH G 3 .  ? 2.361   7.429   13.006  1.00 99.43  ? 323 HOH A O   1 
HETATM 682 O O   . HOH G 3 .  ? -4.660  14.438  -0.837  1.00 70.64  ? 324 HOH A O   1 
HETATM 683 O O   . HOH G 3 .  ? -6.812  8.760   2.920   1.00 51.67  ? 325 HOH A O   1 
HETATM 684 O O   . HOH G 3 .  ? -5.883  -6.577  17.651  1.00 110.94 ? 326 HOH A O   1 
HETATM 685 O O   . HOH G 3 .  ? 9.661   1.143   -3.193  1.00 76.52  ? 327 HOH A O   1 
HETATM 686 O O   . HOH G 3 .  ? -14.861 -0.748  -9.653  1.00 50.12  ? 328 HOH A O   1 
# 
loop_
_atom_site_anisotrop.id 
_atom_site_anisotrop.type_symbol 
_atom_site_anisotrop.pdbx_label_atom_id 
_atom_site_anisotrop.pdbx_label_alt_id 
_atom_site_anisotrop.pdbx_label_comp_id 
_atom_site_anisotrop.pdbx_label_asym_id 
_atom_site_anisotrop.pdbx_label_seq_id 
_atom_site_anisotrop.pdbx_PDB_ins_code 
_atom_site_anisotrop.U[1][1] 
_atom_site_anisotrop.U[2][2] 
_atom_site_anisotrop.U[3][3] 
_atom_site_anisotrop.U[1][2] 
_atom_site_anisotrop.U[1][3] 
_atom_site_anisotrop.U[2][3] 
_atom_site_anisotrop.pdbx_auth_seq_id 
_atom_site_anisotrop.pdbx_auth_comp_id 
_atom_site_anisotrop.pdbx_auth_asym_id 
_atom_site_anisotrop.pdbx_auth_atom_id 
1   N N   . ARG A 4  ? 1.1458 1.2451 1.8923 0.0460  0.1030  -0.2280 41  ARG A N   
2   C CA  . ARG A 4  ? 1.1250 1.2259 1.8083 0.0499  0.1062  -0.1896 41  ARG A CA  
3   C C   . ARG A 4  ? 1.1451 1.2513 1.7770 0.0492  0.0717  -0.1859 41  ARG A C   
4   O O   . ARG A 4  ? 1.1528 1.2385 1.7675 0.0582  0.0568  -0.1866 41  ARG A O   
5   C CB  . ARG A 4  ? 1.1103 1.1912 1.7760 0.0668  0.1298  -0.1575 41  ARG A CB  
6   C CG  . ARG A 4  ? 1.2349 1.0632 1.7095 -0.0141 0.0965  -0.1300 41  ARG A CG  
7   C CD  . ARG A 4  ? 1.0671 1.2389 1.7272 -0.0335 0.1495  -0.0977 41  ARG A CD  
8   N NE  . ARG A 4  ? 1.2430 1.0710 1.6629 -0.0151 0.1115  -0.1085 41  ARG A NE  
9   C CZ  . ARG A 4  ? 1.1061 1.2213 1.6286 -0.0275 0.1648  -0.0546 41  ARG A CZ  
10  N NH1 . ARG A 4  ? 1.1064 1.2211 1.6572 -0.0275 0.1872  -0.0482 41  ARG A NH1 
11  N NH2 . ARG A 4  ? 1.1228 1.2145 1.5709 -0.0238 0.1591  -0.0409 41  ARG A NH2 
12  N N   . ALA A 5  ? 0.5836 0.7083 1.1852 0.0372  0.0580  -0.1825 42  ALA A N   
13  C CA  . ALA A 5  ? 0.5909 0.7205 1.1423 0.0367  0.0218  -0.1832 42  ALA A CA  
14  C C   . ALA A 5  ? 0.5354 0.6637 1.0375 0.0391  0.0205  -0.1407 42  ALA A C   
15  O O   . ALA A 5  ? 0.4705 0.6334 0.9913 -0.0111 0.0353  -0.1024 42  ALA A O   
16  C CB  . ALA A 5  ? 0.6428 0.7777 1.1661 0.0235  0.0050  -0.1949 42  ALA A CB  
17  N N   . ARG A 6  ? 0.4791 0.6101 0.9368 0.0389  -0.0142 -0.1410 43  ARG A N   
18  C CA  . ARG A 6  ? 0.4341 0.5749 0.8480 0.0085  -0.0306 -0.1037 43  ARG A CA  
19  C C   . ARG A 6  ? 0.4817 0.5632 0.7816 0.0022  -0.0642 -0.1139 43  ARG A C   
20  O O   . ARG A 6  ? 0.5149 0.6250 0.8327 0.0263  -0.1014 -0.1573 43  ARG A O   
21  C CB  . ARG A 6  ? 0.5285 0.4520 0.8351 0.0099  -0.0298 -0.1395 43  ARG A CB  
22  C CG  . ARG A 6  ? 0.5122 0.4383 0.7671 0.0092  -0.0301 -0.0944 43  ARG A CG  
23  C CD  . ARG A 6  ? 0.5124 0.4955 0.7595 0.0044  -0.0644 -0.1087 43  ARG A CD  
24  N NE  . ARG A 6  ? 0.4875 0.4679 0.7116 -0.0001 -0.0562 -0.0737 43  ARG A NE  
25  C CZ  . ARG A 6  ? 0.4672 0.4580 0.6351 0.0057  -0.0488 -0.0396 43  ARG A CZ  
26  N NH1 . ARG A 6  ? 0.4544 0.4438 0.6090 -0.0001 -0.0382 -0.0156 43  ARG A NH1 
27  N NH2 . ARG A 6  ? 0.4705 0.4671 0.5939 0.0198  -0.0480 -0.0325 43  ARG A NH2 
28  N N   . PRO A 7  ? 0.3782 0.4169 0.5994 0.0030  -0.0464 -0.0784 44  PRO A N   
29  C CA  . PRO A 7  ? 0.4073 0.4175 0.5361 0.0326  -0.0575 -0.0747 44  PRO A CA  
30  C C   . PRO A 7  ? 0.4228 0.4277 0.5070 0.0512  -0.0730 -0.0764 44  PRO A C   
31  O O   . PRO A 7  ? 0.4039 0.4028 0.4935 0.0407  -0.0607 -0.0557 44  PRO A O   
32  C CB  . PRO A 7  ? 0.3893 0.3724 0.4700 0.0258  -0.0243 -0.0328 44  PRO A CB  
33  C CG  . PRO A 7  ? 0.3401 0.3488 0.4744 -0.0045 -0.0023 -0.0137 44  PRO A CG  
34  C CD  . PRO A 7  ? 0.3282 0.3754 0.5612 -0.0175 -0.0088 -0.0387 44  PRO A CD  
35  N N   . CYS A 8  ? 0.3764 0.3863 0.4163 0.0802  -0.0946 -0.1016 45  CYS A N   
36  C CA  . CYS A 8  ? 0.4091 0.4214 0.4149 0.1032  -0.0996 -0.1019 45  CYS A CA  
37  C C   . CYS A 8  ? 0.4464 0.4481 0.3825 0.1328  -0.0943 -0.0977 45  CYS A C   
38  O O   . CYS A 8  ? 0.4576 0.4639 0.3865 0.1529  -0.1022 -0.1171 45  CYS A O   
39  C CB  . CYS A 8  ? 0.4380 0.4810 0.4933 0.1173  -0.1234 -0.1430 45  CYS A CB  
40  S SG  . CYS A 8  ? 0.4066 0.4529 0.5553 0.0871  -0.1195 -0.1596 45  CYS A SG  
41  N N   . ARG A 9  ? 0.4930 0.4847 0.3933 0.1370  -0.0768 -0.0727 46  ARG A N   
42  C CA  . ARG A 9  ? 0.5018 0.4880 0.3574 0.1656  -0.0675 -0.0693 46  ARG A CA  
43  C C   . ARG A 9  ? 0.5547 0.5652 0.4048 0.1907  -0.0884 -0.0799 46  ARG A C   
44  O O   . ARG A 9  ? 0.5640 0.5775 0.4143 0.1864  -0.0839 -0.0673 46  ARG A O   
45  C CB  . ARG A 9  ? 0.4565 0.4246 0.2930 0.1554  -0.0317 -0.0437 46  ARG A CB  
46  C CG  . ARG A 9  ? 0.4118 0.3660 0.2563 0.1285  -0.0091 -0.0352 46  ARG A CG  
47  C CD  . ARG A 9  ? 0.3912 0.3462 0.2375 0.1257  0.0258  -0.0233 46  ARG A CD  
48  N NE  . ARG A 9  ? 0.3572 0.3009 0.2562 0.1034  0.0014  0.0310  46  ARG A NE  
49  C CZ  . ARG A 9  ? 0.3595 0.3216 0.2717 0.0736  0.0259  0.0200  46  ARG A CZ  
50  N NH1 . ARG A 9  ? 0.3759 0.3380 0.2769 0.0867  0.0307  0.0247  46  ARG A NH1 
51  N NH2 . ARG A 9  ? 0.3284 0.2747 0.2607 0.0676  0.0209  0.0375  46  ARG A NH2 
52  N N   . VAL A 10 ? 0.5066 0.5386 0.3530 0.2167  -0.1123 -0.1043 47  VAL A N   
53  C CA  . VAL A 10 ? 0.5748 0.6362 0.4166 0.2403  -0.1366 -0.1202 47  VAL A CA  
54  C C   . VAL A 10 ? 0.6287 0.6894 0.4198 0.2718  -0.1340 -0.1121 47  VAL A C   
55  O O   . VAL A 10 ? 0.6391 0.6971 0.4105 0.2860  -0.1338 -0.1157 47  VAL A O   
56  C CB  . VAL A 10 ? 0.6022 0.7003 0.4847 0.2464  -0.1688 -0.1609 47  VAL A CB  
57  C CG1 . VAL A 10 ? 0.6786 0.8091 0.5577 0.2703  -0.1938 -0.1799 47  VAL A CG1 
58  C CG2 . VAL A 10 ? 0.5530 0.6525 0.4968 0.2151  -0.1685 -0.1705 47  VAL A CG2 
59  N N   . SER A 11 ? 0.6163 0.6798 0.3885 0.2829  -0.1324 -0.1005 48  SER A N   
60  C CA  . SER A 11 ? 0.6805 0.7438 0.4070 0.3133  -0.1296 -0.0917 48  SER A CA  
61  C C   . SER A 11 ? 0.7525 0.8490 0.4685 0.3417  -0.1611 -0.1132 48  SER A C   
62  O O   . SER A 11 ? 0.7460 0.8646 0.4945 0.3355  -0.1816 -0.1325 48  SER A O   
63  C CB  . SER A 11 ? 0.6593 0.7005 0.3721 0.3064  -0.1003 -0.0615 48  SER A CB  
64  O OG  . SER A 11 ? 0.7305 0.7728 0.4030 0.3366  -0.0983 -0.0530 48  SER A OG  
65  N N   . THR A 12 ? 1.0088 1.1100 0.6809 0.3737  -0.1646 -0.1107 49  THR A N   
66  C CA  . THR A 12 ? 1.0767 1.2090 0.7313 0.4046  -0.1931 -0.1295 49  THR A CA  
67  C C   . THR A 12 ? 1.0952 1.2200 0.7289 0.4134  -0.1836 -0.1073 49  THR A C   
68  O O   . THR A 12 ? 1.0660 1.1625 0.6926 0.4004  -0.1538 -0.0782 49  THR A O   
69  C CB  . THR A 12 ? 1.1456 1.2914 0.7608 0.4381  -0.2058 -0.1418 49  THR A CB  
70  O OG1 . THR A 12 ? 1.1544 1.2708 0.7331 0.4446  -0.1776 -0.1120 49  THR A OG1 
71  C CG2 . THR A 12 ? 1.1347 1.2963 0.7754 0.4308  -0.2214 -0.1707 49  THR A CG2 
72  N N   . ALA A 13 ? 1.1408 1.2931 0.7679 0.4358  -0.2095 -0.1232 50  ALA A N   
73  C CA  . ALA A 13 ? 1.1610 1.3095 0.7721 0.4448  -0.2047 -0.1046 50  ALA A CA  
74  C C   . ALA A 13 ? 1.1959 1.3222 0.7601 0.4626  -0.1814 -0.0757 50  ALA A C   
75  O O   . ALA A 13 ? 1.1872 1.2985 0.7470 0.4573  -0.1642 -0.0523 50  ALA A O   
76  C CB  . ALA A 13 ? 1.2173 1.4021 0.8273 0.4705  -0.2395 -0.1302 50  ALA A CB  
77  N N   . ASP A 14 ? 1.4718 1.5970 1.0037 0.4833  -0.1807 -0.0782 51  ASP A N   
78  C CA  . ASP A 14 ? 1.5117 1.6179 1.0007 0.5027  -0.1592 -0.0524 51  ASP A CA  
79  C C   . ASP A 14 ? 1.4566 1.5311 0.9573 0.4780  -0.1244 -0.0313 51  ASP A C   
80  O O   . ASP A 14 ? 1.4857 1.5446 0.9572 0.4923  -0.1052 -0.0128 51  ASP A O   
81  C CB  . ASP A 14 ? 1.5952 1.7191 1.0390 0.5425  -0.1775 -0.0654 51  ASP A CB  
82  C CG  . ASP A 14 ? 1.5897 1.7332 1.0494 0.5404  -0.1985 -0.0965 51  ASP A CG  
83  O OD1 . ASP A 14 ? 1.5360 1.6888 1.0420 0.5146  -0.2089 -0.1143 51  ASP A OD1 
84  O OD2 . ASP A 14 ? 1.6415 1.7922 1.0682 0.5647  -0.2049 -0.1035 51  ASP A OD2 
85  N N   . ARG A 15 ? 1.3671 1.4334 0.9118 0.4421  -0.1167 -0.0351 52  ARG A N   
86  C CA  . ARG A 15 ? 1.3097 1.3498 0.8722 0.4171  -0.0866 -0.0206 52  ARG A CA  
87  C C   . ARG A 15 ? 1.3396 1.3734 0.8775 0.4333  -0.0828 -0.0216 52  ARG A C   
88  O O   . ARG A 15 ? 1.3240 1.3362 0.8599 0.4280  -0.0560 -0.0043 52  ARG A O   
89  C CB  . ARG A 15 ? 1.2881 1.3098 0.8545 0.4072  -0.0570 0.0051  52  ARG A CB  
90  C CG  . ARG A 15 ? 1.2203 1.2393 0.8278 0.3739  -0.0485 0.0083  52  ARG A CG  
91  C CD  . ARG A 15 ? 1.2405 1.2781 0.8498 0.3798  -0.0720 0.0010  52  ARG A CD  
92  N NE  . ARG A 15 ? 1.1889 1.2214 0.8284 0.3536  -0.0583 0.0124  52  ARG A NE  
93  C CZ  . ARG A 15 ? 1.1964 1.2410 0.8437 0.3538  -0.0729 0.0113  52  ARG A CZ  
94  N NH1 . ARG A 15 ? 1.2529 1.3172 0.8818 0.3796  -0.1022 -0.0026 52  ARG A NH1 
95  N NH2 . ARG A 15 ? 1.1480 1.1878 0.8233 0.3293  -0.0588 0.0223  52  ARG A NH2 
96  N N   A LYS A 16 ? 1.2135 1.2691 0.7352 0.4537  -0.1106 -0.0440 53  LYS A N   
97  N N   B LYS A 16 ? 1.2128 1.2680 0.7347 0.4534  -0.1103 -0.0439 53  LYS A N   
98  C CA  A LYS A 16 ? 1.2533 1.3077 0.7468 0.4728  -0.1117 -0.0472 53  LYS A CA  
99  C CA  B LYS A 16 ? 1.2514 1.3046 0.7453 0.4720  -0.1104 -0.0461 53  LYS A CA  
100 C C   A LYS A 16 ? 1.1956 1.2383 0.7192 0.4470  -0.1045 -0.0528 53  LYS A C   
101 C C   B LYS A 16 ? 1.1953 1.2375 0.7189 0.4468  -0.1042 -0.0528 53  LYS A C   
102 O O   A LYS A 16 ? 1.1770 1.1958 0.6989 0.4401  -0.0801 -0.0362 53  LYS A O   
103 O O   B LYS A 16 ? 1.1770 1.1958 0.6989 0.4400  -0.0805 -0.0368 53  LYS A O   
104 C CB  A LYS A 16 ? 1.3284 1.4163 0.7934 0.5061  -0.1465 -0.0728 53  LYS A CB  
105 C CB  B LYS A 16 ? 1.3301 1.4156 0.7921 0.5070  -0.1437 -0.0698 53  LYS A CB  
106 C CG  A LYS A 16 ? 1.3925 1.4814 0.8130 0.5351  -0.1469 -0.0715 53  LYS A CG  
107 C CG  B LYS A 16 ? 1.4061 1.4891 0.8145 0.5419  -0.1390 -0.0591 53  LYS A CG  
108 C CD  A LYS A 16 ? 1.4529 1.5797 0.8572 0.5609  -0.1838 -0.1060 53  LYS A CD  
109 C CD  B LYS A 16 ? 1.4434 1.5162 0.8236 0.5591  -0.1243 -0.0342 53  LYS A CD  
110 C CE  A LYS A 16 ? 1.5437 1.6893 0.8992 0.6029  -0.1985 -0.1073 53  LYS A CE  
111 C CE  B LYS A 16 ? 1.4926 1.5485 0.8315 0.5812  -0.1040 -0.0128 53  LYS A CE  
112 N NZ  A LYS A 16 ? 1.6087 1.7930 0.9461 0.6311  -0.2334 -0.1435 53  LYS A NZ  
113 N NZ  B LYS A 16 ? 1.5480 1.6003 0.8531 0.6057  -0.0954 0.0079  53  LYS A NZ  
114 N N   . VAL A 17 ? 1.0571 1.1176 0.6105 0.4333  -0.1262 -0.0773 54  VAL A N   
115 C CA  . VAL A 17 ? 1.0067 1.0583 0.5891 0.4097  -0.1227 -0.0844 54  VAL A CA  
116 C C   . VAL A 17 ? 0.9097 0.9543 0.5405 0.3738  -0.1169 -0.0852 54  VAL A C   
117 O O   . VAL A 17 ? 0.9153 0.9788 0.5648 0.3697  -0.1340 -0.0986 54  VAL A O   
118 C CB  . VAL A 17 ? 1.0478 1.1280 0.6244 0.4249  -0.1528 -0.1152 54  VAL A CB  
119 C CG1 . VAL A 17 ? 1.1275 1.2402 0.6731 0.4602  -0.1797 -0.1338 54  VAL A CG1 
120 C CG2 . VAL A 17 ? 0.9973 1.0905 0.6240 0.3985  -0.1675 -0.1389 54  VAL A CG2 
121 N N   A ARG A 18 ? 0.9328 0.9506 0.5836 0.3491  -0.0929 -0.0713 55  ARG A N   
122 N N   B ARG A 18 ? 0.9325 0.9500 0.5831 0.3490  -0.0925 -0.0709 55  ARG A N   
123 C CA  A ARG A 18 ? 0.8384 0.8475 0.5309 0.3152  -0.0851 -0.0709 55  ARG A CA  
124 C CA  B ARG A 18 ? 0.8383 0.8473 0.5309 0.3151  -0.0852 -0.0710 55  ARG A CA  
125 C C   A ARG A 18 ? 0.7928 0.7982 0.5078 0.3008  -0.0899 -0.0818 55  ARG A C   
126 C C   B ARG A 18 ? 0.7962 0.8027 0.5105 0.3018  -0.0910 -0.0826 55  ARG A C   
127 O O   A ARG A 18 ? 0.7864 0.7746 0.4907 0.3032  -0.0773 -0.0724 55  ARG A O   
128 O O   B ARG A 18 ? 0.7957 0.7864 0.4977 0.3058  -0.0800 -0.0743 55  ARG A O   
129 C CB  A ARG A 18 ? 0.7729 0.7561 0.4728 0.2968  -0.0505 -0.0461 55  ARG A CB  
130 C CB  B ARG A 18 ? 0.7697 0.7525 0.4707 0.2959  -0.0504 -0.0464 55  ARG A CB  
131 C CG  A ARG A 18 ? 0.8231 0.8098 0.5012 0.3125  -0.0434 -0.0332 55  ARG A CG  
132 C CG  B ARG A 18 ? 0.8039 0.7919 0.4934 0.3031  -0.0446 -0.0351 55  ARG A CG  
133 C CD  A ARG A 18 ? 0.7537 0.7273 0.4532 0.2895  -0.0147 -0.0166 55  ARG A CD  
134 C CD  B ARG A 18 ? 0.7659 0.7357 0.4556 0.2980  -0.0120 -0.0149 55  ARG A CD  
135 N NE  A ARG A 18 ? 0.7996 0.7828 0.4885 0.2990  -0.0154 -0.0081 55  ARG A NE  
136 N NE  B ARG A 18 ? 0.7905 0.7487 0.4596 0.3157  -0.0035 -0.0101 55  ARG A NE  
137 C CZ  A ARG A 18 ? 0.7554 0.7365 0.4638 0.2818  0.0034  0.0036  55  ARG A CZ  
138 C CZ  B ARG A 18 ? 0.8828 0.8458 0.5139 0.3469  -0.0097 -0.0060 55  ARG A CZ  
139 N NH1 A ARG A 18 ? 0.6629 0.6368 0.4030 0.2552  0.0243  0.0062  55  ARG A NH1 
140 N NH1 B ARG A 18 ? 0.9552 0.9346 0.5650 0.3649  -0.0250 -0.0073 55  ARG A NH1 
141 N NH2 A ARG A 18 ? 0.8055 0.7950 0.5029 0.2925  0.0002  0.0112  55  ARG A NH2 
142 N NH2 B ARG A 18 ? 0.9090 0.8603 0.5223 0.3608  -0.0011 -0.0004 55  ARG A NH2 
143 N N   . LYS A 19 ? 0.6836 0.7068 0.4335 0.2861  -0.1091 -0.1021 56  LYS A N   
144 C CA  . LYS A 19 ? 0.6551 0.6830 0.4318 0.2737  -0.1189 -0.1168 56  LYS A CA  
145 C C   . LYS A 19 ? 0.5730 0.5937 0.3960 0.2416  -0.1135 -0.1179 56  LYS A C   
146 O O   . LYS A 19 ? 0.5779 0.6057 0.4194 0.2312  -0.1170 -0.1219 56  LYS A O   
147 C CB  . LYS A 19 ? 0.7403 0.8099 0.5215 0.2913  -0.1540 -0.1534 56  LYS A CB  
148 C CG  . LYS A 19 ? 0.7696 0.8459 0.5583 0.2859  -0.1620 -0.1684 56  LYS A CG  
149 C CD  . LYS A 19 ? 0.8725 0.9889 0.6540 0.3075  -0.1926 -0.2073 56  LYS A CD  
150 C CE  . LYS A 19 ? 0.9440 1.0579 0.6637 0.3420  -0.1920 -0.1961 56  LYS A CE  
151 N NZ  . LYS A 19 ? 1.0149 1.1674 0.7237 0.3645  -0.2217 -0.2349 56  LYS A NZ  
152 N N   . GLY A 20 ? 0.4502 0.4572 0.2917 0.2261  -0.1061 -0.1126 57  GLY A N   
153 C CA  . GLY A 20 ? 0.4194 0.4204 0.3062 0.2005  -0.1025 -0.1135 57  GLY A CA  
154 C C   . GLY A 20 ? 0.4572 0.5055 0.4033 0.2017  -0.1376 -0.1569 57  GLY A C   
155 O O   . GLY A 20 ? 0.5064 0.5731 0.4532 0.2022  -0.1506 -0.1785 57  GLY A O   
156 N N   . ILE A 21 ? 0.4193 0.4819 0.4189 0.1921  -0.1440 -0.1762 58  ILE A N   
157 C CA  . ILE A 21 ? 0.4337 0.5414 0.5131 0.1817  -0.1644 -0.2218 58  ILE A CA  
158 C C   . ILE A 21 ? 0.3810 0.4942 0.5437 0.1482  -0.1522 -0.2182 58  ILE A C   
159 O O   . ILE A 21 ? 0.3521 0.4400 0.5178 0.1476  -0.1388 -0.2034 58  ILE A O   
160 C CB  . ILE A 21 ? 0.4411 0.5739 0.5210 0.1997  -0.1835 -0.2515 58  ILE A CB  
161 C CG1 . ILE A 21 ? 0.4868 0.6245 0.4939 0.2285  -0.1945 -0.2476 58  ILE A CG1 
162 C CG2 . ILE A 21 ? 0.4460 0.6199 0.6132 0.1893  -0.1982 -0.3004 58  ILE A CG2 
163 C CD1 . ILE A 21 ? 0.5322 0.6966 0.5326 0.2457  -0.2140 -0.2655 58  ILE A CD1 
164 N N   . MET A 22 ? 0.5727 0.6956 0.7882 0.1177  -0.1423 -0.2337 59  MET A N   
165 C CA  . MET A 22 ? 0.5277 0.6540 0.8228 0.0846  -0.1175 -0.2268 59  MET A CA  
166 C C   . MET A 22 ? 0.5435 0.6975 0.9054 0.0981  -0.1260 -0.2660 59  MET A C   
167 O O   . MET A 22 ? 0.5785 0.7566 0.9554 0.1092  -0.1448 -0.3085 59  MET A O   
168 C CB  . MET A 22 ? 0.5311 0.6401 0.8426 0.0568  -0.0912 -0.2252 59  MET A CB  
169 C CG  . MET A 22 ? 0.5230 0.5802 0.7534 0.0444  -0.0692 -0.1842 59  MET A CG  
170 S SD  . MET A 22 ? 0.4681 0.4985 0.6673 0.0308  -0.0474 -0.1288 59  MET A SD  
171 C CE  . MET A 22 ? 0.4214 0.4909 0.7309 0.0083  -0.0210 -0.1252 59  MET A CE  
172 N N   . ALA A 23 ? 0.4784 0.6176 0.8667 0.0951  -0.1100 -0.2516 60  ALA A N   
173 C CA  . ALA A 23 ? 0.4878 0.6290 0.9121 0.0975  -0.1152 -0.2849 60  ALA A CA  
174 C C   . ALA A 23 ? 0.4477 0.5728 0.9294 0.0774  -0.0817 -0.2710 60  ALA A C   
175 O O   . ALA A 23 ? 0.4171 0.5056 0.8773 0.0706  -0.0572 -0.2304 60  ALA A O   
176 C CB  . ALA A 23 ? 0.5204 0.6446 0.8805 0.1084  -0.1354 -0.2825 60  ALA A CB  
177 N N   A HIS A 24 ? 0.4847 0.6333 1.0310 0.0711  -0.0802 -0.3036 61  HIS A N   
178 N N   B HIS A 24 ? 0.4861 0.6356 1.0318 0.0718  -0.0816 -0.3049 61  HIS A N   
179 C CA  A HIS A 24 ? 0.4552 0.5880 1.0532 0.0591  -0.0496 -0.2950 61  HIS A CA  
180 C CA  B HIS A 24 ? 0.4575 0.5936 1.0580 0.0592  -0.0515 -0.2986 61  HIS A CA  
181 C C   A HIS A 24 ? 0.4727 0.5820 1.0630 0.0596  -0.0536 -0.2917 61  HIS A C   
182 C C   B HIS A 24 ? 0.4737 0.5866 1.0708 0.0594  -0.0539 -0.2956 61  HIS A C   
183 O O   A HIS A 24 ? 0.4490 0.5269 1.0526 0.0552  -0.0283 -0.2689 61  HIS A O   
184 O O   B HIS A 24 ? 0.4495 0.5337 1.0669 0.0548  -0.0274 -0.2754 61  HIS A O   
185 C CB  A HIS A 24 ? 0.4635 0.6263 1.1399 0.0528  -0.0473 -0.3366 61  HIS A CB  
186 C CB  B HIS A 24 ? 0.4656 0.6320 1.1439 0.0524  -0.0482 -0.3393 61  HIS A CB  
187 C CG  A HIS A 24 ? 0.4516 0.6174 1.1570 0.0424  -0.0213 -0.3283 61  HIS A CG  
188 C CG  B HIS A 24 ? 0.5081 0.7110 1.1872 0.0591  -0.0823 -0.3815 61  HIS A CG  
189 N ND1 A HIS A 24 ? 0.4981 0.6817 1.1925 0.0381  -0.0340 -0.3426 61  HIS A ND1 
190 N ND1 B HIS A 24 ? 0.5787 0.8114 1.3203 0.0595  -0.0951 -0.4293 61  HIS A ND1 
191 C CD2 A HIS A 24 ? 0.4335 0.5844 1.1733 0.0361  0.0163  -0.3084 61  HIS A CD2 
192 C CD2 B HIS A 24 ? 0.5445 0.7618 1.1789 0.0702  -0.1062 -0.3891 61  HIS A CD2 
193 C CE1 A HIS A 24 ? 0.5035 0.6813 1.2257 0.0262  -0.0049 -0.3316 61  HIS A CE1 
194 C CE1 B HIS A 24 ? 0.6464 0.9111 1.3793 0.0722  -0.1262 -0.4648 61  HIS A CE1 
195 N NE2 A HIS A 24 ? 0.4495 0.6108 1.2000 0.0263  0.0265  -0.3106 61  HIS A NE2 
196 N NE2 B HIS A 24 ? 0.6264 0.8805 1.2901 0.0799  -0.1335 -0.4406 61  HIS A NE2 
197 N N   . SER A 25 ? 0.3314 0.4618 0.9009 0.0660  -0.0867 -0.3142 62  SER A N   
198 C CA  . SER A 25 ? 0.3358 0.4560 0.8915 0.0634  -0.0953 -0.3061 62  SER A CA  
199 C C   . SER A 25 ? 0.3747 0.5260 0.8815 0.0784  -0.1319 -0.3168 62  SER A C   
200 O O   . SER A 25 ? 0.3934 0.5676 0.8797 0.0948  -0.1512 -0.3364 62  SER A O   
201 C CB  . SER A 25 ? 0.3553 0.4856 0.9887 0.0569  -0.0862 -0.3295 62  SER A CB  
202 O OG  . SER A 25 ? 0.3923 0.5660 1.0844 0.0612  -0.0995 -0.3767 62  SER A OG  
203 N N   . LEU A 26 ? 0.4484 0.6029 0.9426 0.0786  -0.1414 -0.3071 63  LEU A N   
204 C CA  . LEU A 26 ? 0.4762 0.6619 0.9256 0.0988  -0.1722 -0.3119 63  LEU A CA  
205 C C   . LEU A 26 ? 0.5263 0.7584 1.0017 0.1177  -0.1992 -0.3604 63  LEU A C   
206 O O   . LEU A 26 ? 0.5539 0.8024 0.9798 0.1399  -0.2200 -0.3669 63  LEU A O   
207 C CB  . LEU A 26 ? 0.4753 0.6648 0.9321 0.0960  -0.1746 -0.3000 63  LEU A CB  
208 C CG  . LEU A 26 ? 0.5075 0.7276 0.9239 0.1192  -0.2024 -0.3020 63  LEU A CG  
209 C CD1 . LEU A 26 ? 0.5036 0.7097 0.8357 0.1327  -0.2048 -0.2705 63  LEU A CD1 
210 C CD2 . LEU A 26 ? 0.4995 0.7201 0.9306 0.1132  -0.1994 -0.2870 63  LEU A CD2 
211 N N   . GLU A 27 ? 0.7582 1.0101 1.3126 0.1106  -0.1982 -0.3961 64  GLU A N   
212 C CA  . GLU A 27 ? 0.8095 1.1081 1.4027 0.1258  -0.2238 -0.4480 64  GLU A CA  
213 C C   . GLU A 27 ? 0.8261 1.1340 1.4038 0.1388  -0.2322 -0.4666 64  GLU A C   
214 O O   . GLU A 27 ? 0.8704 1.2091 1.4181 0.1642  -0.2615 -0.4904 64  GLU A O   
215 C CB  . GLU A 27 ? 0.8188 1.1282 1.5080 0.1101  -0.2111 -0.4793 64  GLU A CB  
216 C CG  . GLU A 27 ? 0.8690 1.2257 1.6027 0.1226  -0.2387 -0.5257 64  GLU A CG  
217 C CD  . GLU A 27 ? 0.8994 1.2817 1.7165 0.1174  -0.2379 -0.5741 64  GLU A CD  
218 O OE1 . GLU A 27 ? 0.8884 1.2584 1.7183 0.1098  -0.2222 -0.5744 64  GLU A OE1 
219 O OE2 . GLU A 27 ? 0.9364 1.3530 1.8106 0.1215  -0.2530 -0.6134 64  GLU A OE2 
220 N N   . ASP A 28 ? 0.8491 1.1298 1.4450 0.1221  -0.2050 -0.4524 65  ASP A N   
221 C CA  . ASP A 28 ? 0.8382 1.1272 1.4309 0.1283  -0.2072 -0.4665 65  ASP A CA  
222 C C   . ASP A 28 ? 0.8393 1.1222 1.3405 0.1494  -0.2229 -0.4457 65  ASP A C   
223 O O   . ASP A 28 ? 0.8836 1.1911 1.3635 0.1685  -0.2437 -0.4691 65  ASP A O   
224 C CB  . ASP A 28 ? 0.7609 1.0180 1.3861 0.1044  -0.1693 -0.4426 65  ASP A CB  
225 C CG  . ASP A 28 ? 0.7488 0.9913 1.4359 0.0844  -0.1435 -0.4381 65  ASP A CG  
226 O OD1 . ASP A 28 ? 0.7726 1.0112 1.4526 0.0839  -0.1489 -0.4306 65  ASP A OD1 
227 O OD2 . ASP A 28 ? 0.7233 0.9594 1.4629 0.0698  -0.1178 -0.4399 65  ASP A OD2 
228 N N   . LEU A 29 ? 0.5103 0.7577 0.9543 0.1456  -0.2110 -0.3998 66  LEU A N   
229 C CA  . LEU A 29 ? 0.5200 0.7561 0.8722 0.1653  -0.2210 -0.3736 66  LEU A CA  
230 C C   . LEU A 29 ? 0.6005 0.8721 0.9203 0.1945  -0.2528 -0.3955 66  LEU A C   
231 O O   . LEU A 29 ? 0.6374 0.9205 0.9112 0.2175  -0.2674 -0.4029 66  LEU A O   
232 C CB  . LEU A 29 ? 0.4936 0.6893 0.7964 0.1527  -0.2029 -0.3214 66  LEU A CB  
233 C CG  . LEU A 29 ? 0.5068 0.6870 0.7143 0.1708  -0.2059 -0.2872 66  LEU A CG  
234 C CD1 . LEU A 29 ? 0.4827 0.6521 0.6653 0.1788  -0.2012 -0.2875 66  LEU A CD1 
235 C CD2 . LEU A 29 ? 0.4635 0.6095 0.6324 0.1525  -0.1847 -0.2336 66  LEU A CD2 
236 N N   . LEU A 30 ? 0.6425 0.9306 0.9860 0.1940  -0.2623 -0.4043 67  LEU A N   
237 C CA  . LEU A 30 ? 0.7013 1.0246 1.0201 0.2222  -0.2920 -0.4256 67  LEU A CA  
238 C C   . LEU A 30 ? 0.7544 1.1176 1.1048 0.2395  -0.3150 -0.4790 67  LEU A C   
239 O O   . LEU A 30 ? 0.8090 1.1956 1.1160 0.2691  -0.3390 -0.4925 67  LEU A O   
240 C CB  . LEU A 30 ? 0.7028 1.0393 1.0520 0.2164  -0.2976 -0.4271 67  LEU A CB  
241 C CG  . LEU A 30 ? 0.6982 1.0180 0.9826 0.2258  -0.2959 -0.3853 67  LEU A CG  
242 C CD1 . LEU A 30 ? 0.7471 1.0734 0.9551 0.2593  -0.3116 -0.3800 67  LEU A CD1 
243 C CD2 . LEU A 30 ? 0.6361 0.9102 0.8990 0.2020  -0.2654 -0.3362 67  LEU A CD2 
244 N N   . ASN A 31 ? 0.8760 1.2460 1.3018 0.2206  -0.3058 -0.5072 68  ASN A N   
245 C CA  . ASN A 31 ? 0.9220 1.3273 1.3808 0.2320  -0.3238 -0.5552 68  ASN A CA  
246 C C   . ASN A 31 ? 0.9342 1.3299 1.3278 0.2467  -0.3260 -0.5425 68  ASN A C   
247 O O   . ASN A 31 ? 0.9921 1.4155 1.3587 0.2726  -0.3506 -0.5688 68  ASN A O   
248 C CB  . ASN A 31 ? 0.9040 1.3151 1.4632 0.2044  -0.3071 -0.5830 68  ASN A CB  
249 C CG  . ASN A 31 ? 0.9140 1.3447 1.5439 0.1955  -0.3100 -0.6085 68  ASN A CG  
250 O OD1 . ASN A 31 ? 0.9505 1.4068 1.5659 0.2148  -0.3345 -0.6236 68  ASN A OD1 
251 N ND2 . ASN A 31 ? 0.8849 1.3030 1.5907 0.1671  -0.2832 -0.6115 68  ASN A ND2 
252 N N   . LYS A 32 ? 0.8615 1.2167 1.2271 0.2309  -0.3003 -0.5010 69  LYS A N   
253 C CA  . LYS A 32 ? 0.8661 1.2074 1.1779 0.2385  -0.2972 -0.4861 69  LYS A CA  
254 C C   . LYS A 32 ? 0.8992 1.2311 1.1094 0.2689  -0.3073 -0.4587 69  LYS A C   
255 O O   . LYS A 32 ? 0.9446 1.2870 1.1141 0.2887  -0.3199 -0.4690 69  LYS A O   
256 C CB  . LYS A 32 ? 0.7821 1.0840 1.1027 0.2106  -0.2650 -0.4501 69  LYS A CB  
257 C CG  . LYS A 32 ? 0.7951 1.1005 1.1548 0.1938  -0.2566 -0.4674 69  LYS A CG  
258 C CD  . LYS A 32 ? 0.7346 1.0299 1.1803 0.1592  -0.2289 -0.4665 69  LYS A CD  
259 C CE  . LYS A 32 ? 0.6779 0.9350 1.1057 0.1374  -0.1994 -0.4232 69  LYS A CE  
260 N NZ  . LYS A 32 ? 0.6324 0.8787 1.1381 0.1063  -0.1673 -0.4162 69  LYS A NZ  
261 N N   . VAL A 33 ? 0.8112 1.1205 0.9815 0.2704  -0.2986 -0.4217 70  VAL A N   
262 C CA  . VAL A 33 ? 0.8338 1.1236 0.9113 0.2923  -0.2966 -0.3836 70  VAL A CA  
263 C C   . VAL A 33 ? 0.9127 1.2343 0.9530 0.3270  -0.3234 -0.4071 70  VAL A C   
264 O O   . VAL A 33 ? 0.9414 1.2485 0.9110 0.3455  -0.3196 -0.3826 70  VAL A O   
265 C CB  . VAL A 33 ? 0.7991 1.0618 0.8527 0.2821  -0.2806 -0.3414 70  VAL A CB  
266 C CG1 . VAL A 33 ? 0.8090 1.0998 0.9125 0.2795  -0.2964 -0.3658 70  VAL A CG1 
267 C CG2 . VAL A 33 ? 0.8278 1.0711 0.7968 0.3041  -0.2743 -0.3043 70  VAL A CG2 
268 N N   . GLN A 34 ? 0.8935 1.2581 0.9838 0.3358  -0.3492 -0.4549 71  GLN A N   
269 C CA  . GLN A 34 ? 0.9727 1.3712 1.0310 0.3708  -0.3772 -0.4820 71  GLN A CA  
270 C C   . GLN A 34 ? 1.0079 1.4114 1.0376 0.3842  -0.3822 -0.4946 71  GLN A C   
271 O O   . GLN A 34 ? 1.0560 1.4562 1.0147 0.4108  -0.3870 -0.4798 71  GLN A O   
272 C CB  . GLN A 34 ? 1.0059 1.4523 1.1328 0.3764  -0.4042 -0.5365 71  GLN A CB  
273 C CG  . GLN A 34 ? 1.0920 1.5767 1.1871 0.4152  -0.4357 -0.5681 71  GLN A CG  
274 C CD  . GLN A 34 ? 1.1272 1.6625 1.2989 0.4201  -0.4631 -0.6295 71  GLN A CD  
275 O OE1 . GLN A 34 ? 1.0934 1.6371 1.3488 0.3935  -0.4576 -0.6557 71  GLN A OE1 
276 N NE2 . GLN A 34 ? 1.1982 1.7670 1.3435 0.4545  -0.4911 -0.6526 71  GLN A NE2 
277 N N   . ASP A 35 ? 0.9989 1.4088 1.0857 0.3640  -0.3793 -0.5209 72  ASP A N   
278 C CA  . ASP A 35 ? 1.0305 1.4446 1.0963 0.3716  -0.3834 -0.5349 72  ASP A CA  
279 C C   . ASP A 35 ? 0.9920 1.3587 1.0044 0.3597  -0.3551 -0.4853 72  ASP A C   
280 O O   . ASP A 35 ? 1.0247 1.3866 0.9944 0.3705  -0.3557 -0.4842 72  ASP A O   
281 C CB  . ASP A 35 ? 1.0315 1.4744 1.1855 0.3535  -0.3922 -0.5871 72  ASP A CB  
282 C CG  . ASP A 35 ? 1.1008 1.5963 1.2868 0.3770  -0.4257 -0.6441 72  ASP A CG  
283 O OD1 . ASP A 35 ? 1.1626 1.6730 1.2856 0.4122  -0.4446 -0.6464 72  ASP A OD1 
284 O OD2 . ASP A 35 ? 1.0960 1.6177 1.3719 0.3605  -0.4318 -0.6865 72  ASP A OD2 
285 N N   . ILE A 36 ? 0.8503 1.1818 0.8650 0.3379  -0.3302 -0.4452 73  ILE A N   
286 C CA  . ILE A 36 ? 0.8139 1.1000 0.7789 0.3274  -0.3027 -0.3973 73  ILE A CA  
287 C C   . ILE A 36 ? 0.8425 1.1063 0.7208 0.3506  -0.2943 -0.3559 73  ILE A C   
288 O O   . ILE A 36 ? 0.8549 1.0965 0.6831 0.3555  -0.2816 -0.3330 73  ILE A O   
289 C CB  . ILE A 36 ? 0.7322 0.9884 0.7344 0.2951  -0.2779 -0.3708 73  ILE A CB  
290 C CG1 . ILE A 36 ? 0.7062 0.9773 0.7927 0.2678  -0.2777 -0.4052 73  ILE A CG1 
291 C CG2 . ILE A 36 ? 0.6986 0.9075 0.6432 0.2884  -0.2498 -0.3182 73  ILE A CG2 
292 C CD1 . ILE A 36 ? 0.6302 0.8702 0.7507 0.2353  -0.2505 -0.3772 73  ILE A CD1 
293 N N   . LEU A 37 ? 0.7639 1.0337 0.6292 0.3624  -0.2998 -0.3472 74  LEU A N   
294 C CA  . LEU A 37 ? 0.7982 1.0503 0.5931 0.3896  -0.2911 -0.3140 74  LEU A CA  
295 C C   . LEU A 37 ? 0.8878 1.1720 0.6441 0.4300  -0.3167 -0.3377 74  LEU A C   
296 O O   . LEU A 37 ? 0.9258 1.2013 0.6296 0.4552  -0.3122 -0.3150 74  LEU A O   
297 C CB  . LEU A 37 ? 0.7681 1.0062 0.5668 0.3831  -0.2808 -0.2901 74  LEU A CB  
298 C CG  . LEU A 37 ? 0.6913 0.8872 0.4985 0.3526  -0.2484 -0.2511 74  LEU A CG  
299 C CD1 . LEU A 37 ? 0.6817 0.8648 0.4766 0.3530  -0.2386 -0.2269 74  LEU A CD1 
300 C CD2 . LEU A 37 ? 0.6848 0.8471 0.4500 0.3538  -0.2243 -0.2208 74  LEU A CD2 
301 N N   . LYS A 38 ? 0.9224 1.2437 0.7065 0.4361  -0.3423 -0.3844 75  LYS A N   
302 C CA  . LYS A 38 ? 1.0106 1.3692 0.7657 0.4754  -0.3709 -0.4150 75  LYS A CA  
303 C C   . LYS A 38 ? 1.0391 1.4143 0.7877 0.4955  -0.3843 -0.4168 75  LYS A C   
304 O O   . LYS A 38 ? 1.0872 1.4560 0.7749 0.5255  -0.3826 -0.3954 75  LYS A O   
305 C CB  . LYS A 38 ? 1.0627 1.4070 0.7428 0.5027  -0.3632 -0.3942 75  LYS A CB  
306 C CG  . LYS A 38 ? 1.0790 1.4297 0.7601 0.4988  -0.3673 -0.4153 75  LYS A CG  
307 C CD  . LYS A 38 ? 1.1482 1.4930 0.7528 0.5335  -0.3647 -0.4004 75  LYS A CD  
308 C CE  . LYS A 38 ? 1.1946 1.5638 0.7986 0.5415  -0.3819 -0.4385 75  LYS A CE  
309 N NZ  . LYS A 38 ? 1.2282 1.6481 0.8816 0.5484  -0.4168 -0.4972 75  LYS A NZ  
310 N N   . LEU A 39 ? 1.0125 1.4089 0.8254 0.4790  -0.3966 -0.4425 76  LEU A N   
311 C CA  . LEU A 39 ? 1.0371 1.4501 0.8495 0.4953  -0.4102 -0.4460 76  LEU A CA  
312 C C   . LEU A 39 ? 1.1045 1.5718 0.9423 0.5204  -0.4480 -0.5016 76  LEU A C   
313 O O   . LEU A 39 ? 1.0980 1.5925 0.9992 0.5064  -0.4620 -0.5442 76  LEU A O   
314 C CB  . LEU A 39 ? 0.9634 1.3595 0.8246 0.4615  -0.3954 -0.4304 76  LEU A CB  
315 C CG  . LEU A 39 ? 0.9086 1.2527 0.7347 0.4441  -0.3595 -0.3734 76  LEU A CG  
316 C CD1 . LEU A 39 ? 0.8418 1.1711 0.7126 0.4130  -0.3464 -0.3588 76  LEU A CD1 
317 C CD2 . LEU A 39 ? 0.9586 1.2878 0.7084 0.4756  -0.3530 -0.3424 76  LEU A CD2 
318 N N   . LYS A 40 ? 1.2177 1.7007 1.0080 0.5580  -0.4636 -0.5014 77  LYS A N   
319 C CA  . LYS A 40 ? 1.2926 1.8280 1.0960 0.5890  -0.5010 -0.5530 77  LYS A CA  
320 C C   . LYS A 40 ? 1.2701 1.8360 1.1577 0.5712  -0.5175 -0.5913 77  LYS A C   
321 O O   . LYS A 40 ? 1.3086 1.9185 1.2406 0.5805  -0.5447 -0.6451 77  LYS A O   
322 C CB  . LYS A 40 ? 1.3666 1.9074 1.0980 0.6328  -0.5107 -0.5379 77  LYS A CB  
323 C CG  . LYS A 40 ? 1.4074 1.9260 1.0593 0.6565  -0.4977 -0.5089 77  LYS A CG  
324 C CD  . LYS A 40 ? 1.4561 1.9611 1.0390 0.6883  -0.4921 -0.4747 77  LYS A CD  
325 C CE  . LYS A 40 ? 1.5330 2.0374 1.0413 0.7265  -0.4928 -0.4661 77  LYS A CE  
326 N NZ  . LYS A 40 ? 1.5881 2.0811 1.0322 0.7595  -0.4875 -0.4346 77  LYS A NZ  
327 N N   . ASP A 41 ? 1.6548 2.1979 1.5660 0.5459  -0.5005 -0.5645 78  ASP A N   
328 C CA  . ASP A 41 ? 1.6255 2.1920 1.6208 0.5241  -0.5105 -0.5958 78  ASP A CA  
329 C C   . ASP A 41 ? 1.5329 2.0610 1.5634 0.4800  -0.4793 -0.5622 78  ASP A C   
330 O O   . ASP A 41 ? 1.4982 1.9838 1.4802 0.4724  -0.4536 -0.5113 78  ASP A O   
331 C CB  . ASP A 41 ? 1.6750 2.2700 1.6660 0.5506  -0.5338 -0.6103 78  ASP A CB  
332 C CG  . ASP A 41 ? 1.6901 2.2563 1.6024 0.5700  -0.5218 -0.5606 78  ASP A CG  
333 O OD1 . ASP A 41 ? 1.6870 2.2194 1.5382 0.5745  -0.5015 -0.5230 78  ASP A OD1 
334 O OD2 . ASP A 41 ? 1.7076 2.2850 1.6217 0.5807  -0.5321 -0.5599 78  ASP A OD2 
335 N N   . LYS A 42 ? 1.2843 1.8276 1.4010 0.4517  -0.4807 -0.5919 79  LYS A N   
336 C CA  . LYS A 42 ? 1.2001 1.7096 1.3565 0.4098  -0.4512 -0.5647 79  LYS A CA  
337 C C   . LYS A 42 ? 1.1706 1.6551 1.3027 0.4045  -0.4378 -0.5233 79  LYS A C   
338 O O   . LYS A 42 ? 1.2021 1.7096 1.3415 0.4195  -0.4552 -0.5360 79  LYS A O   
339 C CB  . LYS A 42 ? 1.1809 1.7157 1.4401 0.3859  -0.4557 -0.6101 79  LYS A CB  
340 C CG  . LYS A 42 ? 1.1009 1.6023 1.4058 0.3452  -0.4249 -0.5857 79  LYS A CG  
341 C CD  . LYS A 42 ? 1.0863 1.6024 1.4812 0.3237  -0.4207 -0.6271 79  LYS A CD  
342 C CE  . LYS A 42 ? 1.1282 1.6918 1.5986 0.3292  -0.4439 -0.6836 79  LYS A CE  
343 N NZ  . LYS A 42 ? 1.1170 1.6925 1.6799 0.3064  -0.4355 -0.7224 79  LYS A NZ  
344 N N   . PRO A 43 ? 0.8417 1.2797 0.9452 0.3834  -0.4070 -0.4743 80  PRO A N   
345 C CA  . PRO A 43 ? 0.8098 1.2210 0.8917 0.3750  -0.3911 -0.4330 80  PRO A CA  
346 C C   . PRO A 43 ? 0.7789 1.2036 0.9350 0.3522  -0.3927 -0.4485 80  PRO A C   
347 O O   . PRO A 43 ? 0.7580 1.1956 0.9840 0.3315  -0.3925 -0.4783 80  PRO A O   
348 C CB  . PRO A 43 ? 0.7495 1.1124 0.8039 0.3518  -0.3578 -0.3881 80  PRO A CB  
349 C CG  . PRO A 43 ? 0.7679 1.1314 0.8023 0.3603  -0.3591 -0.3996 80  PRO A CG  
350 C CD  . PRO A 43 ? 0.8054 1.2147 0.8955 0.3671  -0.3861 -0.4566 80  PRO A CD  
351 N N   . PHE A 44 ? 0.7903 1.2112 0.9336 0.3560  -0.3926 -0.4284 81  PHE A N   
352 C CA  . PHE A 44 ? 0.7690 1.2051 0.9798 0.3379  -0.3954 -0.4429 81  PHE A CA  
353 C C   . PHE A 44 ? 0.7005 1.0985 0.9171 0.3072  -0.3658 -0.3994 81  PHE A C   
354 O O   . PHE A 44 ? 0.6684 1.0705 0.9492 0.2835  -0.3594 -0.4081 81  PHE A O   
355 C CB  . PHE A 44 ? 0.8261 1.2947 1.0292 0.3663  -0.4217 -0.4602 81  PHE A CB  
356 C CG  . PHE A 44 ? 0.8131 1.3033 1.0895 0.3511  -0.4275 -0.4812 81  PHE A CG  
357 C CD1 . PHE A 44 ? 0.8013 1.2832 1.0687 0.3493  -0.4229 -0.4546 81  PHE A CD1 
358 C CD2 . PHE A 44 ? 0.8150 1.3336 1.1720 0.3383  -0.4360 -0.5278 81  PHE A CD2 
359 C CE1 . PHE A 44 ? 0.7914 1.2936 1.1265 0.3359  -0.4275 -0.4736 81  PHE A CE1 
360 C CE2 . PHE A 44 ? 0.8064 1.3440 1.2335 0.3244  -0.4389 -0.5473 81  PHE A CE2 
361 C CZ  . PHE A 44 ? 0.7943 1.3239 1.2092 0.3235  -0.4350 -0.5198 81  PHE A CZ  
362 N N   . SER A 45 ? 0.6765 1.0375 0.8278 0.3080  -0.3467 -0.3533 82  SER A N   
363 C CA  . SER A 45 ? 0.6167 0.9429 0.7681 0.2816  -0.3196 -0.3112 82  SER A CA  
364 C C   . SER A 45 ? 0.5804 0.8651 0.6859 0.2704  -0.2933 -0.2741 82  SER A C   
365 O O   . SER A 45 ? 0.6111 0.8877 0.6589 0.2911  -0.2937 -0.2654 82  SER A O   
366 C CB  . SER A 45 ? 0.6339 0.9603 0.7579 0.2942  -0.3227 -0.2897 82  SER A CB  
367 O OG  . SER A 45 ? 0.5784 0.8752 0.7076 0.2686  -0.2976 -0.2518 82  SER A OG  
368 N N   . LEU A 46 ? 0.5707 0.8295 0.7031 0.2386  -0.2696 -0.2528 83  LEU A N   
369 C CA  . LEU A 46 ? 0.5327 0.7519 0.6246 0.2259  -0.2433 -0.2156 83  LEU A CA  
370 C C   . LEU A 46 ? 0.5098 0.7051 0.5735 0.2184  -0.2249 -0.1736 83  LEU A C   
371 O O   . LEU A 46 ? 0.4874 0.6869 0.5874 0.2044  -0.2223 -0.1681 83  LEU A O   
372 C CB  . LEU A 46 ? 0.4818 0.6867 0.6192 0.1964  -0.2279 -0.2185 83  LEU A CB  
373 C CG  . LEU A 46 ? 0.4441 0.6100 0.5413 0.1836  -0.2021 -0.1832 83  LEU A CG  
374 C CD1 . LEU A 46 ? 0.4811 0.6447 0.5235 0.2074  -0.2069 -0.1867 83  LEU A CD1 
375 C CD2 . LEU A 46 ? 0.3958 0.5472 0.5408 0.1548  -0.1870 -0.1856 83  LEU A CD2 
376 N N   . VAL A 47 ? 0.5024 0.6735 0.5052 0.2276  -0.2104 -0.1457 84  VAL A N   
377 C CA  . VAL A 47 ? 0.4885 0.6403 0.4668 0.2225  -0.1924 -0.1105 84  VAL A CA  
378 C C   . VAL A 47 ? 0.4526 0.5685 0.4000 0.2069  -0.1612 -0.0788 84  VAL A C   
379 O O   . VAL A 47 ? 0.4514 0.5570 0.3825 0.2080  -0.1556 -0.0829 84  VAL A O   
380 C CB  . VAL A 47 ? 0.5490 0.7135 0.4888 0.2542  -0.2057 -0.1121 84  VAL A CB  
381 C CG1 . VAL A 47 ? 0.5677 0.7078 0.4483 0.2668  -0.1866 -0.0889 84  VAL A CG1 
382 C CG2 . VAL A 47 ? 0.5438 0.7158 0.5030 0.2502  -0.2081 -0.1022 84  VAL A CG2 
383 N N   . LEU A 48 ? 0.4819 0.5813 0.4257 0.1919  -0.1405 -0.0501 85  LEU A N   
384 C CA  . LEU A 48 ? 0.4523 0.5240 0.3706 0.1784  -0.1097 -0.0253 85  LEU A CA  
385 C C   . LEU A 48 ? 0.4965 0.5624 0.3652 0.2035  -0.1023 -0.0197 85  LEU A C   
386 O O   . LEU A 48 ? 0.5330 0.6085 0.3886 0.2215  -0.1111 -0.0184 85  LEU A O   
387 C CB  . LEU A 48 ? 0.4030 0.4652 0.3444 0.1518  -0.0899 -0.0023 85  LEU A CB  
388 C CG  . LEU A 48 ? 0.3533 0.4162 0.3442 0.1247  -0.0883 0.0008  85  LEU A CG  
389 C CD1 . LEU A 48 ? 0.3076 0.3595 0.3135 0.1003  -0.0653 0.0244  85  LEU A CD1 
390 C CD2 . LEU A 48 ? 0.3361 0.3906 0.3307 0.1163  -0.0849 -0.0063 85  LEU A CD2 
391 N N   . GLU A 49 ? 0.7233 0.7742 0.5677 0.2057  -0.0857 -0.0164 86  GLU A N   
392 C CA  . GLU A 49 ? 0.7656 0.8109 0.5691 0.2303  -0.0758 -0.0102 86  GLU A CA  
393 C C   . GLU A 49 ? 0.7510 0.7894 0.5525 0.2239  -0.0523 0.0100  86  GLU A C   
394 O O   . GLU A 49 ? 0.7923 0.8303 0.5664 0.2460  -0.0484 0.0167  86  GLU A O   
395 C CB  . GLU A 49 ? 0.7629 0.7950 0.5500 0.2328  -0.0622 -0.0121 86  GLU A CB  
396 C CG  . GLU A 49 ? 0.7304 0.7478 0.5097 0.2275  -0.0285 0.0049  86  GLU A CG  
397 C CD  . GLU A 49 ? 0.7914 0.8081 0.5355 0.2582  -0.0254 0.0113  86  GLU A CD  
398 O OE1 . GLU A 49 ? 0.8550 0.8774 0.5716 0.2850  -0.0447 0.0016  86  GLU A OE1 
399 O OE2 . GLU A 49 ? 0.7747 0.7878 0.5202 0.2566  -0.0044 0.0253  86  GLU A OE2 
400 N N   . GLU A 50 ? 0.8745 0.9101 0.7068 0.1946  -0.0373 0.0191  87  GLU A N   
401 C CA  . GLU A 50 ? 0.8531 0.8880 0.6914 0.1868  -0.0137 0.0338  87  GLU A CA  
402 C C   . GLU A 50 ? 0.8851 0.9277 0.7183 0.1996  -0.0265 0.0389  87  GLU A C   
403 O O   . GLU A 50 ? 0.9059 0.9475 0.7238 0.2122  -0.0149 0.0483  87  GLU A O   
404 C CB  . GLU A 50 ? 0.7841 0.8212 0.6582 0.1540  0.0053  0.0387  87  GLU A CB  
405 C CG  . GLU A 50 ? 0.7431 0.7894 0.6307 0.1472  0.0298  0.0488  87  GLU A CG  
406 C CD  . GLU A 50 ? 0.6496 0.7092 0.5753 0.1181  0.0494  0.0504  87  GLU A CD  
407 O OE1 . GLU A 50 ? 0.6105 0.6859 0.5556 0.1112  0.0656  0.0562  87  GLU A OE1 
408 O OE2 . GLU A 50 ? 0.6155 0.6739 0.5533 0.1036  0.0488  0.0459  87  GLU A OE2 
409 N N   . ASP A 51 ? 0.6782 0.7299 0.5278 0.1974  -0.0509 0.0321  88  ASP A N   
410 C CA  . ASP A 51 ? 0.7048 0.7656 0.5554 0.2083  -0.0639 0.0358  88  ASP A CA  
411 C C   . ASP A 51 ? 0.7399 0.8185 0.5982 0.2235  -0.0982 0.0194  88  ASP A C   
412 O O   . ASP A 51 ? 0.7586 0.8483 0.6249 0.2314  -0.1113 0.0200  88  ASP A O   
413 C CB  . ASP A 51 ? 0.6553 0.7150 0.5364 0.1828  -0.0492 0.0475  88  ASP A CB  
414 C CG  . ASP A 51 ? 0.6002 0.6579 0.5156 0.1539  -0.0453 0.0457  88  ASP A CG  
415 O OD1 . ASP A 51 ? 0.6054 0.6674 0.5329 0.1546  -0.0650 0.0343  88  ASP A OD1 
416 O OD2 . ASP A 51 ? 0.5529 0.6087 0.4851 0.1321  -0.0220 0.0541  88  ASP A OD2 
417 N N   . GLY A 52 ? 0.7189 0.8041 0.5787 0.2286  -0.1129 0.0018  89  GLY A N   
418 C CA  . GLY A 52 ? 0.7519 0.8623 0.6266 0.2442  -0.1456 -0.0216 89  GLY A CA  
419 C C   . GLY A 52 ? 0.7136 0.8358 0.6412 0.2233  -0.1541 -0.0268 89  GLY A C   
420 O O   . GLY A 52 ? 0.7394 0.8864 0.6874 0.2354  -0.1779 -0.0438 89  GLY A O   
421 N N   . THR A 53 ? 0.5991 0.7059 0.5513 0.1928  -0.1341 -0.0129 90  THR A N   
422 C CA  . THR A 53 ? 0.5622 0.6791 0.5675 0.1728  -0.1384 -0.0149 90  THR A CA  
423 C C   . THR A 53 ? 0.5695 0.7054 0.6051 0.1755  -0.1583 -0.0446 90  THR A C   
424 O O   . THR A 53 ? 0.5624 0.6899 0.5902 0.1723  -0.1548 -0.0514 90  THR A O   
425 C CB  . THR A 53 ? 0.5000 0.5959 0.5224 0.1409  -0.1104 0.0095  90  THR A CB  
426 O OG1 . THR A 53 ? 0.4944 0.5768 0.4951 0.1379  -0.0931 0.0281  90  THR A OG1 
427 C CG2 . THR A 53 ? 0.4675 0.5752 0.5438 0.1241  -0.1117 0.0100  90  THR A CG2 
428 N N   . ILE A 54 ? 0.4153 0.5783 0.4892 0.1814  -0.1786 -0.0658 91  ILE A N   
429 C CA  . ILE A 54 ? 0.4300 0.6170 0.5419 0.1853  -0.1990 -0.1033 91  ILE A CA  
430 C C   . ILE A 54 ? 0.3816 0.5593 0.5391 0.1576  -0.1850 -0.1051 91  ILE A C   
431 O O   . ILE A 54 ? 0.3464 0.5170 0.5335 0.1385  -0.1705 -0.0900 91  ILE A O   
432 C CB  . ILE A 54 ? 0.4652 0.6872 0.6109 0.1996  -0.2241 -0.1306 91  ILE A CB  
433 C CG1 . ILE A 54 ? 0.5235 0.7570 0.6229 0.2316  -0.2413 -0.1342 91  ILE A CG1 
434 C CG2 . ILE A 54 ? 0.4769 0.7255 0.6754 0.1986  -0.2414 -0.1738 91  ILE A CG2 
435 C CD1 . ILE A 54 ? 0.5586 0.8254 0.6856 0.2468  -0.2647 -0.1559 91  ILE A CD1 
436 N N   . VAL A 55 ? 0.4019 0.5790 0.5638 0.1571  -0.1889 -0.1246 92  VAL A N   
437 C CA  . VAL A 55 ? 0.3659 0.5337 0.5747 0.1335  -0.1774 -0.1330 92  VAL A CA  
438 C C   . VAL A 55 ? 0.3938 0.5926 0.6613 0.1379  -0.1978 -0.1808 92  VAL A C   
439 O O   . VAL A 55 ? 0.4229 0.6367 0.6886 0.1511  -0.2131 -0.2097 92  VAL A O   
440 C CB  . VAL A 55 ? 0.3482 0.4930 0.5288 0.1274  -0.1651 -0.1240 92  VAL A CB  
441 C CG1 . VAL A 55 ? 0.3101 0.4376 0.5375 0.1013  -0.1488 -0.1273 92  VAL A CG1 
442 C CG2 . VAL A 55 ? 0.3322 0.4515 0.4532 0.1268  -0.1460 -0.0829 92  VAL A CG2 
443 N N   . GLU A 56 ? 0.5162 0.7251 0.8373 0.1273  -0.1967 -0.1907 93  GLU A N   
444 C CA  . GLU A 56 ? 0.5530 0.7942 0.9366 0.1311  -0.2141 -0.2380 93  GLU A CA  
445 C C   . GLU A 56 ? 0.5332 0.7615 0.9856 0.1059  -0.1951 -0.2488 93  GLU A C   
446 O O   . GLU A 56 ? 0.5580 0.8107 1.0716 0.1058  -0.2041 -0.2879 93  GLU A O   
447 C CB  . GLU A 56 ? 0.5899 0.8637 0.9793 0.1491  -0.2356 -0.2508 93  GLU A CB  
448 C CG  . GLU A 56 ? 0.5669 0.8307 0.9628 0.1387  -0.2224 -0.2223 93  GLU A CG  
449 C CD  . GLU A 56 ? 0.6051 0.9032 1.0153 0.1562  -0.2443 -0.2395 93  GLU A CD  
450 O OE1 . GLU A 56 ? 0.6500 0.9721 1.0359 0.1815  -0.2691 -0.2592 93  GLU A OE1 
451 O OE2 . GLU A 56 ? 0.5933 0.8938 1.0380 0.1459  -0.2368 -0.2337 93  GLU A OE2 
452 N N   . THR A 57 ? 0.5191 0.7071 0.9613 0.0859  -0.1674 -0.2146 94  THR A N   
453 C CA  . THR A 57 ? 0.5034 0.6668 1.0022 0.0646  -0.1447 -0.2211 94  THR A CA  
454 C C   . THR A 57 ? 0.4783 0.6040 0.9615 0.0531  -0.1253 -0.2082 94  THR A C   
455 O O   . THR A 57 ? 0.4580 0.5681 0.8816 0.0543  -0.1225 -0.1796 94  THR A O   
456 C CB  . THR A 57 ? 0.4821 0.6246 0.9915 0.0521  -0.1271 -0.1945 94  THR A CB  
457 O OG1 . THR A 57 ? 0.4739 0.5788 1.0247 0.0351  -0.1006 -0.1934 94  THR A OG1 
458 C CG2 . THR A 57 ? 0.4470 0.5683 0.8887 0.0509  -0.1189 -0.1485 94  THR A CG2 
459 N N   . GLU A 58 ? 0.6351 0.7467 1.1742 0.0438  -0.1103 -0.2294 95  GLU A N   
460 C CA  . GLU A 58 ? 0.6165 0.6935 1.1491 0.0369  -0.0913 -0.2224 95  GLU A CA  
461 C C   . GLU A 58 ? 0.5819 0.6021 1.0794 0.0242  -0.0654 -0.1761 95  GLU A C   
462 O O   . GLU A 58 ? 0.5624 0.5522 1.0244 0.0206  -0.0549 -0.1575 95  GLU A O   
463 C CB  . GLU A 58 ? 0.6354 0.7165 1.2435 0.0356  -0.0791 -0.2575 95  GLU A CB  
464 C CG  . GLU A 58 ? 0.6310 0.7140 1.2428 0.0401  -0.0760 -0.2738 95  GLU A CG  
465 C CD  . GLU A 58 ? 0.5724 0.6041 1.1596 0.0359  -0.0464 -0.2404 95  GLU A CD  
466 O OE1 . GLU A 58 ? 0.5542 0.5822 1.1037 0.0395  -0.0490 -0.2342 95  GLU A OE1 
467 O OE2 . GLU A 58 ? 0.5482 0.5450 1.1535 0.0332  -0.0209 -0.2202 95  GLU A OE2 
468 N N   . GLU A 59 ? 0.5548 0.5600 1.0619 0.0186  -0.0562 -0.1585 96  GLU A N   
469 C CA  . GLU A 59 ? 0.5307 0.4785 1.0051 0.0095  -0.0336 -0.1152 96  GLU A CA  
470 C C   . GLU A 59 ? 0.5036 0.4478 0.9060 0.0022  -0.0398 -0.0815 96  GLU A C   
471 O O   . GLU A 59 ? 0.4731 0.3728 0.8408 -0.0077 -0.0248 -0.0530 96  GLU A O   
472 C CB  . GLU A 59 ? 0.5385 0.4761 1.0395 0.0077  -0.0248 -0.1060 96  GLU A CB  
473 C CG  . GLU A 59 ? 0.5533 0.4845 1.1252 0.0135  -0.0080 -0.1291 96  GLU A CG  
474 C CD  . GLU A 59 ? 0.5903 0.5778 1.2199 0.0154  -0.0241 -0.1777 96  GLU A CD  
475 O OE1 . GLU A 59 ? 0.5966 0.6295 1.2158 0.0177  -0.0510 -0.1919 96  GLU A OE1 
476 O OE2 . GLU A 59 ? 0.6056 0.5937 1.2916 0.0180  -0.0099 -0.2015 96  GLU A OE2 
477 N N   . TYR A 60 ? 0.3369 0.3297 0.7187 0.0106  -0.0604 -0.0845 97  TYR A N   
478 C CA  . TYR A 60 ? 0.3225 0.3252 0.6400 0.0121  -0.0633 -0.0559 97  TYR A CA  
479 C C   . TYR A 60 ? 0.3186 0.3280 0.6067 0.0174  -0.0682 -0.0602 97  TYR A C   
480 O O   . TYR A 60 ? 0.2961 0.2941 0.5380 0.0101  -0.0572 -0.0321 97  TYR A O   
481 C CB  . TYR A 60 ? 0.3461 0.3947 0.6493 0.0326  -0.0826 -0.0610 97  TYR A CB  
482 C CG  . TYR A 60 ? 0.3398 0.3948 0.5796 0.0404  -0.0789 -0.0313 97  TYR A CG  
483 C CD1 . TYR A 60 ? 0.3165 0.3501 0.5362 0.0254  -0.0596 -0.0016 97  TYR A CD1 
484 C CD2 . TYR A 60 ? 0.3601 0.4384 0.5630 0.0622  -0.0922 -0.0345 97  TYR A CD2 
485 C CE1 . TYR A 60 ? 0.3104 0.3523 0.4787 0.0331  -0.0519 0.0178  97  TYR A CE1 
486 C CE2 . TYR A 60 ? 0.3567 0.4364 0.5080 0.0708  -0.0829 -0.0072 97  TYR A CE2 
487 C CZ  . TYR A 60 ? 0.3315 0.3978 0.4653 0.0593  -0.0615 0.0155  97  TYR A CZ  
488 O OH  . TYR A 60 ? 0.3234 0.3941 0.4104 0.0710  -0.0493 0.0320  97  TYR A OH  
489 N N   . PHE A 61 ? 0.3592 0.3903 0.6769 0.0292  -0.0834 -0.0974 98  PHE A N   
490 C CA  . PHE A 61 ? 0.3622 0.3996 0.6558 0.0364  -0.0900 -0.1066 98  PHE A CA  
491 C C   . PHE A 61 ? 0.3366 0.3284 0.6290 0.0147  -0.0669 -0.0899 98  PHE A C   
492 O O   . PHE A 61 ? 0.3221 0.3129 0.5744 0.0129  -0.0647 -0.0753 98  PHE A O   
493 C CB  . PHE A 61 ? 0.3964 0.4658 0.7301 0.0514  -0.1099 -0.1546 98  PHE A CB  
494 C CG  . PHE A 61 ? 0.4007 0.4714 0.7189 0.0576  -0.1143 -0.1691 98  PHE A CG  
495 C CD1 . PHE A 61 ? 0.4139 0.5007 0.6728 0.0770  -0.1293 -0.1626 98  PHE A CD1 
496 C CD2 . PHE A 61 ? 0.3977 0.4507 0.7608 0.0484  -0.1006 -0.1891 98  PHE A CD2 
497 C CE1 . PHE A 61 ? 0.4223 0.5095 0.6650 0.0844  -0.1334 -0.1765 98  PHE A CE1 
498 C CE2 . PHE A 61 ? 0.4031 0.4602 0.7547 0.0557  -0.1038 -0.2033 98  PHE A CE2 
499 C CZ  . PHE A 61 ? 0.4138 0.4891 0.7044 0.0722  -0.1221 -0.1976 98  PHE A CZ  
500 N N   . GLN A 62 ? 0.4301 0.3804 0.7648 0.0026  -0.0483 -0.0907 99  GLN A N   
501 C CA  . GLN A 62 ? 0.3954 0.2904 0.7259 0.0070  -0.0213 -0.0697 99  GLN A CA  
502 C C   . GLN A 62 ? 0.3636 0.3641 0.6435 0.0003  -0.0069 -0.0129 99  GLN A C   
503 O O   . GLN A 62 ? 0.3322 0.3321 0.5824 0.0000  0.0056  0.0015  99  GLN A O   
504 C CB  . GLN A 62 ? 0.2496 0.3947 0.7778 -0.0026 -0.0098 -0.0648 99  GLN A CB  
505 C CG  . GLN A 62 ? 0.3993 0.3068 0.8477 0.0300  -0.0080 -0.1351 99  GLN A CG  
506 C CD  . GLN A 62 ? 0.3810 0.2937 0.8187 0.0402  -0.0027 -0.1403 99  GLN A CD  
507 O OE1 . GLN A 62 ? 0.3618 0.2443 0.7584 0.0021  0.0062  -0.1079 99  GLN A OE1 
508 N NE2 . GLN A 62 ? 0.4047 0.3652 0.8623 0.0415  -0.0211 -0.1762 99  GLN A NE2 
509 N N   . ALA A 63 ? 0.4933 0.4070 0.7636 0.0129  -0.0094 -0.0022 100 ALA A N   
510 C CA  . ALA A 63 ? 0.4585 0.3882 0.6836 0.0095  0.0026  0.0311  100 ALA A CA  
511 C C   . ALA A 63 ? 0.3998 0.4632 0.6282 -0.0063 0.0044  0.0327  100 ALA A C   
512 O O   . ALA A 63 ? 0.4509 0.4614 0.5892 0.0032  0.0113  0.0399  100 ALA A O   
513 C CB  . ALA A 63 ? 0.4639 0.3905 0.7014 0.0101  0.0021  0.0376  100 ALA A CB  
514 N N   . LEU A 64 ? 0.2644 0.3219 0.4867 -0.0100 -0.0137 0.0242  101 LEU A N   
515 C CA  . LEU A 64 ? 0.2674 0.3174 0.4327 -0.0082 -0.0089 0.0319  101 LEU A CA  
516 C C   . LEU A 64 ? 0.2574 0.3041 0.3904 -0.0026 0.0056  0.0336  101 LEU A C   
517 O O   . LEU A 64 ? 0.2850 0.2546 0.3984 0.0056  0.0024  0.0380  101 LEU A O   
518 C CB  . LEU A 64 ? 0.3320 0.3405 0.4431 0.0163  -0.0317 0.0143  101 LEU A CB  
519 C CG  . LEU A 64 ? 0.3565 0.3831 0.4687 0.0369  -0.0462 0.0083  101 LEU A CG  
520 C CD1 . LEU A 64 ? 0.3977 0.4468 0.5051 0.0644  -0.0719 -0.0117 101 LEU A CD1 
521 C CD2 . LEU A 64 ? 0.3441 0.3720 0.4217 0.0382  -0.0319 0.0258  101 LEU A CD2 
522 N N   . ALA A 65 ? 0.3422 0.3366 0.4017 0.0086  0.0085  0.0458  102 ALA A N   
523 C CA  . ALA A 65 ? 0.3417 0.3373 0.3845 0.0113  0.0124  0.0396  102 ALA A CA  
524 C C   . ALA A 65 ? 0.3244 0.3572 0.3881 0.0071  0.0190  0.0275  102 ALA A C   
525 O O   . ALA A 65 ? 0.3598 0.3769 0.4127 0.0027  0.0113  0.0303  102 ALA A O   
526 C CB  . ALA A 65 ? 0.3224 0.3553 0.3690 0.0127  0.0239  0.0280  102 ALA A CB  
527 N N   . LYS A 66 ? 0.5630 0.5891 0.6179 0.0085  0.0219  0.0239  103 LYS A N   
528 C CA  . LYS A 66 ? 0.5690 0.5919 0.6201 0.0082  0.0216  0.0217  103 LYS A CA  
529 C C   . LYS A 66 ? 0.5816 0.5962 0.5905 0.0202  0.0274  0.0186  103 LYS A C   
530 O O   . LYS A 66 ? 0.6313 0.6226 0.6052 0.0301  0.0136  0.0133  103 LYS A O   
531 C CB  . LYS A 66 ? 0.5703 0.5892 0.6248 0.0086  0.0263  0.0197  103 LYS A CB  
532 C CG  . LYS A 66 ? 0.5910 0.5613 0.6627 0.0084  0.0223  0.0277  103 LYS A CG  
533 C CD  . LYS A 66 ? 0.5948 0.5547 0.6737 0.0081  0.0303  0.0246  103 LYS A CD  
534 C CE  . LYS A 66 ? 0.5979 0.6346 0.7674 0.0015  0.0517  0.0144  103 LYS A CE  
535 N NZ  . LYS A 66 ? 0.6079 0.5365 0.7470 0.0065  0.0491  0.0106  103 LYS A NZ  
536 N N   . ASP A 67 ? 0.3942 0.3860 0.3866 0.0279  0.0164  0.0306  104 ASP A N   
537 C CA  . ASP A 67 ? 0.3978 0.4040 0.3641 0.0433  0.0372  0.0167  104 ASP A CA  
538 C C   . ASP A 67 ? 0.4039 0.4114 0.3425 0.0610  0.0390  0.0132  104 ASP A C   
539 O O   . ASP A 67 ? 0.4741 0.4683 0.4060 0.0725  0.0234  0.0225  104 ASP A O   
540 C CB  . ASP A 67 ? 0.4287 0.4358 0.4044 0.0411  0.0409  0.0201  104 ASP A CB  
541 C CG  . ASP A 67 ? 0.4010 0.4032 0.3923 0.0313  0.0256  0.0265  104 ASP A CG  
542 O OD1 . ASP A 67 ? 0.4165 0.4113 0.4123 0.0307  0.0184  0.0368  104 ASP A OD1 
543 O OD2 . ASP A 67 ? 0.4049 0.4058 0.3946 0.0343  0.0283  0.0287  104 ASP A OD2 
544 N N   . THR A 68 ? 0.2975 0.3046 0.2460 0.0545  0.0233  0.0150  105 THR A N   
545 C CA  . THR A 68 ? 0.3104 0.3142 0.2490 0.0705  0.0040  0.0132  105 THR A CA  
546 C C   . THR A 68 ? 0.3620 0.3576 0.2671 0.1004  -0.0157 -0.0023 105 THR A C   
547 O O   . THR A 68 ? 0.3828 0.3751 0.2905 0.1053  -0.0351 -0.0159 105 THR A O   
548 C CB  . THR A 68 ? 0.3281 0.3349 0.3086 0.0590  -0.0189 0.0171  105 THR A CB  
549 O OG1 . THR A 68 ? 0.2809 0.2961 0.2855 0.0352  0.0020  0.0285  105 THR A OG1 
550 C CG2 . THR A 68 ? 0.3704 0.3855 0.3424 0.0798  -0.0370 0.0109  105 THR A CG2 
551 N N   . MET A 69 ? 0.5509 0.5492 0.4309 0.1223  -0.0107 -0.0023 106 MET A N   
552 C CA  . MET A 69 ? 0.6050 0.6033 0.4551 0.1544  -0.0287 -0.0155 106 MET A CA  
553 C C   . MET A 69 ? 0.6699 0.6858 0.5281 0.1671  -0.0591 -0.0261 106 MET A C   
554 O O   . MET A 69 ? 0.6753 0.6980 0.5375 0.1674  -0.0586 -0.0173 106 MET A O   
555 C CB  . MET A 69 ? 0.6056 0.6007 0.4293 0.1743  -0.0101 -0.0080 106 MET A CB  
556 C CG  . MET A 69 ? 0.6760 0.6733 0.4666 0.2089  -0.0271 -0.0174 106 MET A CG  
557 S SD  . MET A 69 ? 0.6719 0.6611 0.4533 0.2178  -0.0353 -0.0322 106 MET A SD  
558 C CE  . MET A 69 ? 0.6082 0.5779 0.3946 0.2050  0.0026  -0.0189 106 MET A CE  
559 N N   . PHE A 70 ? 0.4943 0.5223 0.3609 0.1787  -0.0855 -0.0493 107 PHE A N   
560 C CA  . PHE A 70 ? 0.5264 0.5813 0.4111 0.1930  -0.1151 -0.0688 107 PHE A CA  
561 C C   . PHE A 70 ? 0.5930 0.6619 0.4408 0.2291  -0.1291 -0.0795 107 PHE A C   
562 O O   . PHE A 70 ? 0.6154 0.6715 0.4256 0.2439  -0.1159 -0.0705 107 PHE A O   
563 C CB  . PHE A 70 ? 0.5170 0.5895 0.4475 0.1859  -0.1365 -0.0974 107 PHE A CB  
564 C CG  . PHE A 70 ? 0.4580 0.5213 0.4342 0.1524  -0.1259 -0.0874 107 PHE A CG  
565 C CD1 . PHE A 70 ? 0.4417 0.5159 0.4566 0.1407  -0.1296 -0.0843 107 PHE A CD1 
566 C CD2 . PHE A 70 ? 0.4222 0.4664 0.4039 0.1338  -0.1113 -0.0802 107 PHE A CD2 
567 C CE1 . PHE A 70 ? 0.3926 0.4582 0.4515 0.1124  -0.1167 -0.0733 107 PHE A CE1 
568 C CE2 . PHE A 70 ? 0.3726 0.4095 0.3988 0.1045  -0.1001 -0.0685 107 PHE A CE2 
569 C CZ  . PHE A 70 ? 0.3591 0.4059 0.4239 0.0946  -0.1015 -0.0650 107 PHE A CZ  
570 N N   . MET A 71 ? 0.6369 0.7339 0.4994 0.2438  -0.1559 -0.0993 108 MET A N   
571 C CA  . MET A 71 ? 0.7058 0.8215 0.5354 0.2794  -0.1738 -0.1116 108 MET A CA  
572 C C   . MET A 71 ? 0.7339 0.8880 0.5981 0.2901  -0.2079 -0.1472 108 MET A C   
573 O O   . MET A 71 ? 0.7191 0.8843 0.6164 0.2798  -0.2150 -0.1497 108 MET A O   
574 C CB  . MET A 71 ? 0.7245 0.8299 0.5233 0.2891  -0.1609 -0.0866 108 MET A CB  
575 C CG  . MET A 71 ? 0.8003 0.9222 0.5597 0.3277  -0.1773 -0.0948 108 MET A CG  
576 S SD  . MET A 71 ? 0.8219 0.9191 0.5349 0.3398  -0.1492 -0.0606 108 MET A SD  
577 C CE  . MET A 71 ? 0.8991 1.0226 0.5881 0.3762  -0.1763 -0.0699 108 MET A CE  
578 N N   . VAL A 72 ? 0.7118 0.8889 0.5743 0.3099  -0.2287 -0.1776 109 VAL A N   
579 C CA  . VAL A 72 ? 0.7382 0.9559 0.6428 0.3181  -0.2600 -0.2177 109 VAL A CA  
580 C C   . VAL A 72 ? 0.8003 1.0387 0.6773 0.3489  -0.2782 -0.2236 109 VAL A C   
581 O O   . VAL A 72 ? 0.8452 1.0768 0.6670 0.3744  -0.2755 -0.2109 109 VAL A O   
582 C CB  . VAL A 72 ? 0.7642 1.0061 0.6848 0.3282  -0.2783 -0.2549 109 VAL A CB  
583 C CG1 . VAL A 72 ? 0.7070 0.9402 0.6771 0.2970  -0.2680 -0.2624 109 VAL A CG1 
584 C CG2 . VAL A 72 ? 0.8111 1.0459 0.6701 0.3554  -0.2765 -0.2470 109 VAL A CG2 
585 N N   . LEU A 73 ? 0.8246 1.0896 0.7425 0.3475  -0.2967 -0.2439 110 LEU A N   
586 C CA  . LEU A 73 ? 0.8896 1.1811 0.7872 0.3794  -0.3197 -0.2572 110 LEU A CA  
587 C C   . LEU A 73 ? 0.9308 1.2676 0.8647 0.3944  -0.3523 -0.3088 110 LEU A C   
588 O O   . LEU A 73 ? 0.9048 1.2607 0.9045 0.3755  -0.3606 -0.3362 110 LEU A O   
589 C CB  . LEU A 73 ? 0.8742 1.1644 0.7874 0.3713  -0.3175 -0.2418 110 LEU A CB  
590 C CG  . LEU A 73 ? 0.8815 1.1433 0.7423 0.3788  -0.2982 -0.2006 110 LEU A CG  
591 C CD1 . LEU A 73 ? 0.8890 1.1211 0.6954 0.3862  -0.2763 -0.1757 110 LEU A CD1 
592 C CD2 . LEU A 73 ? 0.8176 1.0599 0.7098 0.3464  -0.2787 -0.1763 110 LEU A CD2 
593 N N   . LEU A 74 ? 1.0439 1.3984 0.9353 0.4298  -0.3694 -0.3223 111 LEU A N   
594 C CA  . LEU A 74 ? 1.0924 1.4910 1.0106 0.4483  -0.4006 -0.3730 111 LEU A CA  
595 C C   . LEU A 74 ? 1.1398 1.5723 1.0698 0.4697  -0.4267 -0.3949 111 LEU A C   
596 O O   . LEU A 74 ? 1.1979 1.6348 1.0742 0.5022  -0.4356 -0.3860 111 LEU A O   
597 C CB  . LEU A 74 ? 1.1486 1.5499 1.0103 0.4783  -0.4065 -0.3771 111 LEU A CB  
598 C CG  . LEU A 74 ? 1.1894 1.5663 0.9691 0.5050  -0.3939 -0.3394 111 LEU A CG  
599 C CD1 . LEU A 74 ? 1.1963 1.5523 0.9343 0.5105  -0.3786 -0.3253 111 LEU A CD1 
600 C CD2 . LEU A 74 ? 1.1636 1.5084 0.9210 0.4962  -0.3714 -0.2953 111 LEU A CD2 
601 N N   . ALA A 75 ? 1.1677 1.6238 1.1700 0.4515  -0.4375 -0.4233 112 ALA A N   
602 C CA  . ALA A 75 ? 1.2207 1.7265 1.2605 0.4714  -0.4711 -0.4728 112 ALA A CA  
603 C C   . ALA A 75 ? 1.2928 1.8145 1.2792 0.5119  -0.4903 -0.4703 112 ALA A C   
604 O O   . ALA A 75 ? 1.3619 1.9085 1.3172 0.5462  -0.5121 -0.4942 112 ALA A O   
605 C CB  . ALA A 75 ? 1.2453 1.7794 1.3145 0.4766  -0.4873 -0.5183 112 ALA A CB  
606 N N   . GLY A 76 ? 1.4388 1.9429 1.4117 0.5078  -0.4801 -0.4381 113 GLY A N   
607 C CA  . GLY A 76 ? 1.4943 1.9954 1.4042 0.5408  -0.4860 -0.4172 113 GLY A CA  
608 C C   . GLY A 76 ? 1.4417 1.9053 1.3439 0.5182  -0.4590 -0.3696 113 GLY A C   
609 O O   . GLY A 76 ? 1.3939 1.8597 1.3515 0.4916  -0.4551 -0.3714 113 GLY A O   
610 N N   . ALA A 77 ? 1.2852 1.7158 1.1202 0.5302  -0.4400 -0.3286 114 ALA A N   
611 C CA  . ALA A 77 ? 1.2464 1.6401 1.0648 0.5135  -0.4132 -0.2822 114 ALA A CA  
612 C C   . ALA A 77 ? 1.1797 1.5278 0.9878 0.4823  -0.3760 -0.2447 114 ALA A C   
613 O O   . ALA A 77 ? 1.1614 1.5007 0.9680 0.4735  -0.3678 -0.2492 114 ALA A O   
614 C CB  . ALA A 77 ? 1.3110 1.7010 1.0702 0.5478  -0.4167 -0.2625 114 ALA A CB  
615 N N   . LYS A 78 ? 1.1783 1.4992 0.9757 0.4698  -0.3550 -0.2082 115 LYS A N   
616 C CA  . LYS A 78 ? 1.1052 1.3893 0.9137 0.4342  -0.3222 -0.1747 115 LYS A CA  
617 C C   . LYS A 78 ? 1.0924 1.3382 0.8556 0.4299  -0.2914 -0.1423 115 LYS A C   
618 O O   . LYS A 78 ? 1.1421 1.3870 0.8604 0.4556  -0.2934 -0.1431 115 LYS A O   
619 C CB  . LYS A 78 ? 1.0937 1.3727 0.9124 0.4280  -0.3175 -0.1549 115 LYS A CB  
620 C CG  . LYS A 78 ? 1.1656 1.4516 0.9390 0.4642  -0.3286 -0.1481 115 LYS A CG  
621 C CD  . LYS A 78 ? 1.2119 1.4820 0.9232 0.4883  -0.3190 -0.1349 115 LYS A CD  
622 C CE  . LYS A 78 ? 1.2761 1.5437 0.9415 0.5196  -0.3216 -0.1176 115 LYS A CE  
623 N NZ  . LYS A 78 ? 1.3035 1.5997 0.9905 0.5328  -0.3477 -0.1335 115 LYS A NZ  
624 N N   . TRP A 79 ? 1.2240 1.4404 1.0036 0.3966  -0.2632 -0.1157 116 TRP A N   
625 C CA  . TRP A 79 ? 1.1969 1.3771 0.9480 0.3844  -0.2299 -0.0858 116 TRP A CA  
626 C C   . TRP A 79 ? 1.2386 1.4037 0.9427 0.4050  -0.2166 -0.0608 116 TRP A C   
627 O O   . TRP A 79 ? 1.2609 1.4324 0.9628 0.4147  -0.2234 -0.0544 116 TRP A O   
628 C CB  . TRP A 79 ? 1.1135 1.2722 0.9025 0.3424  -0.2058 -0.0683 116 TRP A CB  
629 C CG  . TRP A 79 ? 1.0858 1.2139 0.8579 0.3286  -0.1725 -0.0343 116 TRP A CG  
630 C CD1 . TRP A 79 ? 1.0862 1.2098 0.8582 0.3275  -0.1654 -0.0169 116 TRP A CD1 
631 C CD2 . TRP A 79 ? 1.0588 1.1617 0.8151 0.3168  -0.1437 -0.0183 116 TRP A CD2 
632 N NE1 . TRP A 79 ? 1.0601 1.1591 0.8203 0.3147  -0.1342 0.0069  116 TRP A NE1 
633 C CE2 . TRP A 79 ? 1.0425 1.1294 0.7940 0.3080  -0.1201 0.0058  116 TRP A CE2 
634 C CE3 . TRP A 79 ? 1.0468 1.1410 0.7961 0.3129  -0.1360 -0.0239 116 TRP A CE3 
635 C CZ2 . TRP A 79 ? 1.0151 1.0817 0.7585 0.2965  -0.0895 0.0216  116 TRP A CZ2 
636 C CZ3 . TRP A 79 ? 1.0198 1.0911 0.7587 0.3014  -0.1056 -0.0059 116 TRP A CZ3 
637 C CH2 . TRP A 79 ? 1.0039 1.0633 0.7417 0.2935  -0.0826 0.0152  116 TRP A CH2 
638 N N   . LYS A 80 ? 1.1209 1.2649 0.7920 0.4096  -0.1955 -0.0460 117 LYS A N   
639 C CA  . LYS A 80 ? 1.1518 1.2780 0.7856 0.4241  -0.1764 -0.0201 117 LYS A CA  
640 C C   . LYS A 80 ? 1.1043 1.2012 0.7384 0.4018  -0.1401 0.0013  117 LYS A C   
641 O O   . LYS A 80 ? 1.0818 1.1728 0.7194 0.3929  -0.1336 -0.0052 117 LYS A O   
642 C CB  . LYS A 80 ? 1.2387 1.3769 0.8233 0.4670  -0.1920 -0.0271 117 LYS A CB  
643 C CG  . LYS A 80 ? 1.2670 1.4292 0.8490 0.4827  -0.2179 -0.0587 117 LYS A CG  
644 C CD  . LYS A 80 ? 1.3301 1.4898 0.8609 0.5144  -0.2159 -0.0568 117 LYS A CD  
645 C CE  . LYS A 80 ? 1.4018 1.5967 0.9135 0.5500  -0.2520 -0.0884 117 LYS A CE  
646 N NZ  . LYS A 80 ? 1.4415 1.6397 0.9212 0.5705  -0.2543 -0.0979 117 LYS A NZ  
647 N N   . PRO A 81 ? 1.2157 1.2971 0.8479 0.3946  -0.1178 0.0246  118 PRO A N   
648 C CA  . PRO A 81 ? 1.1703 1.2294 0.8102 0.3739  -0.0832 0.0422  118 PRO A CA  
649 C C   . PRO A 81 ? 1.2041 1.2534 0.8113 0.3926  -0.0714 0.0461  118 PRO A C   
650 O O   . PRO A 81 ? 1.1868 1.2206 0.7941 0.3857  -0.0438 0.0616  118 PRO A O   
651 C CB  . PRO A 81 ? 1.1762 1.2295 0.8156 0.3744  -0.0705 0.0618  118 PRO A CB  
652 C CG  . PRO A 81 ? 1.1945 1.2642 0.8423 0.3808  -0.0967 0.0543  118 PRO A CG  
653 C CD  . PRO A 81 ? 1.2453 1.3329 0.8731 0.4063  -0.1262 0.0332  118 PRO A CD  
654 I I   . IOD B .  ? 0.1043 0.0944 0.0930 0.0215  0.0341  0.0122  201 IOD A I   
655 I I   . IOD C .  ? 0.5015 0.6778 1.0266 0.0504  -0.0815 -0.3149 202 IOD A I   
656 I I   . IOD D .  ? 0.5927 0.7383 0.8238 0.1132  -0.1544 -0.3131 203 IOD A I   
657 I I   . IOD E .  ? 1.1647 1.3630 0.7630 0.4587  -0.2556 -0.2484 204 IOD A I   
658 I I   . IOD F .  ? 0.7823 0.8934 1.2447 0.0056  -0.0156 -0.2388 205 IOD A I   
659 O O   . HOH G .  ? 0.5991 0.6224 0.4787 0.1420  -0.0180 0.0163  301 HOH A O   
660 O O   . HOH G .  ? 0.3470 0.3368 0.3135 0.0743  -0.0458 -0.0196 302 HOH A O   
661 O O   . HOH G .  ? 0.7145 0.9955 1.0036 0.1917  -0.2637 -0.2819 303 HOH A O   
662 O O   . HOH G .  ? 0.4031 0.3614 0.3028 0.0542  0.0041  -0.0072 304 HOH A O   
663 O O   . HOH G .  ? 0.5428 0.5516 0.4256 0.1088  0.0641  0.0185  305 HOH A O   
664 O O   . HOH G .  ? 0.4516 0.4892 0.3885 0.0911  0.0244  0.0343  306 HOH A O   
665 O O   . HOH G .  ? 0.5748 0.5996 0.4476 0.1925  -0.1264 -0.1485 307 HOH A O   
666 O O   . HOH G .  ? 0.3604 0.3736 0.3807 0.0151  0.0262  0.0180  308 HOH A O   
667 O O   . HOH G .  ? 0.3995 0.4523 0.4061 0.0337  0.0407  0.0411  309 HOH A O   
668 O O   . HOH G .  ? 0.6688 1.0695 1.0935 0.2247  -0.3150 -0.5937 310 HOH A O   
669 O O   . HOH G .  ? 0.3903 0.3723 0.4335 0.0128  0.0208  0.0338  311 HOH A O   
670 O O   . HOH G .  ? 0.6384 0.6177 0.6386 0.0185  0.0197  0.0240  312 HOH A O   
671 O O   . HOH G .  ? 0.7508 1.2029 1.2524 0.2387  -0.3420 -0.6437 313 HOH A O   
672 O O   . HOH G .  ? 0.5200 0.8498 0.8020 0.2284  -0.3005 -0.2977 314 HOH A O   
673 O O   . HOH G .  ? 1.1555 1.4340 0.7281 0.5587  -0.3241 -0.2057 315 HOH A O   
674 O O   . HOH G .  ? 1.1590 1.3782 0.6200 0.5907  -0.2722 -0.1338 316 HOH A O   
675 O O   . HOH G .  ? 0.4584 0.3304 0.8424 0.0063  0.0177  -0.0167 317 HOH A O   
676 O O   . HOH G .  ? 0.8612 1.3734 1.5107 0.2302  -0.3589 -0.7309 318 HOH A O   
677 O O   . HOH G .  ? 0.7282 0.6946 0.4913 0.2608  0.0859  0.0291  319 HOH A O   
678 O O   . HOH G .  ? 0.5074 0.5297 0.4071 0.1141  0.0398  0.0200  320 HOH A O   
679 O O   . HOH G .  ? 0.3212 0.4970 1.0368 0.0439  -0.1190 -0.3197 321 HOH A O   
680 O O   . HOH G .  ? 0.5781 0.7153 1.4047 0.0290  -0.0662 -0.3489 322 HOH A O   
681 O O   . HOH G .  ? 1.0824 1.6056 1.0899 0.4714  -0.4683 -0.6243 323 HOH A O   
682 O O   . HOH G .  ? 0.6926 0.8560 1.1354 0.0499  -0.1037 -0.3466 324 HOH A O   
683 O O   . HOH G .  ? 0.5999 0.7341 0.6294 0.1962  -0.1873 -0.2702 325 HOH A O   
684 O O   . HOH G .  ? 1.6008 1.7967 0.8176 0.7185  -0.2379 -0.1184 326 HOH A O   
685 O O   . HOH G .  ? 0.7080 1.0406 1.1590 0.1738  -0.2780 -0.3703 327 HOH A O   
686 O O   . HOH G .  ? 0.6372 0.6370 0.6301 0.0278  0.0385  0.0180  328 HOH A O   
# 
